data_5QRL
# 
_entry.id   5QRL 
# 
_audit_conform.dict_name       mmcif_pdbx.dic 
_audit_conform.dict_version    5.387 
_audit_conform.dict_location   http://mmcif.pdb.org/dictionaries/ascii/mmcif_pdbx.dic 
# 
loop_
_database_2.database_id 
_database_2.database_code 
_database_2.pdbx_database_accession 
_database_2.pdbx_DOI 
PDB   5QRL         pdb_00005qrl 10.2210/pdb5qrl/pdb 
WWPDB D_1001402318 ?            ?                   
# 
loop_
_pdbx_audit_revision_history.ordinal 
_pdbx_audit_revision_history.data_content_type 
_pdbx_audit_revision_history.major_revision 
_pdbx_audit_revision_history.minor_revision 
_pdbx_audit_revision_history.revision_date 
1 'Structure model' 1 0 2019-07-10 
2 'Structure model' 1 1 2019-08-07 
3 'Structure model' 1 2 2024-03-06 
# 
_pdbx_audit_revision_details.ordinal             1 
_pdbx_audit_revision_details.revision_ordinal    1 
_pdbx_audit_revision_details.data_content_type   'Structure model' 
_pdbx_audit_revision_details.provider            repository 
_pdbx_audit_revision_details.type                'Initial release' 
_pdbx_audit_revision_details.description         ? 
_pdbx_audit_revision_details.details             ? 
# 
loop_
_pdbx_audit_revision_group.ordinal 
_pdbx_audit_revision_group.revision_ordinal 
_pdbx_audit_revision_group.data_content_type 
_pdbx_audit_revision_group.group 
1 2 'Structure model' 'Author supporting evidence' 
2 2 'Structure model' 'Data collection'            
3 2 'Structure model' 'Structure summary'          
4 3 'Structure model' 'Data collection'            
5 3 'Structure model' 'Database references'        
6 3 'Structure model' 'Derived calculations'       
# 
loop_
_pdbx_audit_revision_category.ordinal 
_pdbx_audit_revision_category.revision_ordinal 
_pdbx_audit_revision_category.data_content_type 
_pdbx_audit_revision_category.category 
1 2 'Structure model' pdbx_entity_instance_feature 
2 2 'Structure model' pdbx_entry_details           
3 3 'Structure model' chem_comp_atom               
4 3 'Structure model' chem_comp_bond               
5 3 'Structure model' database_2                   
6 3 'Structure model' pdbx_struct_conn_angle       
7 3 'Structure model' struct_conn                  
# 
loop_
_pdbx_audit_revision_item.ordinal 
_pdbx_audit_revision_item.revision_ordinal 
_pdbx_audit_revision_item.data_content_type 
_pdbx_audit_revision_item.item 
1  3 'Structure model' '_database_2.pdbx_DOI'                        
2  3 'Structure model' '_database_2.pdbx_database_accession'         
3  3 'Structure model' '_pdbx_struct_conn_angle.ptnr1_auth_comp_id'  
4  3 'Structure model' '_pdbx_struct_conn_angle.ptnr1_auth_seq_id'   
5  3 'Structure model' '_pdbx_struct_conn_angle.ptnr1_label_alt_id'  
6  3 'Structure model' '_pdbx_struct_conn_angle.ptnr1_label_asym_id' 
7  3 'Structure model' '_pdbx_struct_conn_angle.ptnr1_label_atom_id' 
8  3 'Structure model' '_pdbx_struct_conn_angle.ptnr1_label_comp_id' 
9  3 'Structure model' '_pdbx_struct_conn_angle.ptnr1_label_seq_id'  
10 3 'Structure model' '_pdbx_struct_conn_angle.ptnr1_symmetry'      
11 3 'Structure model' '_pdbx_struct_conn_angle.ptnr2_auth_seq_id'   
12 3 'Structure model' '_pdbx_struct_conn_angle.ptnr2_label_asym_id' 
13 3 'Structure model' '_pdbx_struct_conn_angle.ptnr3_auth_comp_id'  
14 3 'Structure model' '_pdbx_struct_conn_angle.ptnr3_auth_seq_id'   
15 3 'Structure model' '_pdbx_struct_conn_angle.ptnr3_label_alt_id'  
16 3 'Structure model' '_pdbx_struct_conn_angle.ptnr3_label_asym_id' 
17 3 'Structure model' '_pdbx_struct_conn_angle.ptnr3_label_atom_id' 
18 3 'Structure model' '_pdbx_struct_conn_angle.ptnr3_label_comp_id' 
19 3 'Structure model' '_pdbx_struct_conn_angle.ptnr3_label_seq_id'  
20 3 'Structure model' '_pdbx_struct_conn_angle.ptnr3_symmetry'      
21 3 'Structure model' '_pdbx_struct_conn_angle.value'               
22 3 'Structure model' '_struct_conn.pdbx_dist_value'                
23 3 'Structure model' '_struct_conn.pdbx_ptnr1_label_alt_id'        
24 3 'Structure model' '_struct_conn.ptnr1_auth_comp_id'             
25 3 'Structure model' '_struct_conn.ptnr1_auth_seq_id'              
26 3 'Structure model' '_struct_conn.ptnr1_label_asym_id'            
27 3 'Structure model' '_struct_conn.ptnr1_label_atom_id'            
28 3 'Structure model' '_struct_conn.ptnr1_label_comp_id'            
29 3 'Structure model' '_struct_conn.ptnr1_label_seq_id'             
30 3 'Structure model' '_struct_conn.ptnr2_auth_comp_id'             
31 3 'Structure model' '_struct_conn.ptnr2_auth_seq_id'              
32 3 'Structure model' '_struct_conn.ptnr2_label_asym_id'            
33 3 'Structure model' '_struct_conn.ptnr2_label_atom_id'            
34 3 'Structure model' '_struct_conn.ptnr2_label_comp_id'            
35 3 'Structure model' '_struct_conn.ptnr2_symmetry'                 
# 
_pdbx_database_status.entry_id                        5QRL 
_pdbx_database_status.status_code                     REL 
_pdbx_database_status.status_code_sf                  REL 
_pdbx_database_status.status_code_mr                  ? 
_pdbx_database_status.status_code_cs                  ? 
_pdbx_database_status.recvd_initial_deposition_date   2019-05-25 
_pdbx_database_status.deposit_site                    RCSB 
_pdbx_database_status.process_site                    RCSB 
_pdbx_database_status.SG_entry                        ? 
_pdbx_database_status.pdb_format_compatible           Y 
_pdbx_database_status.methods_development_category    ? 
_pdbx_database_status.status_code_nmr_data            ? 
# 
loop_
_audit_author.name 
_audit_author.pdbx_ordinal 
'Newman, J.A.'        1  
'Gavard, A.E.'        2  
'Fernandez-Cid, A.'   3  
'Sherestha, L.'       4  
'Burgess-Brown, N.A.' 5  
'von Delft, F.'       6  
'Arrowsmith, C.H.'    7  
'Edwards, A.'         8  
'Bountra, C.'         9  
'Gileadi, O.'         10 
# 
_citation.id                        primary 
_citation.title                     'PanDDA analysis group deposition' 
_citation.journal_abbrev            'To Be Published' 
_citation.journal_volume            ? 
_citation.page_first                ? 
_citation.page_last                 ? 
_citation.year                      ? 
_citation.journal_id_ASTM           ? 
_citation.country                   ? 
_citation.journal_id_ISSN           ? 
_citation.journal_id_CSD            0353 
_citation.book_publisher            ? 
_citation.pdbx_database_id_PubMed   ? 
_citation.pdbx_database_id_DOI      ? 
# 
loop_
_citation_author.citation_id 
_citation_author.name 
_citation_author.identifier_ORCID 
_citation_author.ordinal 
primary 'Newman, J.A.'        ? 1  
primary 'Gavard, A.E.'        ? 2  
primary 'Fernandez-Cid, A.'   ? 3  
primary 'Sherestha, L.'       ? 4  
primary 'Burgess-Brown, N.A.' ? 5  
primary 'von Delft, F.'       ? 6  
primary 'Arrowsmith, C.H.'    ? 7  
primary 'Edwards, A.'         ? 8  
primary 'Bountra, C.'         ? 9  
primary 'Gileadi, O.'         ? 10 
# 
loop_
_entity.id 
_entity.type 
_entity.src_method 
_entity.pdbx_description 
_entity.formula_weight 
_entity.pdbx_number_of_molecules 
_entity.pdbx_ec 
_entity.pdbx_mutation 
_entity.pdbx_fragment 
_entity.details 
1 polymer     man 'T-box transcription factor T'                           19597.586 1  ? ? ? ? 
2 non-polymer syn 'CADMIUM ION'                                            112.411   5  ? ? ? ? 
3 non-polymer syn 'N-[(6-methylpyridin-3-yl)methyl]cyclobutanecarboxamide' 204.268   1  ? ? ? ? 
4 water       nat water                                                    18.015    71 ? ? ? ? 
# 
_entity_name_com.entity_id   1 
_entity_name_com.name        'Brachyury protein,Protein T' 
# 
_entity_poly.entity_id                      1 
_entity_poly.type                           'polypeptide(L)' 
_entity_poly.nstd_linkage                   no 
_entity_poly.nstd_monomer                   no 
_entity_poly.pdbx_seq_one_letter_code       
;GELRVGLEESELWLRFKELTNEMIVTKNGRRMFPVLKVNVSGLDPNAMYSFLLDFVAADNHRWKYVNGEWVPGGKPEPQA
PSCVYIHPDSPNFGAHWMKAPVSFSKVKLTNKLNGGGQIMLNSLHKYEPRIHIVRVGGPQRMITSHCFPETQFIAVTAYQ
NEEITALKIKYN
;
_entity_poly.pdbx_seq_one_letter_code_can   
;GELRVGLEESELWLRFKELTNEMIVTKNGRRMFPVLKVNVSGLDPNAMYSFLLDFVAADNHRWKYVNGEWVPGGKPEPQA
PSCVYIHPDSPNFGAHWMKAPVSFSKVKLTNKLNGGGQIMLNSLHKYEPRIHIVRVGGPQRMITSHCFPETQFIAVTAYQ
NEEITALKIKYN
;
_entity_poly.pdbx_strand_id                 A 
_entity_poly.pdbx_target_identifier         ? 
# 
loop_
_pdbx_entity_nonpoly.entity_id 
_pdbx_entity_nonpoly.name 
_pdbx_entity_nonpoly.comp_id 
2 'CADMIUM ION'                                            CD  
3 'N-[(6-methylpyridin-3-yl)methyl]cyclobutanecarboxamide' NWY 
4 water                                                    HOH 
# 
loop_
_entity_poly_seq.entity_id 
_entity_poly_seq.num 
_entity_poly_seq.mon_id 
_entity_poly_seq.hetero 
1 1   GLY n 
1 2   GLU n 
1 3   LEU n 
1 4   ARG n 
1 5   VAL n 
1 6   GLY n 
1 7   LEU n 
1 8   GLU n 
1 9   GLU n 
1 10  SER n 
1 11  GLU n 
1 12  LEU n 
1 13  TRP n 
1 14  LEU n 
1 15  ARG n 
1 16  PHE n 
1 17  LYS n 
1 18  GLU n 
1 19  LEU n 
1 20  THR n 
1 21  ASN n 
1 22  GLU n 
1 23  MET n 
1 24  ILE n 
1 25  VAL n 
1 26  THR n 
1 27  LYS n 
1 28  ASN n 
1 29  GLY n 
1 30  ARG n 
1 31  ARG n 
1 32  MET n 
1 33  PHE n 
1 34  PRO n 
1 35  VAL n 
1 36  LEU n 
1 37  LYS n 
1 38  VAL n 
1 39  ASN n 
1 40  VAL n 
1 41  SER n 
1 42  GLY n 
1 43  LEU n 
1 44  ASP n 
1 45  PRO n 
1 46  ASN n 
1 47  ALA n 
1 48  MET n 
1 49  TYR n 
1 50  SER n 
1 51  PHE n 
1 52  LEU n 
1 53  LEU n 
1 54  ASP n 
1 55  PHE n 
1 56  VAL n 
1 57  ALA n 
1 58  ALA n 
1 59  ASP n 
1 60  ASN n 
1 61  HIS n 
1 62  ARG n 
1 63  TRP n 
1 64  LYS n 
1 65  TYR n 
1 66  VAL n 
1 67  ASN n 
1 68  GLY n 
1 69  GLU n 
1 70  TRP n 
1 71  VAL n 
1 72  PRO n 
1 73  GLY n 
1 74  GLY n 
1 75  LYS n 
1 76  PRO n 
1 77  GLU n 
1 78  PRO n 
1 79  GLN n 
1 80  ALA n 
1 81  PRO n 
1 82  SER n 
1 83  CYS n 
1 84  VAL n 
1 85  TYR n 
1 86  ILE n 
1 87  HIS n 
1 88  PRO n 
1 89  ASP n 
1 90  SER n 
1 91  PRO n 
1 92  ASN n 
1 93  PHE n 
1 94  GLY n 
1 95  ALA n 
1 96  HIS n 
1 97  TRP n 
1 98  MET n 
1 99  LYS n 
1 100 ALA n 
1 101 PRO n 
1 102 VAL n 
1 103 SER n 
1 104 PHE n 
1 105 SER n 
1 106 LYS n 
1 107 VAL n 
1 108 LYS n 
1 109 LEU n 
1 110 THR n 
1 111 ASN n 
1 112 LYS n 
1 113 LEU n 
1 114 ASN n 
1 115 GLY n 
1 116 GLY n 
1 117 GLY n 
1 118 GLN n 
1 119 ILE n 
1 120 MET n 
1 121 LEU n 
1 122 ASN n 
1 123 SER n 
1 124 LEU n 
1 125 HIS n 
1 126 LYS n 
1 127 TYR n 
1 128 GLU n 
1 129 PRO n 
1 130 ARG n 
1 131 ILE n 
1 132 HIS n 
1 133 ILE n 
1 134 VAL n 
1 135 ARG n 
1 136 VAL n 
1 137 GLY n 
1 138 GLY n 
1 139 PRO n 
1 140 GLN n 
1 141 ARG n 
1 142 MET n 
1 143 ILE n 
1 144 THR n 
1 145 SER n 
1 146 HIS n 
1 147 CYS n 
1 148 PHE n 
1 149 PRO n 
1 150 GLU n 
1 151 THR n 
1 152 GLN n 
1 153 PHE n 
1 154 ILE n 
1 155 ALA n 
1 156 VAL n 
1 157 THR n 
1 158 ALA n 
1 159 TYR n 
1 160 GLN n 
1 161 ASN n 
1 162 GLU n 
1 163 GLU n 
1 164 ILE n 
1 165 THR n 
1 166 ALA n 
1 167 LEU n 
1 168 LYS n 
1 169 ILE n 
1 170 LYS n 
1 171 TYR n 
1 172 ASN n 
# 
_entity_src_gen.entity_id                          1 
_entity_src_gen.pdbx_src_id                        1 
_entity_src_gen.pdbx_alt_source_flag               sample 
_entity_src_gen.pdbx_seq_type                      'Biological sequence' 
_entity_src_gen.pdbx_beg_seq_num                   1 
_entity_src_gen.pdbx_end_seq_num                   172 
_entity_src_gen.gene_src_common_name               Human 
_entity_src_gen.gene_src_genus                     ? 
_entity_src_gen.pdbx_gene_src_gene                 'TBXT, T' 
_entity_src_gen.gene_src_species                   ? 
_entity_src_gen.gene_src_strain                    ? 
_entity_src_gen.gene_src_tissue                    ? 
_entity_src_gen.gene_src_tissue_fraction           ? 
_entity_src_gen.gene_src_details                   ? 
_entity_src_gen.pdbx_gene_src_fragment             ? 
_entity_src_gen.pdbx_gene_src_scientific_name      'Homo sapiens' 
_entity_src_gen.pdbx_gene_src_ncbi_taxonomy_id     9606 
_entity_src_gen.pdbx_gene_src_variant              ? 
_entity_src_gen.pdbx_gene_src_cell_line            ? 
_entity_src_gen.pdbx_gene_src_atcc                 ? 
_entity_src_gen.pdbx_gene_src_organ                ? 
_entity_src_gen.pdbx_gene_src_organelle            ? 
_entity_src_gen.pdbx_gene_src_cell                 ? 
_entity_src_gen.pdbx_gene_src_cellular_location    ? 
_entity_src_gen.host_org_common_name               ? 
_entity_src_gen.pdbx_host_org_scientific_name      'Escherichia coli' 
_entity_src_gen.pdbx_host_org_ncbi_taxonomy_id     562 
_entity_src_gen.host_org_genus                     ? 
_entity_src_gen.pdbx_host_org_gene                 ? 
_entity_src_gen.pdbx_host_org_organ                ? 
_entity_src_gen.host_org_species                   ? 
_entity_src_gen.pdbx_host_org_tissue               ? 
_entity_src_gen.pdbx_host_org_tissue_fraction      ? 
_entity_src_gen.pdbx_host_org_strain               ? 
_entity_src_gen.pdbx_host_org_variant              ? 
_entity_src_gen.pdbx_host_org_cell_line            ? 
_entity_src_gen.pdbx_host_org_atcc                 ? 
_entity_src_gen.pdbx_host_org_culture_collection   ? 
_entity_src_gen.pdbx_host_org_cell                 ? 
_entity_src_gen.pdbx_host_org_organelle            ? 
_entity_src_gen.pdbx_host_org_cellular_location    ? 
_entity_src_gen.pdbx_host_org_vector_type          ? 
_entity_src_gen.pdbx_host_org_vector               ? 
_entity_src_gen.host_org_details                   ? 
_entity_src_gen.expression_system_id               ? 
_entity_src_gen.plasmid_name                       ? 
_entity_src_gen.plasmid_details                    ? 
_entity_src_gen.pdbx_description                   ? 
# 
loop_
_chem_comp.id 
_chem_comp.type 
_chem_comp.mon_nstd_flag 
_chem_comp.name 
_chem_comp.pdbx_synonyms 
_chem_comp.formula 
_chem_comp.formula_weight 
ALA 'L-peptide linking' y ALANINE                                                  ? 'C3 H7 N O2'     89.093  
ARG 'L-peptide linking' y ARGININE                                                 ? 'C6 H15 N4 O2 1' 175.209 
ASN 'L-peptide linking' y ASPARAGINE                                               ? 'C4 H8 N2 O3'    132.118 
ASP 'L-peptide linking' y 'ASPARTIC ACID'                                          ? 'C4 H7 N O4'     133.103 
CD  non-polymer         . 'CADMIUM ION'                                            ? 'Cd 2'           112.411 
CYS 'L-peptide linking' y CYSTEINE                                                 ? 'C3 H7 N O2 S'   121.158 
GLN 'L-peptide linking' y GLUTAMINE                                                ? 'C5 H10 N2 O3'   146.144 
GLU 'L-peptide linking' y 'GLUTAMIC ACID'                                          ? 'C5 H9 N O4'     147.129 
GLY 'peptide linking'   y GLYCINE                                                  ? 'C2 H5 N O2'     75.067  
HIS 'L-peptide linking' y HISTIDINE                                                ? 'C6 H10 N3 O2 1' 156.162 
HOH non-polymer         . WATER                                                    ? 'H2 O'           18.015  
ILE 'L-peptide linking' y ISOLEUCINE                                               ? 'C6 H13 N O2'    131.173 
LEU 'L-peptide linking' y LEUCINE                                                  ? 'C6 H13 N O2'    131.173 
LYS 'L-peptide linking' y LYSINE                                                   ? 'C6 H15 N2 O2 1' 147.195 
MET 'L-peptide linking' y METHIONINE                                               ? 'C5 H11 N O2 S'  149.211 
NWY non-polymer         . 'N-[(6-methylpyridin-3-yl)methyl]cyclobutanecarboxamide' ? 'C12 H16 N2 O'   204.268 
PHE 'L-peptide linking' y PHENYLALANINE                                            ? 'C9 H11 N O2'    165.189 
PRO 'L-peptide linking' y PROLINE                                                  ? 'C5 H9 N O2'     115.130 
SER 'L-peptide linking' y SERINE                                                   ? 'C3 H7 N O3'     105.093 
THR 'L-peptide linking' y THREONINE                                                ? 'C4 H9 N O3'     119.119 
TRP 'L-peptide linking' y TRYPTOPHAN                                               ? 'C11 H12 N2 O2'  204.225 
TYR 'L-peptide linking' y TYROSINE                                                 ? 'C9 H11 N O3'    181.189 
VAL 'L-peptide linking' y VALINE                                                   ? 'C5 H11 N O2'    117.146 
# 
loop_
_pdbx_poly_seq_scheme.asym_id 
_pdbx_poly_seq_scheme.entity_id 
_pdbx_poly_seq_scheme.seq_id 
_pdbx_poly_seq_scheme.mon_id 
_pdbx_poly_seq_scheme.ndb_seq_num 
_pdbx_poly_seq_scheme.pdb_seq_num 
_pdbx_poly_seq_scheme.auth_seq_num 
_pdbx_poly_seq_scheme.pdb_mon_id 
_pdbx_poly_seq_scheme.auth_mon_id 
_pdbx_poly_seq_scheme.pdb_strand_id 
_pdbx_poly_seq_scheme.pdb_ins_code 
_pdbx_poly_seq_scheme.hetero 
A 1 1   GLY 1   40  ?   ?   ?   A . n 
A 1 2   GLU 2   41  41  GLU GLU A . n 
A 1 3   LEU 3   42  42  LEU LEU A . n 
A 1 4   ARG 4   43  43  ARG ARG A . n 
A 1 5   VAL 5   44  44  VAL VAL A . n 
A 1 6   GLY 6   45  45  GLY GLY A . n 
A 1 7   LEU 7   46  46  LEU LEU A . n 
A 1 8   GLU 8   47  47  GLU GLU A . n 
A 1 9   GLU 9   48  48  GLU GLU A . n 
A 1 10  SER 10  49  49  SER SER A . n 
A 1 11  GLU 11  50  50  GLU GLU A . n 
A 1 12  LEU 12  51  51  LEU LEU A . n 
A 1 13  TRP 13  52  52  TRP TRP A . n 
A 1 14  LEU 14  53  53  LEU LEU A . n 
A 1 15  ARG 15  54  54  ARG ARG A . n 
A 1 16  PHE 16  55  55  PHE PHE A . n 
A 1 17  LYS 17  56  56  LYS LYS A . n 
A 1 18  GLU 18  57  57  GLU GLU A . n 
A 1 19  LEU 19  58  58  LEU LEU A . n 
A 1 20  THR 20  59  59  THR THR A . n 
A 1 21  ASN 21  60  60  ASN ASN A . n 
A 1 22  GLU 22  61  61  GLU GLU A . n 
A 1 23  MET 23  62  62  MET MET A . n 
A 1 24  ILE 24  63  63  ILE ILE A . n 
A 1 25  VAL 25  64  64  VAL VAL A . n 
A 1 26  THR 26  65  65  THR THR A . n 
A 1 27  LYS 27  66  66  LYS LYS A . n 
A 1 28  ASN 28  67  67  ASN ASN A . n 
A 1 29  GLY 29  68  68  GLY GLY A . n 
A 1 30  ARG 30  69  69  ARG ARG A . n 
A 1 31  ARG 31  70  70  ARG ARG A . n 
A 1 32  MET 32  71  71  MET MET A . n 
A 1 33  PHE 33  72  72  PHE PHE A . n 
A 1 34  PRO 34  73  73  PRO PRO A . n 
A 1 35  VAL 35  74  74  VAL VAL A . n 
A 1 36  LEU 36  75  75  LEU LEU A . n 
A 1 37  LYS 37  76  76  LYS LYS A . n 
A 1 38  VAL 38  77  77  VAL VAL A . n 
A 1 39  ASN 39  78  78  ASN ASN A . n 
A 1 40  VAL 40  79  79  VAL VAL A . n 
A 1 41  SER 41  80  80  SER SER A . n 
A 1 42  GLY 42  81  81  GLY GLY A . n 
A 1 43  LEU 43  82  82  LEU LEU A . n 
A 1 44  ASP 44  83  83  ASP ASP A . n 
A 1 45  PRO 45  84  84  PRO PRO A . n 
A 1 46  ASN 46  85  85  ASN ASN A . n 
A 1 47  ALA 47  86  86  ALA ALA A . n 
A 1 48  MET 48  87  87  MET MET A . n 
A 1 49  TYR 49  88  88  TYR TYR A . n 
A 1 50  SER 50  89  89  SER SER A . n 
A 1 51  PHE 51  90  90  PHE PHE A . n 
A 1 52  LEU 52  91  91  LEU LEU A . n 
A 1 53  LEU 53  92  92  LEU LEU A . n 
A 1 54  ASP 54  93  93  ASP ASP A . n 
A 1 55  PHE 55  94  94  PHE PHE A . n 
A 1 56  VAL 56  95  95  VAL VAL A . n 
A 1 57  ALA 57  96  96  ALA ALA A . n 
A 1 58  ALA 58  97  97  ALA ALA A . n 
A 1 59  ASP 59  98  98  ASP ASP A . n 
A 1 60  ASN 60  99  99  ASN ASN A . n 
A 1 61  HIS 61  100 100 HIS HIS A . n 
A 1 62  ARG 62  101 101 ARG ARG A . n 
A 1 63  TRP 63  102 102 TRP TRP A . n 
A 1 64  LYS 64  103 103 LYS LYS A . n 
A 1 65  TYR 65  104 104 TYR TYR A . n 
A 1 66  VAL 66  105 105 VAL VAL A . n 
A 1 67  ASN 67  106 106 ASN ASN A . n 
A 1 68  GLY 68  107 107 GLY GLY A . n 
A 1 69  GLU 69  108 108 GLU GLU A . n 
A 1 70  TRP 70  109 109 TRP TRP A . n 
A 1 71  VAL 71  110 110 VAL VAL A . n 
A 1 72  PRO 72  111 111 PRO PRO A . n 
A 1 73  GLY 73  112 112 GLY GLY A . n 
A 1 74  GLY 74  113 113 GLY GLY A . n 
A 1 75  LYS 75  114 114 LYS LYS A . n 
A 1 76  PRO 76  115 115 PRO PRO A . n 
A 1 77  GLU 77  116 116 GLU GLU A . n 
A 1 78  PRO 78  117 117 PRO PRO A . n 
A 1 79  GLN 79  118 118 GLN GLN A . n 
A 1 80  ALA 80  119 119 ALA ALA A . n 
A 1 81  PRO 81  120 120 PRO PRO A . n 
A 1 82  SER 82  121 121 SER SER A . n 
A 1 83  CYS 83  122 122 CYS CYS A . n 
A 1 84  VAL 84  123 123 VAL VAL A . n 
A 1 85  TYR 85  124 124 TYR TYR A . n 
A 1 86  ILE 86  125 125 ILE ILE A . n 
A 1 87  HIS 87  126 126 HIS HIS A . n 
A 1 88  PRO 88  127 127 PRO PRO A . n 
A 1 89  ASP 89  128 128 ASP ASP A . n 
A 1 90  SER 90  129 129 SER SER A . n 
A 1 91  PRO 91  130 130 PRO PRO A . n 
A 1 92  ASN 92  131 131 ASN ASN A . n 
A 1 93  PHE 93  132 132 PHE PHE A . n 
A 1 94  GLY 94  133 133 GLY GLY A . n 
A 1 95  ALA 95  134 134 ALA ALA A . n 
A 1 96  HIS 96  135 135 HIS HIS A . n 
A 1 97  TRP 97  136 136 TRP TRP A . n 
A 1 98  MET 98  137 137 MET MET A . n 
A 1 99  LYS 99  138 138 LYS LYS A . n 
A 1 100 ALA 100 139 139 ALA ALA A . n 
A 1 101 PRO 101 140 140 PRO PRO A . n 
A 1 102 VAL 102 141 141 VAL VAL A . n 
A 1 103 SER 103 142 142 SER SER A . n 
A 1 104 PHE 104 143 143 PHE PHE A . n 
A 1 105 SER 105 144 144 SER SER A . n 
A 1 106 LYS 106 145 145 LYS LYS A . n 
A 1 107 VAL 107 146 146 VAL VAL A . n 
A 1 108 LYS 108 147 147 LYS LYS A . n 
A 1 109 LEU 109 148 148 LEU LEU A . n 
A 1 110 THR 110 149 149 THR THR A . n 
A 1 111 ASN 111 150 150 ASN ASN A . n 
A 1 112 LYS 112 151 151 LYS LYS A . n 
A 1 113 LEU 113 152 152 LEU LEU A . n 
A 1 114 ASN 114 153 153 ASN ASN A . n 
A 1 115 GLY 115 154 154 GLY GLY A . n 
A 1 116 GLY 116 155 155 GLY GLY A . n 
A 1 117 GLY 117 156 156 GLY GLY A . n 
A 1 118 GLN 118 157 157 GLN GLN A . n 
A 1 119 ILE 119 158 158 ILE ILE A . n 
A 1 120 MET 120 159 159 MET MET A . n 
A 1 121 LEU 121 160 160 LEU LEU A . n 
A 1 122 ASN 122 161 161 ASN ASN A . n 
A 1 123 SER 123 162 162 SER SER A . n 
A 1 124 LEU 124 163 163 LEU LEU A . n 
A 1 125 HIS 125 164 164 HIS HIS A . n 
A 1 126 LYS 126 165 165 LYS LYS A . n 
A 1 127 TYR 127 166 166 TYR TYR A . n 
A 1 128 GLU 128 167 167 GLU GLU A . n 
A 1 129 PRO 129 168 168 PRO PRO A . n 
A 1 130 ARG 130 169 169 ARG ARG A . n 
A 1 131 ILE 131 170 170 ILE ILE A . n 
A 1 132 HIS 132 171 171 HIS HIS A . n 
A 1 133 ILE 133 172 172 ILE ILE A . n 
A 1 134 VAL 134 173 173 VAL VAL A . n 
A 1 135 ARG 135 174 174 ARG ARG A . n 
A 1 136 VAL 136 175 175 VAL VAL A . n 
A 1 137 GLY 137 176 176 GLY GLY A . n 
A 1 138 GLY 138 177 177 GLY GLY A . n 
A 1 139 PRO 139 178 178 PRO PRO A . n 
A 1 140 GLN 140 179 179 GLN GLN A . n 
A 1 141 ARG 141 180 180 ARG ARG A . n 
A 1 142 MET 142 181 181 MET MET A . n 
A 1 143 ILE 143 182 182 ILE ILE A . n 
A 1 144 THR 144 183 183 THR THR A . n 
A 1 145 SER 145 184 184 SER SER A . n 
A 1 146 HIS 146 185 185 HIS HIS A . n 
A 1 147 CYS 147 186 186 CYS CYS A . n 
A 1 148 PHE 148 187 187 PHE PHE A . n 
A 1 149 PRO 149 188 188 PRO PRO A . n 
A 1 150 GLU 150 189 189 GLU GLU A . n 
A 1 151 THR 151 190 190 THR THR A . n 
A 1 152 GLN 152 191 191 GLN GLN A . n 
A 1 153 PHE 153 192 192 PHE PHE A . n 
A 1 154 ILE 154 193 193 ILE ILE A . n 
A 1 155 ALA 155 194 194 ALA ALA A . n 
A 1 156 VAL 156 195 195 VAL VAL A . n 
A 1 157 THR 157 196 196 THR THR A . n 
A 1 158 ALA 158 197 197 ALA ALA A . n 
A 1 159 TYR 159 198 198 TYR TYR A . n 
A 1 160 GLN 160 199 199 GLN GLN A . n 
A 1 161 ASN 161 200 200 ASN ASN A . n 
A 1 162 GLU 162 201 201 GLU GLU A . n 
A 1 163 GLU 163 202 202 GLU GLU A . n 
A 1 164 ILE 164 203 203 ILE ILE A . n 
A 1 165 THR 165 204 204 THR THR A . n 
A 1 166 ALA 166 205 205 ALA ALA A . n 
A 1 167 LEU 167 206 206 LEU LEU A . n 
A 1 168 LYS 168 207 207 LYS LYS A . n 
A 1 169 ILE 169 208 208 ILE ILE A . n 
A 1 170 LYS 170 209 209 LYS LYS A . n 
A 1 171 TYR 171 210 210 TYR TYR A . n 
A 1 172 ASN 172 211 211 ASN ASN A . n 
# 
loop_
_pdbx_nonpoly_scheme.asym_id 
_pdbx_nonpoly_scheme.entity_id 
_pdbx_nonpoly_scheme.mon_id 
_pdbx_nonpoly_scheme.ndb_seq_num 
_pdbx_nonpoly_scheme.pdb_seq_num 
_pdbx_nonpoly_scheme.auth_seq_num 
_pdbx_nonpoly_scheme.pdb_mon_id 
_pdbx_nonpoly_scheme.auth_mon_id 
_pdbx_nonpoly_scheme.pdb_strand_id 
_pdbx_nonpoly_scheme.pdb_ins_code 
B 2 CD  1  301 1  CD  CD  A . 
C 2 CD  1  302 2  CD  CD  A . 
D 2 CD  1  303 3  CD  CD  A . 
E 2 CD  1  304 4  CD  CD  A . 
F 2 CD  1  305 5  CD  CD  A . 
G 3 NWY 1  306 1  NWY LIG A . 
H 4 HOH 1  401 61 HOH HOH A . 
H 4 HOH 2  402 53 HOH HOH A . 
H 4 HOH 3  403 79 HOH HOH A . 
H 4 HOH 4  404 21 HOH HOH A . 
H 4 HOH 5  405 48 HOH HOH A . 
H 4 HOH 6  406 60 HOH HOH A . 
H 4 HOH 7  407 58 HOH HOH A . 
H 4 HOH 8  408 10 HOH HOH A . 
H 4 HOH 9  409 24 HOH HOH A . 
H 4 HOH 10 410 68 HOH HOH A . 
H 4 HOH 11 411 54 HOH HOH A . 
H 4 HOH 12 412 44 HOH HOH A . 
H 4 HOH 13 413 52 HOH HOH A . 
H 4 HOH 14 414 41 HOH HOH A . 
H 4 HOH 15 415 70 HOH HOH A . 
H 4 HOH 16 416 16 HOH HOH A . 
H 4 HOH 17 417 14 HOH HOH A . 
H 4 HOH 18 418 4  HOH HOH A . 
H 4 HOH 19 419 50 HOH HOH A . 
H 4 HOH 20 420 51 HOH HOH A . 
H 4 HOH 21 421 71 HOH HOH A . 
H 4 HOH 22 422 52 HOH HOH A . 
H 4 HOH 23 423 45 HOH HOH A . 
H 4 HOH 24 424 31 HOH HOH A . 
H 4 HOH 25 425 17 HOH HOH A . 
H 4 HOH 26 426 67 HOH HOH A . 
H 4 HOH 27 427 33 HOH HOH A . 
H 4 HOH 28 428 47 HOH HOH A . 
H 4 HOH 29 429 1  HOH HOH A . 
H 4 HOH 30 430 30 HOH HOH A . 
H 4 HOH 31 431 6  HOH HOH A . 
H 4 HOH 32 432 56 HOH HOH A . 
H 4 HOH 33 433 49 HOH HOH A . 
H 4 HOH 34 434 69 HOH HOH A . 
H 4 HOH 35 435 45 HOH HOH A . 
H 4 HOH 36 436 75 HOH HOH A . 
H 4 HOH 37 437 1  HOH HOH A . 
H 4 HOH 38 438 73 HOH HOH A . 
H 4 HOH 39 439 8  HOH HOH A . 
H 4 HOH 40 440 57 HOH HOH A . 
H 4 HOH 41 441 18 HOH HOH A . 
H 4 HOH 42 442 66 HOH HOH A . 
H 4 HOH 43 443 55 HOH HOH A . 
H 4 HOH 44 444 63 HOH HOH A . 
H 4 HOH 45 445 14 HOH HOH A . 
H 4 HOH 46 446 8  HOH HOH A . 
H 4 HOH 47 447 28 HOH HOH A . 
H 4 HOH 48 448 64 HOH HOH A . 
H 4 HOH 49 449 32 HOH HOH A . 
H 4 HOH 50 450 23 HOH HOH A . 
H 4 HOH 51 451 46 HOH HOH A . 
H 4 HOH 52 452 2  HOH HOH A . 
H 4 HOH 53 453 12 HOH HOH A . 
H 4 HOH 54 454 4  HOH HOH A . 
H 4 HOH 55 455 11 HOH HOH A . 
H 4 HOH 56 456 15 HOH HOH A . 
H 4 HOH 57 457 77 HOH HOH A . 
H 4 HOH 58 458 65 HOH HOH A . 
H 4 HOH 59 459 6  HOH HOH A . 
H 4 HOH 60 460 7  HOH HOH A . 
H 4 HOH 61 461 72 HOH HOH A . 
H 4 HOH 62 462 3  HOH HOH A . 
H 4 HOH 63 463 5  HOH HOH A . 
H 4 HOH 64 464 3  HOH HOH A . 
H 4 HOH 65 465 62 HOH HOH A . 
H 4 HOH 66 466 10 HOH HOH A . 
H 4 HOH 67 467 78 HOH HOH A . 
H 4 HOH 68 468 43 HOH HOH A . 
H 4 HOH 69 469 16 HOH HOH A . 
H 4 HOH 70 470 17 HOH HOH A . 
H 4 HOH 71 471 18 HOH HOH A . 
# 
loop_
_pdbx_unobs_or_zero_occ_atoms.id 
_pdbx_unobs_or_zero_occ_atoms.PDB_model_num 
_pdbx_unobs_or_zero_occ_atoms.polymer_flag 
_pdbx_unobs_or_zero_occ_atoms.occupancy_flag 
_pdbx_unobs_or_zero_occ_atoms.auth_asym_id 
_pdbx_unobs_or_zero_occ_atoms.auth_comp_id 
_pdbx_unobs_or_zero_occ_atoms.auth_seq_id 
_pdbx_unobs_or_zero_occ_atoms.PDB_ins_code 
_pdbx_unobs_or_zero_occ_atoms.auth_atom_id 
_pdbx_unobs_or_zero_occ_atoms.label_alt_id 
_pdbx_unobs_or_zero_occ_atoms.label_asym_id 
_pdbx_unobs_or_zero_occ_atoms.label_comp_id 
_pdbx_unobs_or_zero_occ_atoms.label_seq_id 
_pdbx_unobs_or_zero_occ_atoms.label_atom_id 
1 1 Y 1 A ARG 43 ? CG  ? A ARG 4 CG  
2 1 Y 1 A ARG 43 ? CD  ? A ARG 4 CD  
3 1 Y 1 A ARG 43 ? NE  ? A ARG 4 NE  
4 1 Y 1 A ARG 43 ? CZ  ? A ARG 4 CZ  
5 1 Y 1 A ARG 43 ? NH1 ? A ARG 4 NH1 
6 1 Y 1 A ARG 43 ? NH2 ? A ARG 4 NH2 
# 
loop_
_software.pdbx_ordinal 
_software.name 
_software.version 
_software.date 
_software.type 
_software.contact_author 
_software.contact_author_email 
_software.classification 
_software.location 
_software.language 
_software.citation_id 
1 REFMAC      5.8.0238 ?               program 'Garib N. Murshudov' garib@ysbl.york.ac.uk    refinement        
http://www.ccp4.ac.uk/dist/html/refmac5.html        Fortran_77 ? 
2 Aimless     0.7.1    27/03/18        program 'Phil Evans'         ?                        'data scaling'    
http://www.mrc-lmb.cam.ac.uk/harry/pre/aimless.html ?          ? 
3 PDB_EXTRACT 3.23     'SEP. 23, 2016' package PDB                  deposit@deposit.rcsb.org 'data extraction' 
http://sw-tools.pdb.org/apps/PDB_EXTRACT/           C++        ? 
4 XDS         .        ?               program ?                    ?                        'data reduction'  ? ?          ? 
5 REFMAC      .        ?               program ?                    ?                        phasing           ? ?          ? 
# 
_cell.entry_id           5QRL 
_cell.length_a           60.104 
_cell.length_b           60.104 
_cell.length_c           110.242 
_cell.angle_alpha        90.000 
_cell.angle_beta         90.000 
_cell.angle_gamma        90.000 
_cell.Z_PDB              8 
_cell.pdbx_unique_axis   ? 
# 
_symmetry.entry_id                         5QRL 
_symmetry.Int_Tables_number                91 
_symmetry.space_group_name_H-M             'P 41 2 2' 
_symmetry.pdbx_full_space_group_name_H-M   ? 
_symmetry.cell_setting                     ? 
# 
_exptl.crystals_number   1 
_exptl.entry_id          5QRL 
_exptl.method            'X-RAY DIFFRACTION' 
# 
_exptl_crystal.id                    1 
_exptl_crystal.pdbx_mosaicity        0.000 
_exptl_crystal.pdbx_mosaicity_esd    ? 
_exptl_crystal.density_Matthews      2.54 
_exptl_crystal.density_diffrn        ? 
_exptl_crystal.density_meas          ? 
_exptl_crystal.density_meas_temp     ? 
_exptl_crystal.density_percent_sol   51.58 
_exptl_crystal.size_max              ? 
_exptl_crystal.size_mid              ? 
_exptl_crystal.size_min              ? 
_exptl_crystal.size_rad              ? 
_exptl_crystal.description           ? 
# 
_exptl_crystal_grow.crystal_id      1 
_exptl_crystal_grow.method          'VAPOR DIFFUSION, SITTING DROP' 
_exptl_crystal_grow.pH              4.5 
_exptl_crystal_grow.temp            298 
_exptl_crystal_grow.pdbx_details    '0.1 M CdCl, 0.1 M Acetate pH 4.5, 32% PEG 400' 
_exptl_crystal_grow.temp_details    ? 
_exptl_crystal_grow.pdbx_pH_range   ? 
# 
_diffrn.id                     1 
_diffrn.ambient_temp           100 
_diffrn.crystal_id             1 
_diffrn.ambient_temp_details   ? 
# 
_diffrn_detector.detector               PIXEL 
_diffrn_detector.type                   'DECTRIS PILATUS 6M' 
_diffrn_detector.pdbx_collection_date   2018-07-13 
_diffrn_detector.diffrn_id              1 
_diffrn_detector.details                ? 
# 
_diffrn_radiation.diffrn_id                        1 
_diffrn_radiation.wavelength_id                    1 
_diffrn_radiation.pdbx_diffrn_protocol             'SINGLE WAVELENGTH' 
_diffrn_radiation.pdbx_monochromatic_or_laue_m_l   M 
_diffrn_radiation.monochromator                    ? 
_diffrn_radiation.pdbx_scattering_type             x-ray 
# 
_diffrn_radiation_wavelength.id           1 
_diffrn_radiation_wavelength.wavelength   0.91587 
_diffrn_radiation_wavelength.wt           1.0 
# 
_diffrn_source.diffrn_id                   1 
_diffrn_source.source                      SYNCHROTRON 
_diffrn_source.type                        'DIAMOND BEAMLINE I04-1' 
_diffrn_source.pdbx_wavelength_list        0.91587 
_diffrn_source.pdbx_synchrotron_site       Diamond 
_diffrn_source.pdbx_synchrotron_beamline   I04-1 
_diffrn_source.pdbx_wavelength             ? 
# 
_reflns.entry_id                     5QRL 
_reflns.pdbx_diffrn_id               1 
_reflns.pdbx_ordinal                 1 
_reflns.observed_criterion_sigma_I   ? 
_reflns.observed_criterion_sigma_F   ? 
_reflns.d_resolution_low             55.120 
_reflns.d_resolution_high            1.760 
_reflns.number_obs                   20810 
_reflns.number_all                   ? 
_reflns.percent_possible_obs         100.000 
_reflns.pdbx_Rmerge_I_obs            0.079 
_reflns.pdbx_Rsym_value              ? 
_reflns.pdbx_netI_over_sigmaI        14.800 
_reflns.B_iso_Wilson_estimate        ? 
_reflns.pdbx_redundancy              12.200 
_reflns.pdbx_Rrim_I_all              0.083 
_reflns.pdbx_Rpim_I_all              0.024 
_reflns.pdbx_CC_half                 0.998 
_reflns.pdbx_netI_over_av_sigmaI     ? 
_reflns.pdbx_number_measured_all     254450 
_reflns.pdbx_scaling_rejects         951 
_reflns.pdbx_chi_squared             ? 
_reflns.Rmerge_F_all                 ? 
_reflns.Rmerge_F_obs                 ? 
_reflns.observed_criterion_F_max     ? 
_reflns.observed_criterion_F_min     ? 
_reflns.observed_criterion_I_max     ? 
_reflns.observed_criterion_I_min     ? 
_reflns.pdbx_d_res_high_opt          ? 
_reflns.pdbx_d_res_low_opt           ? 
_reflns.details                      ? 
# 
loop_
_reflns_shell.pdbx_diffrn_id 
_reflns_shell.pdbx_ordinal 
_reflns_shell.d_res_high 
_reflns_shell.d_res_low 
_reflns_shell.number_measured_obs 
_reflns_shell.number_measured_all 
_reflns_shell.number_unique_obs 
_reflns_shell.pdbx_rejects 
_reflns_shell.Rmerge_I_obs 
_reflns_shell.meanI_over_sigI_obs 
_reflns_shell.pdbx_Rsym_value 
_reflns_shell.pdbx_chi_squared 
_reflns_shell.pdbx_redundancy 
_reflns_shell.percent_possible_obs 
_reflns_shell.pdbx_netI_over_sigmaI_obs 
_reflns_shell.number_possible 
_reflns_shell.number_unique_all 
_reflns_shell.Rmerge_F_all 
_reflns_shell.Rmerge_F_obs 
_reflns_shell.Rmerge_I_all 
_reflns_shell.meanI_over_sigI_all 
_reflns_shell.percent_possible_all 
_reflns_shell.pdbx_Rrim_I_all 
_reflns_shell.pdbx_Rpim_I_all 
_reflns_shell.pdbx_CC_half 
1 1 1.760 1.810  ? 19334 ? ? 1.598 ? ? ? 12.900 ? 1.200  ? 1501 ? ? ? ? 100.000 1.663 0.458 0.784 
1 2 7.870 55.120 ? 3150  ? ? 0.041 ? ? ? 10.400 ? 46.300 ? 302  ? ? ? ? 99.800  0.044 0.013 0.995 
# 
_refine.entry_id                                 5QRL 
_refine.pdbx_refine_id                           'X-RAY DIFFRACTION' 
_refine.ls_d_res_high                            1.7600 
_refine.ls_d_res_low                             52.8300 
_refine.pdbx_ls_sigma_F                          0.000 
_refine.pdbx_data_cutoff_high_absF               ? 
_refine.pdbx_data_cutoff_low_absF                ? 
_refine.ls_percent_reflns_obs                    99.8100 
_refine.ls_number_reflns_obs                     19730 
_refine.ls_number_reflns_all                     ? 
_refine.pdbx_ls_cross_valid_method               THROUGHOUT 
_refine.ls_matrix_type                           ? 
_refine.pdbx_R_Free_selection_details            RANDOM 
_refine.details                                  
'HYDROGENS HAVE BEEN ADDED IN THE RIDING POSITIONS U VALUES      : REFINED INDIVIDUALLY' 
_refine.ls_R_factor_all                          ? 
_refine.ls_R_factor_obs                          0.2223 
_refine.ls_R_factor_R_work                       0.2205 
_refine.ls_wR_factor_R_work                      ? 
_refine.ls_R_factor_R_free                       0.2614 
_refine.ls_wR_factor_R_free                      ? 
_refine.ls_percent_reflns_R_free                 4.8000 
_refine.ls_number_reflns_R_free                  1005 
_refine.ls_number_reflns_R_work                  ? 
_refine.ls_R_factor_R_free_error                 ? 
_refine.B_iso_mean                               40.9970 
_refine.solvent_model_param_bsol                 ? 
_refine.solvent_model_param_ksol                 ? 
_refine.pdbx_isotropic_thermal_model             ? 
_refine.aniso_B[1][1]                            1.3400 
_refine.aniso_B[2][2]                            1.3400 
_refine.aniso_B[3][3]                            -2.6900 
_refine.aniso_B[1][2]                            -0.0000 
_refine.aniso_B[1][3]                            -0.0000 
_refine.aniso_B[2][3]                            -0.0000 
_refine.correlation_coeff_Fo_to_Fc               0.9600 
_refine.correlation_coeff_Fo_to_Fc_free          0.9400 
_refine.overall_SU_R_Cruickshank_DPI             ? 
_refine.pdbx_overall_SU_R_free_Cruickshank_DPI   ? 
_refine.pdbx_overall_SU_R_Blow_DPI               ? 
_refine.pdbx_overall_SU_R_free_Blow_DPI          ? 
_refine.overall_SU_R_free                        ? 
_refine.pdbx_overall_ESU_R                       0.1430 
_refine.pdbx_overall_ESU_R_Free                  0.1380 
_refine.overall_SU_ML                            0.1190 
_refine.overall_SU_B                             3.9740 
_refine.solvent_model_details                    MASK 
_refine.pdbx_solvent_vdw_probe_radii             1.2000 
_refine.pdbx_solvent_ion_probe_radii             0.8000 
_refine.pdbx_solvent_shrinkage_radii             0.8000 
_refine.ls_number_parameters                     ? 
_refine.ls_number_restraints                     ? 
_refine.pdbx_starting_model                      6f58 
_refine.pdbx_method_to_determine_struct          'FOURIER SYNTHESIS' 
_refine.pdbx_stereochemistry_target_values       'MAXIMUM LIKELIHOOD' 
_refine.pdbx_stereochem_target_val_spec_case     ? 
_refine.overall_FOM_work_R_set                   ? 
_refine.B_iso_max                                111.650 
_refine.B_iso_min                                22.160 
_refine.pdbx_overall_phase_error                 ? 
_refine.occupancy_max                            ? 
_refine.occupancy_min                            ? 
_refine.pdbx_diffrn_id                           1 
_refine.pdbx_TLS_residual_ADP_flag               ? 
_refine.pdbx_ls_sigma_I                          ? 
_refine.pdbx_data_cutoff_high_rms_absF           ? 
_refine.ls_R_factor_R_free_error_details         ? 
# 
_refine_hist.cycle_id                         final 
_refine_hist.pdbx_refine_id                   'X-RAY DIFFRACTION' 
_refine_hist.d_res_high                       1.7600 
_refine_hist.d_res_low                        52.8300 
_refine_hist.pdbx_number_atoms_ligand         19 
_refine_hist.number_atoms_solvent             71 
_refine_hist.number_atoms_total               1459 
_refine_hist.pdbx_number_residues_total       172 
_refine_hist.pdbx_B_iso_mean_ligand           43.07 
_refine_hist.pdbx_B_iso_mean_solvent          41.77 
_refine_hist.pdbx_number_atoms_protein        1369 
_refine_hist.pdbx_number_atoms_nucleic_acid   0 
# 
loop_
_refine_ls_restr.pdbx_refine_id 
_refine_ls_restr.type 
_refine_ls_restr.number 
_refine_ls_restr.dev_ideal 
_refine_ls_restr.dev_ideal_target 
_refine_ls_restr.weight 
_refine_ls_restr.pdbx_restraint_function 
'X-RAY DIFFRACTION' r_bond_refined_d       1849 0.009  0.014  ? ? 
'X-RAY DIFFRACTION' r_bond_other_d         1495 0.001  0.017  ? ? 
'X-RAY DIFFRACTION' r_angle_refined_deg    2309 1.589  1.670  ? ? 
'X-RAY DIFFRACTION' r_angle_other_deg      3500 1.325  1.599  ? ? 
'X-RAY DIFFRACTION' r_dihedral_angle_1_deg 207  8.100  5.000  ? ? 
'X-RAY DIFFRACTION' r_dihedral_angle_2_deg 83   29.181 22.651 ? ? 
'X-RAY DIFFRACTION' r_dihedral_angle_3_deg 259  17.592 15.000 ? ? 
'X-RAY DIFFRACTION' r_dihedral_angle_4_deg 7    19.382 15.000 ? ? 
'X-RAY DIFFRACTION' r_chiral_restr         205  0.078  0.200  ? ? 
'X-RAY DIFFRACTION' r_gen_planes_refined   2000 0.009  0.020  ? ? 
'X-RAY DIFFRACTION' r_gen_planes_other     365  0.002  0.020  ? ? 
'X-RAY DIFFRACTION' r_mcbond_it            880  3.497  4.117  ? ? 
'X-RAY DIFFRACTION' r_mcbond_other         881  3.495  4.117  ? ? 
'X-RAY DIFFRACTION' r_mcangle_it           1021 5.230  6.243  ? ? 
# 
_refine_ls_shell.d_res_high                       1.7600 
_refine_ls_shell.d_res_low                        1.8060 
_refine_ls_shell.pdbx_total_number_of_bins_used   20 
_refine_ls_shell.percent_reflns_obs               99.8700 
_refine_ls_shell.number_reflns_R_work             1402 
_refine_ls_shell.R_factor_all                     ? 
_refine_ls_shell.R_factor_R_work                  0.3220 
_refine_ls_shell.R_factor_R_free                  0.3180 
_refine_ls_shell.percent_reflns_R_free            ? 
_refine_ls_shell.number_reflns_R_free             92 
_refine_ls_shell.R_factor_R_free_error            ? 
_refine_ls_shell.number_reflns_all                1494 
_refine_ls_shell.number_reflns_obs                ? 
_refine_ls_shell.pdbx_refine_id                   'X-RAY DIFFRACTION' 
# 
_struct.entry_id                  5QRL 
_struct.title                     
'PanDDA analysis group deposition -- Crystal Structure of human Brachyury in complex with Z437516460' 
_struct.pdbx_model_details        ? 
_struct.pdbx_CASP_flag            ? 
_struct.pdbx_model_type_details   ? 
# 
_struct_keywords.entry_id        5QRL 
_struct_keywords.text            'SGC - Diamond I04-1 fragment screening, PanDDA, XChemExplorer, TRANSCRIPTION' 
_struct_keywords.pdbx_keywords   TRANSCRIPTION 
# 
loop_
_struct_asym.id 
_struct_asym.pdbx_blank_PDB_chainid_flag 
_struct_asym.pdbx_modified 
_struct_asym.entity_id 
_struct_asym.details 
A N N 1 ? 
B N N 2 ? 
C N N 2 ? 
D N N 2 ? 
E N N 2 ? 
F N N 2 ? 
G N N 3 ? 
H N N 4 ? 
# 
_struct_ref.id                         1 
_struct_ref.db_name                    UNP 
_struct_ref.db_code                    TBXT_HUMAN 
_struct_ref.pdbx_db_accession          O15178 
_struct_ref.pdbx_db_isoform            ? 
_struct_ref.entity_id                  1 
_struct_ref.pdbx_seq_one_letter_code   
;ELRVGLEESELWLRFKELTNEMIVTKNGRRMFPVLKVNVSGLDPNAMYSFLLDFVAADNHRWKYVNGEWVPGGKPEPQAP
SCVYIHPDSPNFGAHWMKAPVSFSKVKLTNKLNGGGQIMLNSLHKYEPRIHIVRVGGPQRMITSHCFPETQFIAVTAYQN
EEITALKIKYN
;
_struct_ref.pdbx_align_begin           41 
# 
_struct_ref_seq.align_id                      1 
_struct_ref_seq.ref_id                        1 
_struct_ref_seq.pdbx_PDB_id_code              5QRL 
_struct_ref_seq.pdbx_strand_id                A 
_struct_ref_seq.seq_align_beg                 2 
_struct_ref_seq.pdbx_seq_align_beg_ins_code   ? 
_struct_ref_seq.seq_align_end                 172 
_struct_ref_seq.pdbx_seq_align_end_ins_code   ? 
_struct_ref_seq.pdbx_db_accession             O15178 
_struct_ref_seq.db_align_beg                  41 
_struct_ref_seq.pdbx_db_align_beg_ins_code    ? 
_struct_ref_seq.db_align_end                  211 
_struct_ref_seq.pdbx_db_align_end_ins_code    ? 
_struct_ref_seq.pdbx_auth_seq_align_beg       41 
_struct_ref_seq.pdbx_auth_seq_align_end       211 
# 
_struct_ref_seq_dif.align_id                     1 
_struct_ref_seq_dif.pdbx_pdb_id_code             5QRL 
_struct_ref_seq_dif.mon_id                       GLY 
_struct_ref_seq_dif.pdbx_pdb_strand_id           A 
_struct_ref_seq_dif.seq_num                      1 
_struct_ref_seq_dif.pdbx_pdb_ins_code            ? 
_struct_ref_seq_dif.pdbx_seq_db_name             UNP 
_struct_ref_seq_dif.pdbx_seq_db_accession_code   O15178 
_struct_ref_seq_dif.db_mon_id                    ? 
_struct_ref_seq_dif.pdbx_seq_db_seq_num          ? 
_struct_ref_seq_dif.details                      'expression tag' 
_struct_ref_seq_dif.pdbx_auth_seq_num            40 
_struct_ref_seq_dif.pdbx_ordinal                 1 
# 
_pdbx_struct_assembly.id                   1 
_pdbx_struct_assembly.details              author_defined_assembly 
_pdbx_struct_assembly.method_details       ? 
_pdbx_struct_assembly.oligomeric_details   monomeric 
_pdbx_struct_assembly.oligomeric_count     1 
# 
_pdbx_struct_assembly_gen.assembly_id       1 
_pdbx_struct_assembly_gen.oper_expression   1 
_pdbx_struct_assembly_gen.asym_id_list      A,B,C,D,E,F,G,H 
# 
_pdbx_struct_oper_list.id                   1 
_pdbx_struct_oper_list.type                 'identity operation' 
_pdbx_struct_oper_list.name                 1_555 
_pdbx_struct_oper_list.symmetry_operation   x,y,z 
_pdbx_struct_oper_list.matrix[1][1]         1.0000000000 
_pdbx_struct_oper_list.matrix[1][2]         0.0000000000 
_pdbx_struct_oper_list.matrix[1][3]         0.0000000000 
_pdbx_struct_oper_list.vector[1]            0.0000000000 
_pdbx_struct_oper_list.matrix[2][1]         0.0000000000 
_pdbx_struct_oper_list.matrix[2][2]         1.0000000000 
_pdbx_struct_oper_list.matrix[2][3]         0.0000000000 
_pdbx_struct_oper_list.vector[2]            0.0000000000 
_pdbx_struct_oper_list.matrix[3][1]         0.0000000000 
_pdbx_struct_oper_list.matrix[3][2]         0.0000000000 
_pdbx_struct_oper_list.matrix[3][3]         1.0000000000 
_pdbx_struct_oper_list.vector[3]            0.0000000000 
# 
loop_
_struct_conf.conf_type_id 
_struct_conf.id 
_struct_conf.pdbx_PDB_helix_id 
_struct_conf.beg_label_comp_id 
_struct_conf.beg_label_asym_id 
_struct_conf.beg_label_seq_id 
_struct_conf.pdbx_beg_PDB_ins_code 
_struct_conf.end_label_comp_id 
_struct_conf.end_label_asym_id 
_struct_conf.end_label_seq_id 
_struct_conf.pdbx_end_PDB_ins_code 
_struct_conf.beg_auth_comp_id 
_struct_conf.beg_auth_asym_id 
_struct_conf.beg_auth_seq_id 
_struct_conf.end_auth_comp_id 
_struct_conf.end_auth_asym_id 
_struct_conf.end_auth_seq_id 
_struct_conf.pdbx_PDB_helix_class 
_struct_conf.details 
_struct_conf.pdbx_PDB_helix_length 
HELX_P HELX_P1 AA1 GLU A 9   ? LEU A 19  ? GLU A 48  LEU A 58  1 ? 11 
HELX_P HELX_P2 AA2 GLY A 94  ? LYS A 99  ? GLY A 133 LYS A 138 1 ? 6  
HELX_P HELX_P3 AA3 PRO A 149 ? GLN A 152 ? PRO A 188 GLN A 191 5 ? 4  
HELX_P HELX_P4 AA4 ASN A 161 ? ASN A 172 ? ASN A 200 ASN A 211 1 ? 12 
# 
_struct_conf_type.id          HELX_P 
_struct_conf_type.criteria    ? 
_struct_conf_type.reference   ? 
# 
loop_
_struct_conn.id 
_struct_conn.conn_type_id 
_struct_conn.pdbx_leaving_atom_flag 
_struct_conn.pdbx_PDB_id 
_struct_conn.ptnr1_label_asym_id 
_struct_conn.ptnr1_label_comp_id 
_struct_conn.ptnr1_label_seq_id 
_struct_conn.ptnr1_label_atom_id 
_struct_conn.pdbx_ptnr1_label_alt_id 
_struct_conn.pdbx_ptnr1_PDB_ins_code 
_struct_conn.pdbx_ptnr1_standard_comp_id 
_struct_conn.ptnr1_symmetry 
_struct_conn.ptnr2_label_asym_id 
_struct_conn.ptnr2_label_comp_id 
_struct_conn.ptnr2_label_seq_id 
_struct_conn.ptnr2_label_atom_id 
_struct_conn.pdbx_ptnr2_label_alt_id 
_struct_conn.pdbx_ptnr2_PDB_ins_code 
_struct_conn.ptnr1_auth_asym_id 
_struct_conn.ptnr1_auth_comp_id 
_struct_conn.ptnr1_auth_seq_id 
_struct_conn.ptnr2_auth_asym_id 
_struct_conn.ptnr2_auth_comp_id 
_struct_conn.ptnr2_auth_seq_id 
_struct_conn.ptnr2_symmetry 
_struct_conn.pdbx_ptnr3_label_atom_id 
_struct_conn.pdbx_ptnr3_label_seq_id 
_struct_conn.pdbx_ptnr3_label_comp_id 
_struct_conn.pdbx_ptnr3_label_asym_id 
_struct_conn.pdbx_ptnr3_label_alt_id 
_struct_conn.pdbx_ptnr3_PDB_ins_code 
_struct_conn.details 
_struct_conn.pdbx_dist_value 
_struct_conn.pdbx_value_order 
_struct_conn.pdbx_role 
metalc1  metalc ? ? A HIS 61  NE2 ? ? ? 1_555 E CD  . CD ? ? A HIS 100 A CD  304 1_555 ? ? ? ? ? ? ? 2.196 ? ? 
metalc2  metalc ? ? A CYS 83  SG  ? ? ? 1_555 D CD  . CD ? ? A CYS 122 A CD  303 1_555 ? ? ? ? ? ? ? 2.657 ? ? 
metalc3  metalc ? ? A CYS 83  SG  ? ? ? 1_555 F CD  . CD ? ? A CYS 122 A CD  305 1_555 ? ? ? ? ? ? ? 2.402 ? ? 
metalc4  metalc ? ? A GLU 128 OE1 ? ? ? 1_555 B CD  . CD ? ? A GLU 167 A CD  301 1_555 ? ? ? ? ? ? ? 2.508 ? ? 
metalc5  metalc ? ? A GLU 128 OE1 ? ? ? 1_555 B CD  . CD ? ? A GLU 167 A CD  301 5_655 ? ? ? ? ? ? ? 2.508 ? ? 
metalc6  metalc ? ? A GLU 128 OE1 ? ? ? 1_555 C CD  . CD ? ? A GLU 167 A CD  302 1_555 ? ? ? ? ? ? ? 2.668 ? ? 
metalc7  metalc ? ? A GLU 128 OE2 ? ? ? 1_555 C CD  . CD ? ? A GLU 167 A CD  302 1_555 ? ? ? ? ? ? ? 2.280 ? ? 
metalc8  metalc ? ? A CYS 147 SG  A ? ? 1_555 B CD  . CD ? ? A CYS 186 A CD  301 1_555 ? ? ? ? ? ? ? 2.443 ? ? 
metalc9  metalc ? ? A CYS 147 SG  B ? ? 1_555 B CD  . CD ? ? A CYS 186 A CD  301 1_555 ? ? ? ? ? ? ? 2.485 ? ? 
metalc10 metalc ? ? A CYS 147 SG  A ? ? 1_555 B CD  . CD ? ? A CYS 186 A CD  301 5_655 ? ? ? ? ? ? ? 2.443 ? ? 
metalc11 metalc ? ? A CYS 147 SG  B ? ? 1_555 B CD  . CD ? ? A CYS 186 A CD  301 5_655 ? ? ? ? ? ? ? 2.485 ? ? 
metalc12 metalc ? ? A CYS 147 SG  A ? ? 1_555 C CD  . CD ? ? A CYS 186 A CD  302 5_655 ? ? ? ? ? ? ? 2.561 ? ? 
metalc13 metalc ? ? A CYS 147 SG  B ? ? 1_555 C CD  . CD ? ? A CYS 186 A CD  302 5_655 ? ? ? ? ? ? ? 2.443 ? ? 
metalc14 metalc ? ? B CD  .   CD  ? ? ? 1_555 H HOH . O  ? ? A CD  301 A HOH 437 1_555 ? ? ? ? ? ? ? 2.232 ? ? 
metalc15 metalc ? ? B CD  .   CD  ? ? ? 1_555 H HOH . O  ? ? A CD  301 A HOH 437 5_655 ? ? ? ? ? ? ? 2.232 ? ? 
metalc16 metalc ? ? C CD  .   CD  ? ? ? 1_555 H HOH . O  ? ? A CD  302 A HOH 454 5_655 ? ? ? ? ? ? ? 2.186 ? ? 
metalc17 metalc ? ? C CD  .   CD  ? ? ? 1_555 H HOH . O  ? ? A CD  302 A HOH 462 1_555 ? ? ? ? ? ? ? 2.424 ? ? 
metalc18 metalc ? ? D CD  .   CD  ? ? ? 1_555 H HOH . O  ? ? A CD  303 A HOH 457 1_555 ? ? ? ? ? ? ? 2.432 ? ? 
metalc19 metalc ? ? D CD  .   CD  ? ? ? 1_555 H HOH . O  ? ? A CD  303 A HOH 470 1_555 ? ? ? ? ? ? ? 2.645 ? ? 
metalc20 metalc ? ? E CD  .   CD  ? ? ? 1_555 H HOH . O  ? ? A CD  304 A HOH 459 1_555 ? ? ? ? ? ? ? 2.332 ? ? 
metalc21 metalc ? ? E CD  .   CD  ? ? ? 1_555 H HOH . O  ? ? A CD  304 A HOH 460 1_555 ? ? ? ? ? ? ? 2.441 ? ? 
metalc22 metalc ? ? E CD  .   CD  ? ? ? 1_555 H HOH . O  ? ? A CD  304 A HOH 463 1_555 ? ? ? ? ? ? ? 2.290 ? ? 
metalc23 metalc ? ? F CD  .   CD  ? ? ? 1_555 H HOH . O  ? ? A CD  305 A HOH 453 1_555 ? ? ? ? ? ? ? 2.545 ? ? 
metalc24 metalc ? ? F CD  .   CD  ? ? ? 1_555 H HOH . O  ? ? A CD  305 A HOH 470 1_555 ? ? ? ? ? ? ? 2.692 ? ? 
metalc25 metalc ? ? F CD  .   CD  ? ? ? 1_555 H HOH . O  ? ? A CD  305 A HOH 471 1_555 ? ? ? ? ? ? ? 2.574 ? ? 
# 
_struct_conn_type.id          metalc 
_struct_conn_type.criteria    ? 
_struct_conn_type.reference   ? 
# 
loop_
_pdbx_struct_conn_angle.id 
_pdbx_struct_conn_angle.ptnr1_label_atom_id 
_pdbx_struct_conn_angle.ptnr1_label_alt_id 
_pdbx_struct_conn_angle.ptnr1_label_asym_id 
_pdbx_struct_conn_angle.ptnr1_label_comp_id 
_pdbx_struct_conn_angle.ptnr1_label_seq_id 
_pdbx_struct_conn_angle.ptnr1_auth_atom_id 
_pdbx_struct_conn_angle.ptnr1_auth_asym_id 
_pdbx_struct_conn_angle.ptnr1_auth_comp_id 
_pdbx_struct_conn_angle.ptnr1_auth_seq_id 
_pdbx_struct_conn_angle.ptnr1_PDB_ins_code 
_pdbx_struct_conn_angle.ptnr1_symmetry 
_pdbx_struct_conn_angle.ptnr2_label_atom_id 
_pdbx_struct_conn_angle.ptnr2_label_alt_id 
_pdbx_struct_conn_angle.ptnr2_label_asym_id 
_pdbx_struct_conn_angle.ptnr2_label_comp_id 
_pdbx_struct_conn_angle.ptnr2_label_seq_id 
_pdbx_struct_conn_angle.ptnr2_auth_atom_id 
_pdbx_struct_conn_angle.ptnr2_auth_asym_id 
_pdbx_struct_conn_angle.ptnr2_auth_comp_id 
_pdbx_struct_conn_angle.ptnr2_auth_seq_id 
_pdbx_struct_conn_angle.ptnr2_PDB_ins_code 
_pdbx_struct_conn_angle.ptnr2_symmetry 
_pdbx_struct_conn_angle.ptnr3_label_atom_id 
_pdbx_struct_conn_angle.ptnr3_label_alt_id 
_pdbx_struct_conn_angle.ptnr3_label_asym_id 
_pdbx_struct_conn_angle.ptnr3_label_comp_id 
_pdbx_struct_conn_angle.ptnr3_label_seq_id 
_pdbx_struct_conn_angle.ptnr3_auth_atom_id 
_pdbx_struct_conn_angle.ptnr3_auth_asym_id 
_pdbx_struct_conn_angle.ptnr3_auth_comp_id 
_pdbx_struct_conn_angle.ptnr3_auth_seq_id 
_pdbx_struct_conn_angle.ptnr3_PDB_ins_code 
_pdbx_struct_conn_angle.ptnr3_symmetry 
_pdbx_struct_conn_angle.value 
_pdbx_struct_conn_angle.value_esd 
1  NE2 ? A HIS 61  ? A HIS 100 ? 1_555 CD ? E CD . ? A CD 304 ? 1_555 O   ? H HOH .   ? A HOH 459 ? 1_555 100.5 ? 
2  NE2 ? A HIS 61  ? A HIS 100 ? 1_555 CD ? E CD . ? A CD 304 ? 1_555 O   ? H HOH .   ? A HOH 460 ? 1_555 100.9 ? 
3  O   ? H HOH .   ? A HOH 459 ? 1_555 CD ? E CD . ? A CD 304 ? 1_555 O   ? H HOH .   ? A HOH 460 ? 1_555 119.9 ? 
4  NE2 ? A HIS 61  ? A HIS 100 ? 1_555 CD ? E CD . ? A CD 304 ? 1_555 O   ? H HOH .   ? A HOH 463 ? 1_555 114.0 ? 
5  O   ? H HOH .   ? A HOH 459 ? 1_555 CD ? E CD . ? A CD 304 ? 1_555 O   ? H HOH .   ? A HOH 463 ? 1_555 109.9 ? 
6  O   ? H HOH .   ? A HOH 460 ? 1_555 CD ? E CD . ? A CD 304 ? 1_555 O   ? H HOH .   ? A HOH 463 ? 1_555 111.0 ? 
7  SG  ? A CYS 83  ? A CYS 122 ? 1_555 CD ? D CD . ? A CD 303 ? 1_555 O   ? H HOH .   ? A HOH 457 ? 1_555 96.2  ? 
8  SG  ? A CYS 83  ? A CYS 122 ? 1_555 CD ? D CD . ? A CD 303 ? 1_555 O   ? H HOH .   ? A HOH 470 ? 1_555 86.1  ? 
9  O   ? H HOH .   ? A HOH 457 ? 1_555 CD ? D CD . ? A CD 303 ? 1_555 O   ? H HOH .   ? A HOH 470 ? 1_555 175.8 ? 
10 SG  ? A CYS 83  ? A CYS 122 ? 1_555 CD ? F CD . ? A CD 305 ? 1_555 O   ? H HOH .   ? A HOH 453 ? 1_555 98.8  ? 
11 SG  ? A CYS 83  ? A CYS 122 ? 1_555 CD ? F CD . ? A CD 305 ? 1_555 O   ? H HOH .   ? A HOH 470 ? 1_555 90.4  ? 
12 O   ? H HOH .   ? A HOH 453 ? 1_555 CD ? F CD . ? A CD 305 ? 1_555 O   ? H HOH .   ? A HOH 470 ? 1_555 105.2 ? 
13 SG  ? A CYS 83  ? A CYS 122 ? 1_555 CD ? F CD . ? A CD 305 ? 1_555 O   ? H HOH .   ? A HOH 471 ? 1_555 87.1  ? 
14 O   ? H HOH .   ? A HOH 453 ? 1_555 CD ? F CD . ? A CD 305 ? 1_555 O   ? H HOH .   ? A HOH 471 ? 1_555 171.0 ? 
15 O   ? H HOH .   ? A HOH 470 ? 1_555 CD ? F CD . ? A CD 305 ? 1_555 O   ? H HOH .   ? A HOH 471 ? 1_555 81.4  ? 
16 OE1 ? A GLU 128 ? A GLU 167 ? 1_555 CD ? B CD . ? A CD 301 ? 1_555 OE1 ? A GLU 128 ? A GLU 167 ? 1_555 0.0   ? 
17 OE1 ? A GLU 128 ? A GLU 167 ? 1_555 CD ? B CD . ? A CD 301 ? 1_555 SG  A A CYS 147 ? A CYS 186 ? 1_555 92.4  ? 
18 OE1 ? A GLU 128 ? A GLU 167 ? 1_555 CD ? B CD . ? A CD 301 ? 1_555 SG  A A CYS 147 ? A CYS 186 ? 1_555 92.4  ? 
19 OE1 ? A GLU 128 ? A GLU 167 ? 1_555 CD ? B CD . ? A CD 301 ? 1_555 SG  B A CYS 147 ? A CYS 186 ? 1_555 88.1  ? 
20 OE1 ? A GLU 128 ? A GLU 167 ? 1_555 CD ? B CD . ? A CD 301 ? 1_555 SG  B A CYS 147 ? A CYS 186 ? 1_555 88.1  ? 
21 SG  A A CYS 147 ? A CYS 186 ? 1_555 CD ? B CD . ? A CD 301 ? 1_555 SG  B A CYS 147 ? A CYS 186 ? 1_555 38.0  ? 
22 OE1 ? A GLU 128 ? A GLU 167 ? 1_555 CD ? B CD . ? A CD 301 ? 1_555 SG  A A CYS 147 ? A CYS 186 ? 1_555 92.4  ? 
23 OE1 ? A GLU 128 ? A GLU 167 ? 1_555 CD ? B CD . ? A CD 301 ? 1_555 SG  A A CYS 147 ? A CYS 186 ? 1_555 92.4  ? 
24 SG  A A CYS 147 ? A CYS 186 ? 1_555 CD ? B CD . ? A CD 301 ? 1_555 SG  A A CYS 147 ? A CYS 186 ? 1_555 0.0   ? 
25 SG  B A CYS 147 ? A CYS 186 ? 1_555 CD ? B CD . ? A CD 301 ? 1_555 SG  A A CYS 147 ? A CYS 186 ? 1_555 38.0  ? 
26 OE1 ? A GLU 128 ? A GLU 167 ? 1_555 CD ? B CD . ? A CD 301 ? 1_555 SG  B A CYS 147 ? A CYS 186 ? 1_555 88.1  ? 
27 OE1 ? A GLU 128 ? A GLU 167 ? 1_555 CD ? B CD . ? A CD 301 ? 1_555 SG  B A CYS 147 ? A CYS 186 ? 1_555 88.1  ? 
28 SG  A A CYS 147 ? A CYS 186 ? 1_555 CD ? B CD . ? A CD 301 ? 1_555 SG  B A CYS 147 ? A CYS 186 ? 1_555 38.0  ? 
29 SG  B A CYS 147 ? A CYS 186 ? 1_555 CD ? B CD . ? A CD 301 ? 1_555 SG  B A CYS 147 ? A CYS 186 ? 1_555 0.0   ? 
30 SG  A A CYS 147 ? A CYS 186 ? 1_555 CD ? B CD . ? A CD 301 ? 1_555 SG  B A CYS 147 ? A CYS 186 ? 1_555 38.0  ? 
31 OE1 ? A GLU 128 ? A GLU 167 ? 1_555 CD ? B CD . ? A CD 301 ? 1_555 O   ? H HOH .   ? A HOH 437 ? 1_555 75.4  ? 
32 OE1 ? A GLU 128 ? A GLU 167 ? 1_555 CD ? B CD . ? A CD 301 ? 1_555 O   ? H HOH .   ? A HOH 437 ? 1_555 75.4  ? 
33 SG  A A CYS 147 ? A CYS 186 ? 1_555 CD ? B CD . ? A CD 301 ? 1_555 O   ? H HOH .   ? A HOH 437 ? 1_555 114.9 ? 
34 SG  B A CYS 147 ? A CYS 186 ? 1_555 CD ? B CD . ? A CD 301 ? 1_555 O   ? H HOH .   ? A HOH 437 ? 1_555 148.5 ? 
35 SG  A A CYS 147 ? A CYS 186 ? 1_555 CD ? B CD . ? A CD 301 ? 1_555 O   ? H HOH .   ? A HOH 437 ? 1_555 114.9 ? 
36 SG  B A CYS 147 ? A CYS 186 ? 1_555 CD ? B CD . ? A CD 301 ? 1_555 O   ? H HOH .   ? A HOH 437 ? 1_555 148.5 ? 
37 OE1 ? A GLU 128 ? A GLU 167 ? 1_555 CD ? B CD . ? A CD 301 ? 1_555 O   ? H HOH .   ? A HOH 437 ? 5_655 111.0 ? 
38 OE1 ? A GLU 128 ? A GLU 167 ? 1_555 CD ? B CD . ? A CD 301 ? 1_555 O   ? H HOH .   ? A HOH 437 ? 5_655 111.0 ? 
39 SG  A A CYS 147 ? A CYS 186 ? 1_555 CD ? B CD . ? A CD 301 ? 1_555 O   ? H HOH .   ? A HOH 437 ? 5_655 73.9  ? 
40 SG  B A CYS 147 ? A CYS 186 ? 1_555 CD ? B CD . ? A CD 301 ? 1_555 O   ? H HOH .   ? A HOH 437 ? 5_655 110.7 ? 
41 SG  A A CYS 147 ? A CYS 186 ? 1_555 CD ? B CD . ? A CD 301 ? 1_555 O   ? H HOH .   ? A HOH 437 ? 5_655 73.9  ? 
42 SG  B A CYS 147 ? A CYS 186 ? 1_555 CD ? B CD . ? A CD 301 ? 1_555 O   ? H HOH .   ? A HOH 437 ? 5_655 110.7 ? 
43 O   ? H HOH .   ? A HOH 437 ? 1_555 CD ? B CD . ? A CD 301 ? 1_555 O   ? H HOH .   ? A HOH 437 ? 5_655 54.1  ? 
44 OE1 ? A GLU 128 ? A GLU 167 ? 1_555 CD ? C CD . ? A CD 302 ? 1_555 OE2 ? A GLU 128 ? A GLU 167 ? 1_555 50.9  ? 
45 OE1 ? A GLU 128 ? A GLU 167 ? 1_555 CD ? C CD . ? A CD 302 ? 1_555 SG  A A CYS 147 ? A CYS 186 ? 1_555 32.3  ? 
46 OE2 ? A GLU 128 ? A GLU 167 ? 1_555 CD ? C CD . ? A CD 302 ? 1_555 SG  A A CYS 147 ? A CYS 186 ? 1_555 76.2  ? 
47 OE1 ? A GLU 128 ? A GLU 167 ? 1_555 CD ? C CD . ? A CD 302 ? 1_555 SG  B A CYS 147 ? A CYS 186 ? 1_555 44.3  ? 
48 OE2 ? A GLU 128 ? A GLU 167 ? 1_555 CD ? C CD . ? A CD 302 ? 1_555 SG  B A CYS 147 ? A CYS 186 ? 1_555 78.7  ? 
49 SG  A A CYS 147 ? A CYS 186 ? 1_555 CD ? C CD . ? A CD 302 ? 1_555 SG  B A CYS 147 ? A CYS 186 ? 1_555 16.1  ? 
50 OE1 ? A GLU 128 ? A GLU 167 ? 1_555 CD ? C CD . ? A CD 302 ? 1_555 O   ? H HOH .   ? A HOH 454 ? 5_655 140.6 ? 
51 OE2 ? A GLU 128 ? A GLU 167 ? 1_555 CD ? C CD . ? A CD 302 ? 1_555 O   ? H HOH .   ? A HOH 454 ? 5_655 103.3 ? 
52 SG  A A CYS 147 ? A CYS 186 ? 1_555 CD ? C CD . ? A CD 302 ? 1_555 O   ? H HOH .   ? A HOH 454 ? 5_655 125.2 ? 
53 SG  B A CYS 147 ? A CYS 186 ? 1_555 CD ? C CD . ? A CD 302 ? 1_555 O   ? H HOH .   ? A HOH 454 ? 5_655 109.2 ? 
54 OE1 ? A GLU 128 ? A GLU 167 ? 1_555 CD ? C CD . ? A CD 302 ? 1_555 O   ? H HOH .   ? A HOH 462 ? 1_555 108.6 ? 
55 OE2 ? A GLU 128 ? A GLU 167 ? 1_555 CD ? C CD . ? A CD 302 ? 1_555 O   ? H HOH .   ? A HOH 462 ? 1_555 104.3 ? 
56 SG  A A CYS 147 ? A CYS 186 ? 1_555 CD ? C CD . ? A CD 302 ? 1_555 O   ? H HOH .   ? A HOH 462 ? 1_555 127.0 ? 
57 SG  B A CYS 147 ? A CYS 186 ? 1_555 CD ? C CD . ? A CD 302 ? 1_555 O   ? H HOH .   ? A HOH 462 ? 1_555 142.4 ? 
58 O   ? H HOH .   ? A HOH 454 ? 5_655 CD ? C CD . ? A CD 302 ? 1_555 O   ? H HOH .   ? A HOH 462 ? 1_555 106.5 ? 
# 
loop_
_struct_mon_prot_cis.pdbx_id 
_struct_mon_prot_cis.label_comp_id 
_struct_mon_prot_cis.label_seq_id 
_struct_mon_prot_cis.label_asym_id 
_struct_mon_prot_cis.label_alt_id 
_struct_mon_prot_cis.pdbx_PDB_ins_code 
_struct_mon_prot_cis.auth_comp_id 
_struct_mon_prot_cis.auth_seq_id 
_struct_mon_prot_cis.auth_asym_id 
_struct_mon_prot_cis.pdbx_label_comp_id_2 
_struct_mon_prot_cis.pdbx_label_seq_id_2 
_struct_mon_prot_cis.pdbx_label_asym_id_2 
_struct_mon_prot_cis.pdbx_PDB_ins_code_2 
_struct_mon_prot_cis.pdbx_auth_comp_id_2 
_struct_mon_prot_cis.pdbx_auth_seq_id_2 
_struct_mon_prot_cis.pdbx_auth_asym_id_2 
_struct_mon_prot_cis.pdbx_PDB_model_num 
_struct_mon_prot_cis.pdbx_omega_angle 
1 PHE 33 A . ? PHE 72  A PRO 34 A ? PRO 73  A 1 -6.33  
2 SER 90 A . ? SER 129 A PRO 91 A ? PRO 130 A 1 -13.54 
# 
loop_
_struct_sheet.id 
_struct_sheet.type 
_struct_sheet.number_strands 
_struct_sheet.details 
AA1 ? 3 ? 
AA2 ? 5 ? 
AA3 ? 4 ? 
AA4 ? 3 ? 
AA5 ? 2 ? 
# 
loop_
_struct_sheet_order.sheet_id 
_struct_sheet_order.range_id_1 
_struct_sheet_order.range_id_2 
_struct_sheet_order.offset 
_struct_sheet_order.sense 
AA1 1 2 ? anti-parallel 
AA1 2 3 ? anti-parallel 
AA2 1 2 ? parallel      
AA2 2 3 ? anti-parallel 
AA2 3 4 ? anti-parallel 
AA2 4 5 ? anti-parallel 
AA3 1 2 ? anti-parallel 
AA3 2 3 ? anti-parallel 
AA3 3 4 ? anti-parallel 
AA4 1 2 ? anti-parallel 
AA4 2 3 ? parallel      
AA5 1 2 ? anti-parallel 
# 
loop_
_struct_sheet_range.sheet_id 
_struct_sheet_range.id 
_struct_sheet_range.beg_label_comp_id 
_struct_sheet_range.beg_label_asym_id 
_struct_sheet_range.beg_label_seq_id 
_struct_sheet_range.pdbx_beg_PDB_ins_code 
_struct_sheet_range.end_label_comp_id 
_struct_sheet_range.end_label_asym_id 
_struct_sheet_range.end_label_seq_id 
_struct_sheet_range.pdbx_end_PDB_ins_code 
_struct_sheet_range.beg_auth_comp_id 
_struct_sheet_range.beg_auth_asym_id 
_struct_sheet_range.beg_auth_seq_id 
_struct_sheet_range.end_auth_comp_id 
_struct_sheet_range.end_auth_asym_id 
_struct_sheet_range.end_auth_seq_id 
AA1 1 ARG A 4   ? LEU A 7   ? ARG A 43  LEU A 46  
AA1 2 LYS A 37  ? SER A 41  ? LYS A 76  SER A 80  
AA1 3 VAL A 102 ? SER A 103 ? VAL A 141 SER A 142 
AA2 1 GLU A 22  ? ILE A 24  ? GLU A 61  ILE A 63  
AA2 2 PHE A 153 ? VAL A 156 ? PHE A 192 VAL A 195 
AA2 3 LYS A 126 ? VAL A 136 ? LYS A 165 VAL A 175 
AA2 4 MET A 48  ? ALA A 57  ? MET A 87  ALA A 96  
AA2 5 ASN A 92  ? PHE A 93  ? ASN A 131 PHE A 132 
AA3 1 TYR A 85  ? ILE A 86  ? TYR A 124 ILE A 125 
AA3 2 MET A 48  ? ALA A 57  ? MET A 87  ALA A 96  
AA3 3 LYS A 126 ? VAL A 136 ? LYS A 165 VAL A 175 
AA3 4 MET A 142 ? CYS A 147 ? MET A 181 CYS A 186 
AA4 1 ARG A 30  ? ARG A 31  ? ARG A 69  ARG A 70  
AA4 2 LYS A 108 ? THR A 110 ? LYS A 147 THR A 149 
AA4 3 ILE A 119 ? MET A 120 ? ILE A 158 MET A 159 
AA5 1 TRP A 63  ? VAL A 66  ? TRP A 102 VAL A 105 
AA5 2 GLU A 69  ? PRO A 72  ? GLU A 108 PRO A 111 
# 
loop_
_pdbx_struct_sheet_hbond.sheet_id 
_pdbx_struct_sheet_hbond.range_id_1 
_pdbx_struct_sheet_hbond.range_id_2 
_pdbx_struct_sheet_hbond.range_1_label_atom_id 
_pdbx_struct_sheet_hbond.range_1_label_comp_id 
_pdbx_struct_sheet_hbond.range_1_label_asym_id 
_pdbx_struct_sheet_hbond.range_1_label_seq_id 
_pdbx_struct_sheet_hbond.range_1_PDB_ins_code 
_pdbx_struct_sheet_hbond.range_1_auth_atom_id 
_pdbx_struct_sheet_hbond.range_1_auth_comp_id 
_pdbx_struct_sheet_hbond.range_1_auth_asym_id 
_pdbx_struct_sheet_hbond.range_1_auth_seq_id 
_pdbx_struct_sheet_hbond.range_2_label_atom_id 
_pdbx_struct_sheet_hbond.range_2_label_comp_id 
_pdbx_struct_sheet_hbond.range_2_label_asym_id 
_pdbx_struct_sheet_hbond.range_2_label_seq_id 
_pdbx_struct_sheet_hbond.range_2_PDB_ins_code 
_pdbx_struct_sheet_hbond.range_2_auth_atom_id 
_pdbx_struct_sheet_hbond.range_2_auth_comp_id 
_pdbx_struct_sheet_hbond.range_2_auth_asym_id 
_pdbx_struct_sheet_hbond.range_2_auth_seq_id 
AA1 1 2 N GLY A 6   ? N GLY A 45  O ASN A 39  ? O ASN A 78  
AA1 2 3 N VAL A 38  ? N VAL A 77  O VAL A 102 ? O VAL A 141 
AA2 1 2 N MET A 23  ? N MET A 62  O VAL A 156 ? O VAL A 195 
AA2 2 3 O PHE A 153 ? O PHE A 192 N TYR A 127 ? N TYR A 166 
AA2 3 4 O ARG A 130 ? O ARG A 169 N ASP A 54  ? N ASP A 93  
AA2 4 5 N TYR A 49  ? N TYR A 88  O ASN A 92  ? O ASN A 131 
AA3 1 2 O TYR A 85  ? O TYR A 124 N LEU A 53  ? N LEU A 92  
AA3 2 3 N ASP A 54  ? N ASP A 93  O ARG A 130 ? O ARG A 169 
AA3 3 4 N ILE A 133 ? N ILE A 172 O THR A 144 ? O THR A 183 
AA4 1 2 N ARG A 30  ? N ARG A 69  O LEU A 109 ? O LEU A 148 
AA4 2 3 N LYS A 108 ? N LYS A 147 O ILE A 119 ? O ILE A 158 
AA5 1 2 N VAL A 66  ? N VAL A 105 O GLU A 69  ? O GLU A 108 
# 
loop_
_struct_site.id 
_struct_site.pdbx_evidence_code 
_struct_site.pdbx_auth_asym_id 
_struct_site.pdbx_auth_comp_id 
_struct_site.pdbx_auth_seq_id 
_struct_site.pdbx_auth_ins_code 
_struct_site.pdbx_num_residues 
_struct_site.details 
AC1 Software A CD  301 ? 8 'binding site for residue CD A 301'  
AC2 Software A CD  302 ? 6 'binding site for residue CD A 302'  
AC3 Software A CD  303 ? 4 'binding site for residue CD A 303'  
AC4 Software A CD  304 ? 5 'binding site for residue CD A 304'  
AC5 Software A CD  305 ? 4 'binding site for residue CD A 305'  
AC6 Software A NWY 306 ? 6 'binding site for residue NWY A 306' 
# 
loop_
_struct_site_gen.id 
_struct_site_gen.site_id 
_struct_site_gen.pdbx_num_res 
_struct_site_gen.label_comp_id 
_struct_site_gen.label_asym_id 
_struct_site_gen.label_seq_id 
_struct_site_gen.pdbx_auth_ins_code 
_struct_site_gen.auth_comp_id 
_struct_site_gen.auth_asym_id 
_struct_site_gen.auth_seq_id 
_struct_site_gen.label_atom_id 
_struct_site_gen.label_alt_id 
_struct_site_gen.symmetry 
_struct_site_gen.details 
1  AC1 8 GLU A 128 ? GLU A 167 . ? 1_555 ? 
2  AC1 8 GLU A 128 ? GLU A 167 . ? 5_655 ? 
3  AC1 8 CYS A 147 ? CYS A 186 . ? 5_655 ? 
4  AC1 8 CYS A 147 ? CYS A 186 . ? 1_555 ? 
5  AC1 8 CD  C .   ? CD  A 302 . ? 5_655 ? 
6  AC1 8 CD  C .   ? CD  A 302 . ? 1_555 ? 
7  AC1 8 HOH H .   ? HOH A 437 . ? 5_655 ? 
8  AC1 8 HOH H .   ? HOH A 437 . ? 1_555 ? 
9  AC2 6 GLU A 128 ? GLU A 167 . ? 1_555 ? 
10 AC2 6 CYS A 147 ? CYS A 186 . ? 5_655 ? 
11 AC2 6 CD  B .   ? CD  A 301 . ? 5_655 ? 
12 AC2 6 CD  B .   ? CD  A 301 . ? 1_555 ? 
13 AC2 6 HOH H .   ? HOH A 454 . ? 5_655 ? 
14 AC2 6 HOH H .   ? HOH A 462 . ? 1_555 ? 
15 AC3 4 CYS A 83  ? CYS A 122 . ? 1_555 ? 
16 AC3 4 HOH H .   ? HOH A 450 . ? 1_555 ? 
17 AC3 4 HOH H .   ? HOH A 457 . ? 1_555 ? 
18 AC3 4 HOH H .   ? HOH A 470 . ? 1_555 ? 
19 AC4 5 LEU A 52  ? LEU A 91  . ? 5_655 ? 
20 AC4 5 HIS A 61  ? HIS A 100 . ? 1_555 ? 
21 AC4 5 HOH H .   ? HOH A 459 . ? 1_555 ? 
22 AC4 5 HOH H .   ? HOH A 460 . ? 1_555 ? 
23 AC4 5 HOH H .   ? HOH A 463 . ? 1_555 ? 
24 AC5 4 CYS A 83  ? CYS A 122 . ? 1_555 ? 
25 AC5 4 HOH H .   ? HOH A 453 . ? 1_555 ? 
26 AC5 4 HOH H .   ? HOH A 470 . ? 1_555 ? 
27 AC5 4 HOH H .   ? HOH A 471 . ? 1_555 ? 
28 AC6 6 SER A 50  ? SER A 89  . ? 1_555 ? 
29 AC6 6 LEU A 52  ? LEU A 91  . ? 1_555 ? 
30 AC6 6 ILE A 86  ? ILE A 125 . ? 1_555 ? 
31 AC6 6 HIS A 87  ? HIS A 126 . ? 1_555 ? 
32 AC6 6 SER A 90  ? SER A 129 . ? 1_555 ? 
33 AC6 6 PHE A 93  ? PHE A 132 . ? 6_555 ? 
# 
loop_
_pdbx_validate_torsion.id 
_pdbx_validate_torsion.PDB_model_num 
_pdbx_validate_torsion.auth_comp_id 
_pdbx_validate_torsion.auth_asym_id 
_pdbx_validate_torsion.auth_seq_id 
_pdbx_validate_torsion.PDB_ins_code 
_pdbx_validate_torsion.label_alt_id 
_pdbx_validate_torsion.phi 
_pdbx_validate_torsion.psi 
1 1 THR A 59  ? ? 73.89   103.77 
2 1 LYS A 114 ? ? -112.19 71.41  
3 1 PHE A 143 ? ? -93.39  52.73  
# 
loop_
_pdbx_struct_special_symmetry.id 
_pdbx_struct_special_symmetry.PDB_model_num 
_pdbx_struct_special_symmetry.auth_asym_id 
_pdbx_struct_special_symmetry.auth_comp_id 
_pdbx_struct_special_symmetry.auth_seq_id 
_pdbx_struct_special_symmetry.PDB_ins_code 
_pdbx_struct_special_symmetry.label_asym_id 
_pdbx_struct_special_symmetry.label_comp_id 
_pdbx_struct_special_symmetry.label_seq_id 
1 1 A CD  301 ? B CD  . 
2 1 A HOH 423 ? H HOH . 
# 
_phasing.method   MR 
# 
_pdbx_entry_details.entry_id                 5QRL 
_pdbx_entry_details.has_ligand_of_interest   Y 
_pdbx_entry_details.compound_details         ? 
_pdbx_entry_details.source_details           ? 
_pdbx_entry_details.nonpolymer_details       ? 
_pdbx_entry_details.sequence_details         ? 
# 
loop_
_pdbx_distant_solvent_atoms.id 
_pdbx_distant_solvent_atoms.PDB_model_num 
_pdbx_distant_solvent_atoms.auth_atom_id 
_pdbx_distant_solvent_atoms.label_alt_id 
_pdbx_distant_solvent_atoms.auth_asym_id 
_pdbx_distant_solvent_atoms.auth_comp_id 
_pdbx_distant_solvent_atoms.auth_seq_id 
_pdbx_distant_solvent_atoms.PDB_ins_code 
_pdbx_distant_solvent_atoms.neighbor_macromolecule_distance 
_pdbx_distant_solvent_atoms.neighbor_ligand_distance 
1 1 O ? A HOH 470 ? 6.26 . 
2 1 O ? A HOH 471 ? 6.44 . 
# 
_pdbx_unobs_or_zero_occ_residues.id               1 
_pdbx_unobs_or_zero_occ_residues.PDB_model_num    1 
_pdbx_unobs_or_zero_occ_residues.polymer_flag     Y 
_pdbx_unobs_or_zero_occ_residues.occupancy_flag   1 
_pdbx_unobs_or_zero_occ_residues.auth_asym_id     A 
_pdbx_unobs_or_zero_occ_residues.auth_comp_id     GLY 
_pdbx_unobs_or_zero_occ_residues.auth_seq_id      40 
_pdbx_unobs_or_zero_occ_residues.PDB_ins_code     ? 
_pdbx_unobs_or_zero_occ_residues.label_asym_id    A 
_pdbx_unobs_or_zero_occ_residues.label_comp_id    GLY 
_pdbx_unobs_or_zero_occ_residues.label_seq_id     1 
# 
loop_
_chem_comp_atom.comp_id 
_chem_comp_atom.atom_id 
_chem_comp_atom.type_symbol 
_chem_comp_atom.pdbx_aromatic_flag 
_chem_comp_atom.pdbx_stereo_config 
_chem_comp_atom.pdbx_ordinal 
ALA N    N  N N 1   
ALA CA   C  N S 2   
ALA C    C  N N 3   
ALA O    O  N N 4   
ALA CB   C  N N 5   
ALA OXT  O  N N 6   
ALA H    H  N N 7   
ALA H2   H  N N 8   
ALA HA   H  N N 9   
ALA HB1  H  N N 10  
ALA HB2  H  N N 11  
ALA HB3  H  N N 12  
ALA HXT  H  N N 13  
ARG N    N  N N 14  
ARG CA   C  N S 15  
ARG C    C  N N 16  
ARG O    O  N N 17  
ARG CB   C  N N 18  
ARG CG   C  N N 19  
ARG CD   C  N N 20  
ARG NE   N  N N 21  
ARG CZ   C  N N 22  
ARG NH1  N  N N 23  
ARG NH2  N  N N 24  
ARG OXT  O  N N 25  
ARG H    H  N N 26  
ARG H2   H  N N 27  
ARG HA   H  N N 28  
ARG HB2  H  N N 29  
ARG HB3  H  N N 30  
ARG HG2  H  N N 31  
ARG HG3  H  N N 32  
ARG HD2  H  N N 33  
ARG HD3  H  N N 34  
ARG HE   H  N N 35  
ARG HH11 H  N N 36  
ARG HH12 H  N N 37  
ARG HH21 H  N N 38  
ARG HH22 H  N N 39  
ARG HXT  H  N N 40  
ASN N    N  N N 41  
ASN CA   C  N S 42  
ASN C    C  N N 43  
ASN O    O  N N 44  
ASN CB   C  N N 45  
ASN CG   C  N N 46  
ASN OD1  O  N N 47  
ASN ND2  N  N N 48  
ASN OXT  O  N N 49  
ASN H    H  N N 50  
ASN H2   H  N N 51  
ASN HA   H  N N 52  
ASN HB2  H  N N 53  
ASN HB3  H  N N 54  
ASN HD21 H  N N 55  
ASN HD22 H  N N 56  
ASN HXT  H  N N 57  
ASP N    N  N N 58  
ASP CA   C  N S 59  
ASP C    C  N N 60  
ASP O    O  N N 61  
ASP CB   C  N N 62  
ASP CG   C  N N 63  
ASP OD1  O  N N 64  
ASP OD2  O  N N 65  
ASP OXT  O  N N 66  
ASP H    H  N N 67  
ASP H2   H  N N 68  
ASP HA   H  N N 69  
ASP HB2  H  N N 70  
ASP HB3  H  N N 71  
ASP HD2  H  N N 72  
ASP HXT  H  N N 73  
CD  CD   CD N N 74  
CYS N    N  N N 75  
CYS CA   C  N R 76  
CYS C    C  N N 77  
CYS O    O  N N 78  
CYS CB   C  N N 79  
CYS SG   S  N N 80  
CYS OXT  O  N N 81  
CYS H    H  N N 82  
CYS H2   H  N N 83  
CYS HA   H  N N 84  
CYS HB2  H  N N 85  
CYS HB3  H  N N 86  
CYS HG   H  N N 87  
CYS HXT  H  N N 88  
GLN N    N  N N 89  
GLN CA   C  N S 90  
GLN C    C  N N 91  
GLN O    O  N N 92  
GLN CB   C  N N 93  
GLN CG   C  N N 94  
GLN CD   C  N N 95  
GLN OE1  O  N N 96  
GLN NE2  N  N N 97  
GLN OXT  O  N N 98  
GLN H    H  N N 99  
GLN H2   H  N N 100 
GLN HA   H  N N 101 
GLN HB2  H  N N 102 
GLN HB3  H  N N 103 
GLN HG2  H  N N 104 
GLN HG3  H  N N 105 
GLN HE21 H  N N 106 
GLN HE22 H  N N 107 
GLN HXT  H  N N 108 
GLU N    N  N N 109 
GLU CA   C  N S 110 
GLU C    C  N N 111 
GLU O    O  N N 112 
GLU CB   C  N N 113 
GLU CG   C  N N 114 
GLU CD   C  N N 115 
GLU OE1  O  N N 116 
GLU OE2  O  N N 117 
GLU OXT  O  N N 118 
GLU H    H  N N 119 
GLU H2   H  N N 120 
GLU HA   H  N N 121 
GLU HB2  H  N N 122 
GLU HB3  H  N N 123 
GLU HG2  H  N N 124 
GLU HG3  H  N N 125 
GLU HE2  H  N N 126 
GLU HXT  H  N N 127 
GLY N    N  N N 128 
GLY CA   C  N N 129 
GLY C    C  N N 130 
GLY O    O  N N 131 
GLY OXT  O  N N 132 
GLY H    H  N N 133 
GLY H2   H  N N 134 
GLY HA2  H  N N 135 
GLY HA3  H  N N 136 
GLY HXT  H  N N 137 
HIS N    N  N N 138 
HIS CA   C  N S 139 
HIS C    C  N N 140 
HIS O    O  N N 141 
HIS CB   C  N N 142 
HIS CG   C  Y N 143 
HIS ND1  N  Y N 144 
HIS CD2  C  Y N 145 
HIS CE1  C  Y N 146 
HIS NE2  N  Y N 147 
HIS OXT  O  N N 148 
HIS H    H  N N 149 
HIS H2   H  N N 150 
HIS HA   H  N N 151 
HIS HB2  H  N N 152 
HIS HB3  H  N N 153 
HIS HD1  H  N N 154 
HIS HD2  H  N N 155 
HIS HE1  H  N N 156 
HIS HE2  H  N N 157 
HIS HXT  H  N N 158 
HOH O    O  N N 159 
HOH H1   H  N N 160 
HOH H2   H  N N 161 
ILE N    N  N N 162 
ILE CA   C  N S 163 
ILE C    C  N N 164 
ILE O    O  N N 165 
ILE CB   C  N S 166 
ILE CG1  C  N N 167 
ILE CG2  C  N N 168 
ILE CD1  C  N N 169 
ILE OXT  O  N N 170 
ILE H    H  N N 171 
ILE H2   H  N N 172 
ILE HA   H  N N 173 
ILE HB   H  N N 174 
ILE HG12 H  N N 175 
ILE HG13 H  N N 176 
ILE HG21 H  N N 177 
ILE HG22 H  N N 178 
ILE HG23 H  N N 179 
ILE HD11 H  N N 180 
ILE HD12 H  N N 181 
ILE HD13 H  N N 182 
ILE HXT  H  N N 183 
LEU N    N  N N 184 
LEU CA   C  N S 185 
LEU C    C  N N 186 
LEU O    O  N N 187 
LEU CB   C  N N 188 
LEU CG   C  N N 189 
LEU CD1  C  N N 190 
LEU CD2  C  N N 191 
LEU OXT  O  N N 192 
LEU H    H  N N 193 
LEU H2   H  N N 194 
LEU HA   H  N N 195 
LEU HB2  H  N N 196 
LEU HB3  H  N N 197 
LEU HG   H  N N 198 
LEU HD11 H  N N 199 
LEU HD12 H  N N 200 
LEU HD13 H  N N 201 
LEU HD21 H  N N 202 
LEU HD22 H  N N 203 
LEU HD23 H  N N 204 
LEU HXT  H  N N 205 
LYS N    N  N N 206 
LYS CA   C  N S 207 
LYS C    C  N N 208 
LYS O    O  N N 209 
LYS CB   C  N N 210 
LYS CG   C  N N 211 
LYS CD   C  N N 212 
LYS CE   C  N N 213 
LYS NZ   N  N N 214 
LYS OXT  O  N N 215 
LYS H    H  N N 216 
LYS H2   H  N N 217 
LYS HA   H  N N 218 
LYS HB2  H  N N 219 
LYS HB3  H  N N 220 
LYS HG2  H  N N 221 
LYS HG3  H  N N 222 
LYS HD2  H  N N 223 
LYS HD3  H  N N 224 
LYS HE2  H  N N 225 
LYS HE3  H  N N 226 
LYS HZ1  H  N N 227 
LYS HZ2  H  N N 228 
LYS HZ3  H  N N 229 
LYS HXT  H  N N 230 
MET N    N  N N 231 
MET CA   C  N S 232 
MET C    C  N N 233 
MET O    O  N N 234 
MET CB   C  N N 235 
MET CG   C  N N 236 
MET SD   S  N N 237 
MET CE   C  N N 238 
MET OXT  O  N N 239 
MET H    H  N N 240 
MET H2   H  N N 241 
MET HA   H  N N 242 
MET HB2  H  N N 243 
MET HB3  H  N N 244 
MET HG2  H  N N 245 
MET HG3  H  N N 246 
MET HE1  H  N N 247 
MET HE2  H  N N 248 
MET HE3  H  N N 249 
MET HXT  H  N N 250 
NWY N1   N  Y N 251 
NWY C4   C  Y N 252 
NWY C5   C  N N 253 
NWY C6   C  N N 254 
NWY C7   C  N N 255 
NWY C8   C  N N 256 
NWY C10  C  N N 257 
NWY N    N  N N 258 
NWY C    C  N N 259 
NWY O    O  N N 260 
NWY C1   C  Y N 261 
NWY C11  C  Y N 262 
NWY C2   C  Y N 263 
NWY C3   C  Y N 264 
NWY C9   C  N N 265 
NWY H1   H  N N 266 
NWY H2   H  N N 267 
NWY H3   H  N N 268 
NWY H4   H  N N 269 
NWY H5   H  N N 270 
NWY H6   H  N N 271 
NWY H7   H  N N 272 
NWY H8   H  N N 273 
NWY H9   H  N N 274 
NWY H10  H  N N 275 
NWY H11  H  N N 276 
NWY H12  H  N N 277 
NWY H13  H  N N 278 
NWY H14  H  N N 279 
NWY H15  H  N N 280 
NWY H16  H  N N 281 
PHE N    N  N N 282 
PHE CA   C  N S 283 
PHE C    C  N N 284 
PHE O    O  N N 285 
PHE CB   C  N N 286 
PHE CG   C  Y N 287 
PHE CD1  C  Y N 288 
PHE CD2  C  Y N 289 
PHE CE1  C  Y N 290 
PHE CE2  C  Y N 291 
PHE CZ   C  Y N 292 
PHE OXT  O  N N 293 
PHE H    H  N N 294 
PHE H2   H  N N 295 
PHE HA   H  N N 296 
PHE HB2  H  N N 297 
PHE HB3  H  N N 298 
PHE HD1  H  N N 299 
PHE HD2  H  N N 300 
PHE HE1  H  N N 301 
PHE HE2  H  N N 302 
PHE HZ   H  N N 303 
PHE HXT  H  N N 304 
PRO N    N  N N 305 
PRO CA   C  N S 306 
PRO C    C  N N 307 
PRO O    O  N N 308 
PRO CB   C  N N 309 
PRO CG   C  N N 310 
PRO CD   C  N N 311 
PRO OXT  O  N N 312 
PRO H    H  N N 313 
PRO HA   H  N N 314 
PRO HB2  H  N N 315 
PRO HB3  H  N N 316 
PRO HG2  H  N N 317 
PRO HG3  H  N N 318 
PRO HD2  H  N N 319 
PRO HD3  H  N N 320 
PRO HXT  H  N N 321 
SER N    N  N N 322 
SER CA   C  N S 323 
SER C    C  N N 324 
SER O    O  N N 325 
SER CB   C  N N 326 
SER OG   O  N N 327 
SER OXT  O  N N 328 
SER H    H  N N 329 
SER H2   H  N N 330 
SER HA   H  N N 331 
SER HB2  H  N N 332 
SER HB3  H  N N 333 
SER HG   H  N N 334 
SER HXT  H  N N 335 
THR N    N  N N 336 
THR CA   C  N S 337 
THR C    C  N N 338 
THR O    O  N N 339 
THR CB   C  N R 340 
THR OG1  O  N N 341 
THR CG2  C  N N 342 
THR OXT  O  N N 343 
THR H    H  N N 344 
THR H2   H  N N 345 
THR HA   H  N N 346 
THR HB   H  N N 347 
THR HG1  H  N N 348 
THR HG21 H  N N 349 
THR HG22 H  N N 350 
THR HG23 H  N N 351 
THR HXT  H  N N 352 
TRP N    N  N N 353 
TRP CA   C  N S 354 
TRP C    C  N N 355 
TRP O    O  N N 356 
TRP CB   C  N N 357 
TRP CG   C  Y N 358 
TRP CD1  C  Y N 359 
TRP CD2  C  Y N 360 
TRP NE1  N  Y N 361 
TRP CE2  C  Y N 362 
TRP CE3  C  Y N 363 
TRP CZ2  C  Y N 364 
TRP CZ3  C  Y N 365 
TRP CH2  C  Y N 366 
TRP OXT  O  N N 367 
TRP H    H  N N 368 
TRP H2   H  N N 369 
TRP HA   H  N N 370 
TRP HB2  H  N N 371 
TRP HB3  H  N N 372 
TRP HD1  H  N N 373 
TRP HE1  H  N N 374 
TRP HE3  H  N N 375 
TRP HZ2  H  N N 376 
TRP HZ3  H  N N 377 
TRP HH2  H  N N 378 
TRP HXT  H  N N 379 
TYR N    N  N N 380 
TYR CA   C  N S 381 
TYR C    C  N N 382 
TYR O    O  N N 383 
TYR CB   C  N N 384 
TYR CG   C  Y N 385 
TYR CD1  C  Y N 386 
TYR CD2  C  Y N 387 
TYR CE1  C  Y N 388 
TYR CE2  C  Y N 389 
TYR CZ   C  Y N 390 
TYR OH   O  N N 391 
TYR OXT  O  N N 392 
TYR H    H  N N 393 
TYR H2   H  N N 394 
TYR HA   H  N N 395 
TYR HB2  H  N N 396 
TYR HB3  H  N N 397 
TYR HD1  H  N N 398 
TYR HD2  H  N N 399 
TYR HE1  H  N N 400 
TYR HE2  H  N N 401 
TYR HH   H  N N 402 
TYR HXT  H  N N 403 
VAL N    N  N N 404 
VAL CA   C  N S 405 
VAL C    C  N N 406 
VAL O    O  N N 407 
VAL CB   C  N N 408 
VAL CG1  C  N N 409 
VAL CG2  C  N N 410 
VAL OXT  O  N N 411 
VAL H    H  N N 412 
VAL H2   H  N N 413 
VAL HA   H  N N 414 
VAL HB   H  N N 415 
VAL HG11 H  N N 416 
VAL HG12 H  N N 417 
VAL HG13 H  N N 418 
VAL HG21 H  N N 419 
VAL HG22 H  N N 420 
VAL HG23 H  N N 421 
VAL HXT  H  N N 422 
# 
loop_
_chem_comp_bond.comp_id 
_chem_comp_bond.atom_id_1 
_chem_comp_bond.atom_id_2 
_chem_comp_bond.value_order 
_chem_comp_bond.pdbx_aromatic_flag 
_chem_comp_bond.pdbx_stereo_config 
_chem_comp_bond.pdbx_ordinal 
ALA N   CA   sing N N 1   
ALA N   H    sing N N 2   
ALA N   H2   sing N N 3   
ALA CA  C    sing N N 4   
ALA CA  CB   sing N N 5   
ALA CA  HA   sing N N 6   
ALA C   O    doub N N 7   
ALA C   OXT  sing N N 8   
ALA CB  HB1  sing N N 9   
ALA CB  HB2  sing N N 10  
ALA CB  HB3  sing N N 11  
ALA OXT HXT  sing N N 12  
ARG N   CA   sing N N 13  
ARG N   H    sing N N 14  
ARG N   H2   sing N N 15  
ARG CA  C    sing N N 16  
ARG CA  CB   sing N N 17  
ARG CA  HA   sing N N 18  
ARG C   O    doub N N 19  
ARG C   OXT  sing N N 20  
ARG CB  CG   sing N N 21  
ARG CB  HB2  sing N N 22  
ARG CB  HB3  sing N N 23  
ARG CG  CD   sing N N 24  
ARG CG  HG2  sing N N 25  
ARG CG  HG3  sing N N 26  
ARG CD  NE   sing N N 27  
ARG CD  HD2  sing N N 28  
ARG CD  HD3  sing N N 29  
ARG NE  CZ   sing N N 30  
ARG NE  HE   sing N N 31  
ARG CZ  NH1  sing N N 32  
ARG CZ  NH2  doub N N 33  
ARG NH1 HH11 sing N N 34  
ARG NH1 HH12 sing N N 35  
ARG NH2 HH21 sing N N 36  
ARG NH2 HH22 sing N N 37  
ARG OXT HXT  sing N N 38  
ASN N   CA   sing N N 39  
ASN N   H    sing N N 40  
ASN N   H2   sing N N 41  
ASN CA  C    sing N N 42  
ASN CA  CB   sing N N 43  
ASN CA  HA   sing N N 44  
ASN C   O    doub N N 45  
ASN C   OXT  sing N N 46  
ASN CB  CG   sing N N 47  
ASN CB  HB2  sing N N 48  
ASN CB  HB3  sing N N 49  
ASN CG  OD1  doub N N 50  
ASN CG  ND2  sing N N 51  
ASN ND2 HD21 sing N N 52  
ASN ND2 HD22 sing N N 53  
ASN OXT HXT  sing N N 54  
ASP N   CA   sing N N 55  
ASP N   H    sing N N 56  
ASP N   H2   sing N N 57  
ASP CA  C    sing N N 58  
ASP CA  CB   sing N N 59  
ASP CA  HA   sing N N 60  
ASP C   O    doub N N 61  
ASP C   OXT  sing N N 62  
ASP CB  CG   sing N N 63  
ASP CB  HB2  sing N N 64  
ASP CB  HB3  sing N N 65  
ASP CG  OD1  doub N N 66  
ASP CG  OD2  sing N N 67  
ASP OD2 HD2  sing N N 68  
ASP OXT HXT  sing N N 69  
CYS N   CA   sing N N 70  
CYS N   H    sing N N 71  
CYS N   H2   sing N N 72  
CYS CA  C    sing N N 73  
CYS CA  CB   sing N N 74  
CYS CA  HA   sing N N 75  
CYS C   O    doub N N 76  
CYS C   OXT  sing N N 77  
CYS CB  SG   sing N N 78  
CYS CB  HB2  sing N N 79  
CYS CB  HB3  sing N N 80  
CYS SG  HG   sing N N 81  
CYS OXT HXT  sing N N 82  
GLN N   CA   sing N N 83  
GLN N   H    sing N N 84  
GLN N   H2   sing N N 85  
GLN CA  C    sing N N 86  
GLN CA  CB   sing N N 87  
GLN CA  HA   sing N N 88  
GLN C   O    doub N N 89  
GLN C   OXT  sing N N 90  
GLN CB  CG   sing N N 91  
GLN CB  HB2  sing N N 92  
GLN CB  HB3  sing N N 93  
GLN CG  CD   sing N N 94  
GLN CG  HG2  sing N N 95  
GLN CG  HG3  sing N N 96  
GLN CD  OE1  doub N N 97  
GLN CD  NE2  sing N N 98  
GLN NE2 HE21 sing N N 99  
GLN NE2 HE22 sing N N 100 
GLN OXT HXT  sing N N 101 
GLU N   CA   sing N N 102 
GLU N   H    sing N N 103 
GLU N   H2   sing N N 104 
GLU CA  C    sing N N 105 
GLU CA  CB   sing N N 106 
GLU CA  HA   sing N N 107 
GLU C   O    doub N N 108 
GLU C   OXT  sing N N 109 
GLU CB  CG   sing N N 110 
GLU CB  HB2  sing N N 111 
GLU CB  HB3  sing N N 112 
GLU CG  CD   sing N N 113 
GLU CG  HG2  sing N N 114 
GLU CG  HG3  sing N N 115 
GLU CD  OE1  doub N N 116 
GLU CD  OE2  sing N N 117 
GLU OE2 HE2  sing N N 118 
GLU OXT HXT  sing N N 119 
GLY N   CA   sing N N 120 
GLY N   H    sing N N 121 
GLY N   H2   sing N N 122 
GLY CA  C    sing N N 123 
GLY CA  HA2  sing N N 124 
GLY CA  HA3  sing N N 125 
GLY C   O    doub N N 126 
GLY C   OXT  sing N N 127 
GLY OXT HXT  sing N N 128 
HIS N   CA   sing N N 129 
HIS N   H    sing N N 130 
HIS N   H2   sing N N 131 
HIS CA  C    sing N N 132 
HIS CA  CB   sing N N 133 
HIS CA  HA   sing N N 134 
HIS C   O    doub N N 135 
HIS C   OXT  sing N N 136 
HIS CB  CG   sing N N 137 
HIS CB  HB2  sing N N 138 
HIS CB  HB3  sing N N 139 
HIS CG  ND1  sing Y N 140 
HIS CG  CD2  doub Y N 141 
HIS ND1 CE1  doub Y N 142 
HIS ND1 HD1  sing N N 143 
HIS CD2 NE2  sing Y N 144 
HIS CD2 HD2  sing N N 145 
HIS CE1 NE2  sing Y N 146 
HIS CE1 HE1  sing N N 147 
HIS NE2 HE2  sing N N 148 
HIS OXT HXT  sing N N 149 
HOH O   H1   sing N N 150 
HOH O   H2   sing N N 151 
ILE N   CA   sing N N 152 
ILE N   H    sing N N 153 
ILE N   H2   sing N N 154 
ILE CA  C    sing N N 155 
ILE CA  CB   sing N N 156 
ILE CA  HA   sing N N 157 
ILE C   O    doub N N 158 
ILE C   OXT  sing N N 159 
ILE CB  CG1  sing N N 160 
ILE CB  CG2  sing N N 161 
ILE CB  HB   sing N N 162 
ILE CG1 CD1  sing N N 163 
ILE CG1 HG12 sing N N 164 
ILE CG1 HG13 sing N N 165 
ILE CG2 HG21 sing N N 166 
ILE CG2 HG22 sing N N 167 
ILE CG2 HG23 sing N N 168 
ILE CD1 HD11 sing N N 169 
ILE CD1 HD12 sing N N 170 
ILE CD1 HD13 sing N N 171 
ILE OXT HXT  sing N N 172 
LEU N   CA   sing N N 173 
LEU N   H    sing N N 174 
LEU N   H2   sing N N 175 
LEU CA  C    sing N N 176 
LEU CA  CB   sing N N 177 
LEU CA  HA   sing N N 178 
LEU C   O    doub N N 179 
LEU C   OXT  sing N N 180 
LEU CB  CG   sing N N 181 
LEU CB  HB2  sing N N 182 
LEU CB  HB3  sing N N 183 
LEU CG  CD1  sing N N 184 
LEU CG  CD2  sing N N 185 
LEU CG  HG   sing N N 186 
LEU CD1 HD11 sing N N 187 
LEU CD1 HD12 sing N N 188 
LEU CD1 HD13 sing N N 189 
LEU CD2 HD21 sing N N 190 
LEU CD2 HD22 sing N N 191 
LEU CD2 HD23 sing N N 192 
LEU OXT HXT  sing N N 193 
LYS N   CA   sing N N 194 
LYS N   H    sing N N 195 
LYS N   H2   sing N N 196 
LYS CA  C    sing N N 197 
LYS CA  CB   sing N N 198 
LYS CA  HA   sing N N 199 
LYS C   O    doub N N 200 
LYS C   OXT  sing N N 201 
LYS CB  CG   sing N N 202 
LYS CB  HB2  sing N N 203 
LYS CB  HB3  sing N N 204 
LYS CG  CD   sing N N 205 
LYS CG  HG2  sing N N 206 
LYS CG  HG3  sing N N 207 
LYS CD  CE   sing N N 208 
LYS CD  HD2  sing N N 209 
LYS CD  HD3  sing N N 210 
LYS CE  NZ   sing N N 211 
LYS CE  HE2  sing N N 212 
LYS CE  HE3  sing N N 213 
LYS NZ  HZ1  sing N N 214 
LYS NZ  HZ2  sing N N 215 
LYS NZ  HZ3  sing N N 216 
LYS OXT HXT  sing N N 217 
MET N   CA   sing N N 218 
MET N   H    sing N N 219 
MET N   H2   sing N N 220 
MET CA  C    sing N N 221 
MET CA  CB   sing N N 222 
MET CA  HA   sing N N 223 
MET C   O    doub N N 224 
MET C   OXT  sing N N 225 
MET CB  CG   sing N N 226 
MET CB  HB2  sing N N 227 
MET CB  HB3  sing N N 228 
MET CG  SD   sing N N 229 
MET CG  HG2  sing N N 230 
MET CG  HG3  sing N N 231 
MET SD  CE   sing N N 232 
MET CE  HE1  sing N N 233 
MET CE  HE2  sing N N 234 
MET CE  HE3  sing N N 235 
MET OXT HXT  sing N N 236 
NWY C8  C9   sing N N 237 
NWY C8  C7   sing N N 238 
NWY C9  C10  sing N N 239 
NWY C7  C10  sing N N 240 
NWY C7  C6   sing N N 241 
NWY C   C1   sing N N 242 
NWY C6  O    doub N N 243 
NWY C6  N    sing N N 244 
NWY N1  C1   doub Y N 245 
NWY N1  C11  sing Y N 246 
NWY C1  C2   sing Y N 247 
NWY C11 C4   doub Y N 248 
NWY N   C5   sing N N 249 
NWY C2  C3   doub Y N 250 
NWY C4  C3   sing Y N 251 
NWY C4  C5   sing N N 252 
NWY C5  H1   sing N N 253 
NWY C5  H2   sing N N 254 
NWY C7  H3   sing N N 255 
NWY C8  H4   sing N N 256 
NWY C8  H5   sing N N 257 
NWY C10 H6   sing N N 258 
NWY C10 H7   sing N N 259 
NWY N   H8   sing N N 260 
NWY C   H9   sing N N 261 
NWY C   H10  sing N N 262 
NWY C   H11  sing N N 263 
NWY C11 H12  sing N N 264 
NWY C2  H13  sing N N 265 
NWY C3  H14  sing N N 266 
NWY C9  H15  sing N N 267 
NWY C9  H16  sing N N 268 
PHE N   CA   sing N N 269 
PHE N   H    sing N N 270 
PHE N   H2   sing N N 271 
PHE CA  C    sing N N 272 
PHE CA  CB   sing N N 273 
PHE CA  HA   sing N N 274 
PHE C   O    doub N N 275 
PHE C   OXT  sing N N 276 
PHE CB  CG   sing N N 277 
PHE CB  HB2  sing N N 278 
PHE CB  HB3  sing N N 279 
PHE CG  CD1  doub Y N 280 
PHE CG  CD2  sing Y N 281 
PHE CD1 CE1  sing Y N 282 
PHE CD1 HD1  sing N N 283 
PHE CD2 CE2  doub Y N 284 
PHE CD2 HD2  sing N N 285 
PHE CE1 CZ   doub Y N 286 
PHE CE1 HE1  sing N N 287 
PHE CE2 CZ   sing Y N 288 
PHE CE2 HE2  sing N N 289 
PHE CZ  HZ   sing N N 290 
PHE OXT HXT  sing N N 291 
PRO N   CA   sing N N 292 
PRO N   CD   sing N N 293 
PRO N   H    sing N N 294 
PRO CA  C    sing N N 295 
PRO CA  CB   sing N N 296 
PRO CA  HA   sing N N 297 
PRO C   O    doub N N 298 
PRO C   OXT  sing N N 299 
PRO CB  CG   sing N N 300 
PRO CB  HB2  sing N N 301 
PRO CB  HB3  sing N N 302 
PRO CG  CD   sing N N 303 
PRO CG  HG2  sing N N 304 
PRO CG  HG3  sing N N 305 
PRO CD  HD2  sing N N 306 
PRO CD  HD3  sing N N 307 
PRO OXT HXT  sing N N 308 
SER N   CA   sing N N 309 
SER N   H    sing N N 310 
SER N   H2   sing N N 311 
SER CA  C    sing N N 312 
SER CA  CB   sing N N 313 
SER CA  HA   sing N N 314 
SER C   O    doub N N 315 
SER C   OXT  sing N N 316 
SER CB  OG   sing N N 317 
SER CB  HB2  sing N N 318 
SER CB  HB3  sing N N 319 
SER OG  HG   sing N N 320 
SER OXT HXT  sing N N 321 
THR N   CA   sing N N 322 
THR N   H    sing N N 323 
THR N   H2   sing N N 324 
THR CA  C    sing N N 325 
THR CA  CB   sing N N 326 
THR CA  HA   sing N N 327 
THR C   O    doub N N 328 
THR C   OXT  sing N N 329 
THR CB  OG1  sing N N 330 
THR CB  CG2  sing N N 331 
THR CB  HB   sing N N 332 
THR OG1 HG1  sing N N 333 
THR CG2 HG21 sing N N 334 
THR CG2 HG22 sing N N 335 
THR CG2 HG23 sing N N 336 
THR OXT HXT  sing N N 337 
TRP N   CA   sing N N 338 
TRP N   H    sing N N 339 
TRP N   H2   sing N N 340 
TRP CA  C    sing N N 341 
TRP CA  CB   sing N N 342 
TRP CA  HA   sing N N 343 
TRP C   O    doub N N 344 
TRP C   OXT  sing N N 345 
TRP CB  CG   sing N N 346 
TRP CB  HB2  sing N N 347 
TRP CB  HB3  sing N N 348 
TRP CG  CD1  doub Y N 349 
TRP CG  CD2  sing Y N 350 
TRP CD1 NE1  sing Y N 351 
TRP CD1 HD1  sing N N 352 
TRP CD2 CE2  doub Y N 353 
TRP CD2 CE3  sing Y N 354 
TRP NE1 CE2  sing Y N 355 
TRP NE1 HE1  sing N N 356 
TRP CE2 CZ2  sing Y N 357 
TRP CE3 CZ3  doub Y N 358 
TRP CE3 HE3  sing N N 359 
TRP CZ2 CH2  doub Y N 360 
TRP CZ2 HZ2  sing N N 361 
TRP CZ3 CH2  sing Y N 362 
TRP CZ3 HZ3  sing N N 363 
TRP CH2 HH2  sing N N 364 
TRP OXT HXT  sing N N 365 
TYR N   CA   sing N N 366 
TYR N   H    sing N N 367 
TYR N   H2   sing N N 368 
TYR CA  C    sing N N 369 
TYR CA  CB   sing N N 370 
TYR CA  HA   sing N N 371 
TYR C   O    doub N N 372 
TYR C   OXT  sing N N 373 
TYR CB  CG   sing N N 374 
TYR CB  HB2  sing N N 375 
TYR CB  HB3  sing N N 376 
TYR CG  CD1  doub Y N 377 
TYR CG  CD2  sing Y N 378 
TYR CD1 CE1  sing Y N 379 
TYR CD1 HD1  sing N N 380 
TYR CD2 CE2  doub Y N 381 
TYR CD2 HD2  sing N N 382 
TYR CE1 CZ   doub Y N 383 
TYR CE1 HE1  sing N N 384 
TYR CE2 CZ   sing Y N 385 
TYR CE2 HE2  sing N N 386 
TYR CZ  OH   sing N N 387 
TYR OH  HH   sing N N 388 
TYR OXT HXT  sing N N 389 
VAL N   CA   sing N N 390 
VAL N   H    sing N N 391 
VAL N   H2   sing N N 392 
VAL CA  C    sing N N 393 
VAL CA  CB   sing N N 394 
VAL CA  HA   sing N N 395 
VAL C   O    doub N N 396 
VAL C   OXT  sing N N 397 
VAL CB  CG1  sing N N 398 
VAL CB  CG2  sing N N 399 
VAL CB  HB   sing N N 400 
VAL CG1 HG11 sing N N 401 
VAL CG1 HG12 sing N N 402 
VAL CG1 HG13 sing N N 403 
VAL CG2 HG21 sing N N 404 
VAL CG2 HG22 sing N N 405 
VAL CG2 HG23 sing N N 406 
VAL OXT HXT  sing N N 407 
# 
_pdbx_deposit_group.group_id            G_1002080 
_pdbx_deposit_group.group_description   
;Human Brachyury screened against the DSI-poised Fragment Library by X-ray Crystallography at the XChem facility of Diamond Light Source beamline I04-1
;
_pdbx_deposit_group.group_title         'PanDDA analysis group deposition' 
_pdbx_deposit_group.group_type          'changed state' 
# 
_pdbx_entity_instance_feature.ordinal        1 
_pdbx_entity_instance_feature.comp_id        NWY 
_pdbx_entity_instance_feature.asym_id        ? 
_pdbx_entity_instance_feature.seq_num        ? 
_pdbx_entity_instance_feature.auth_comp_id   NWY 
_pdbx_entity_instance_feature.auth_asym_id   ? 
_pdbx_entity_instance_feature.auth_seq_num   ? 
_pdbx_entity_instance_feature.feature_type   'SUBJECT OF INVESTIGATION' 
_pdbx_entity_instance_feature.details        ? 
# 
_atom_sites.entry_id                    5QRL 
_atom_sites.fract_transf_matrix[1][1]   0.00279691 
_atom_sites.fract_transf_matrix[1][2]   -0.00187440 
_atom_sites.fract_transf_matrix[1][3]   0.01629377 
_atom_sites.fract_transf_matrix[2][1]   0.01604379 
_atom_sites.fract_transf_matrix[2][2]   0.00374466 
_atom_sites.fract_transf_matrix[2][3]   -0.00232322 
_atom_sites.fract_transf_matrix[3][1]   -0.00185665 
_atom_sites.fract_transf_matrix[3][2]   0.00877899 
_atom_sites.fract_transf_matrix[3][3]   0.00132862 
_atom_sites.fract_transf_vector[1]      0.344719 
_atom_sites.fract_transf_vector[2]      -0.021101 
_atom_sites.fract_transf_vector[3]      0.060382 
# 
loop_
_atom_type.symbol 
C  
CD 
N  
O  
S  
# 
loop_
_atom_site.group_PDB 
_atom_site.id 
_atom_site.type_symbol 
_atom_site.label_atom_id 
_atom_site.label_alt_id 
_atom_site.label_comp_id 
_atom_site.label_asym_id 
_atom_site.label_entity_id 
_atom_site.label_seq_id 
_atom_site.pdbx_PDB_ins_code 
_atom_site.Cartn_x 
_atom_site.Cartn_y 
_atom_site.Cartn_z 
_atom_site.occupancy 
_atom_site.B_iso_or_equiv 
_atom_site.pdbx_formal_charge 
_atom_site.auth_seq_id 
_atom_site.auth_comp_id 
_atom_site.auth_asym_id 
_atom_site.auth_atom_id 
_atom_site.pdbx_PDB_model_num 
ATOM   1    N  N   . GLU A 1 2   ? -12.315 2.300   21.036  1.00 78.94  ? 41  GLU A N   1 
ATOM   2    C  CA  . GLU A 1 2   ? -11.095 1.645   20.466  1.00 77.55  ? 41  GLU A CA  1 
ATOM   3    C  C   . GLU A 1 2   ? -10.894 2.230   19.046  1.00 68.60  ? 41  GLU A C   1 
ATOM   4    O  O   . GLU A 1 2   ? -11.888 2.426   18.310  1.00 63.36  ? 41  GLU A O   1 
ATOM   5    C  CB  . GLU A 1 2   ? -11.252 0.109   20.588  1.00 77.77  ? 41  GLU A CB  1 
ATOM   6    C  CG  . GLU A 1 2   ? -10.048 -0.665  21.175  1.00 77.92  ? 41  GLU A CG  1 
ATOM   7    C  CD  . GLU A 1 2   ? -10.061 -1.120  22.642  1.00 83.62  ? 41  GLU A CD  1 
ATOM   8    O  OE1 . GLU A 1 2   ? -9.838  -2.336  22.926  1.00 75.40  ? 41  GLU A OE1 1 
ATOM   9    O  OE2 . GLU A 1 2   ? -10.224 -0.257  23.520  1.00 78.77  ? 41  GLU A OE2 1 
ATOM   10   N  N   . LEU A 1 3   ? -9.657  2.593   18.710  1.00 60.24  ? 42  LEU A N   1 
ATOM   11   C  CA  . LEU A 1 3   ? -9.208  3.031   17.357  1.00 59.61  ? 42  LEU A CA  1 
ATOM   12   C  C   . LEU A 1 3   ? -9.443  1.904   16.335  1.00 55.13  ? 42  LEU A C   1 
ATOM   13   O  O   . LEU A 1 3   ? -8.758  0.894   16.433  1.00 59.25  ? 42  LEU A O   1 
ATOM   14   C  CB  . LEU A 1 3   ? -7.725  3.379   17.485  1.00 59.37  ? 42  LEU A CB  1 
ATOM   15   C  CG  . LEU A 1 3   ? -6.998  3.865   16.235  1.00 61.71  ? 42  LEU A CG  1 
ATOM   16   C  CD1 . LEU A 1 3   ? -7.947  4.502   15.232  1.00 63.05  ? 42  LEU A CD1 1 
ATOM   17   C  CD2 . LEU A 1 3   ? -5.886  4.838   16.628  1.00 60.94  ? 42  LEU A CD2 1 
ATOM   18   N  N   . ARG A 1 4   ? -10.394 2.065   15.413  1.00 46.97  ? 43  ARG A N   1 
ATOM   19   C  CA  . ARG A 1 4   ? -10.795 1.018   14.444  1.00 43.11  ? 43  ARG A CA  1 
ATOM   20   C  C   . ARG A 1 4   ? -10.315 1.434   13.049  1.00 43.64  ? 43  ARG A C   1 
ATOM   21   O  O   . ARG A 1 4   ? -10.667 2.563   12.611  1.00 38.89  ? 43  ARG A O   1 
ATOM   22   C  CB  . ARG A 1 4   ? -12.314 0.824   14.458  1.00 41.26  ? 43  ARG A CB  1 
ATOM   23   N  N   . VAL A 1 5   ? -9.546  0.567   12.382  1.00 47.92  ? 44  VAL A N   1 
ATOM   24   C  CA  . VAL A 1 5   ? -9.087  0.772   10.973  1.00 45.80  ? 44  VAL A CA  1 
ATOM   25   C  C   . VAL A 1 5   ? -9.691  -0.326  10.105  1.00 49.74  ? 44  VAL A C   1 
ATOM   26   O  O   . VAL A 1 5   ? -9.401  -1.494  10.416  1.00 49.04  ? 44  VAL A O   1 
ATOM   27   C  CB  . VAL A 1 5   ? -7.550  0.743   10.872  1.00 49.96  ? 44  VAL A CB  1 
ATOM   28   C  CG1 . VAL A 1 5   ? -7.084  0.883   9.430   1.00 47.13  ? 44  VAL A CG1 1 
ATOM   29   C  CG2 . VAL A 1 5   ? -6.901  1.794   11.758  1.00 47.38  ? 44  VAL A CG2 1 
ATOM   30   N  N   . GLY A 1 6   ? -10.385 0.054   9.025   1.00 48.18  ? 45  GLY A N   1 
ATOM   31   C  CA  . GLY A 1 6   ? -11.045 -0.827  8.045   1.00 50.43  ? 45  GLY A CA  1 
ATOM   32   C  C   . GLY A 1 6   ? -10.745 -0.436  6.600   1.00 49.05  ? 45  GLY A C   1 
ATOM   33   O  O   . GLY A 1 6   ? -10.476 0.751   6.307   1.00 46.06  ? 45  GLY A O   1 
ATOM   34   N  N   . LEU A 1 7   ? -10.804 -1.411  5.696   1.00 46.44  ? 46  LEU A N   1 
ATOM   35   C  CA  . LEU A 1 7   ? -10.478 -1.218  4.271   1.00 43.20  ? 46  LEU A CA  1 
ATOM   36   C  C   . LEU A 1 7   ? -11.753 -0.865  3.499   1.00 44.61  ? 46  LEU A C   1 
ATOM   37   O  O   . LEU A 1 7   ? -12.735 -1.613  3.605   1.00 45.41  ? 46  LEU A O   1 
ATOM   38   C  CB  . LEU A 1 7   ? -9.835  -2.509  3.761   1.00 44.06  ? 46  LEU A CB  1 
ATOM   39   C  CG  . LEU A 1 7   ? -9.526  -2.536  2.270   1.00 38.79  ? 46  LEU A CG  1 
ATOM   40   C  CD1 . LEU A 1 7   ? -8.497  -1.485  1.921   1.00 38.24  ? 46  LEU A CD1 1 
ATOM   41   C  CD2 . LEU A 1 7   ? -9.038  -3.906  1.854   1.00 37.19  ? 46  LEU A CD2 1 
ATOM   42   N  N   . GLU A 1 8   ? -11.754 0.262   2.785   1.00 39.23  ? 47  GLU A N   1 
ATOM   43   C  CA  . GLU A 1 8   ? -12.877 0.656   1.898   1.00 41.39  ? 47  GLU A CA  1 
ATOM   44   C  C   . GLU A 1 8   ? -12.737 -0.154  0.604   1.00 43.07  ? 47  GLU A C   1 
ATOM   45   O  O   . GLU A 1 8   ? -11.580 -0.435  0.208   1.00 41.83  ? 47  GLU A O   1 
ATOM   46   C  CB  . GLU A 1 8   ? -12.880 2.177   1.708   1.00 46.93  ? 47  GLU A CB  1 
ATOM   47   C  CG  . GLU A 1 8   ? -14.014 2.683   0.819   1.00 55.81  ? 47  GLU A CG  1 
ATOM   48   C  CD  . GLU A 1 8   ? -15.356 2.871   1.514   1.00 60.23  ? 47  GLU A CD  1 
ATOM   49   O  OE1 . GLU A 1 8   ? -15.442 2.539   2.708   1.00 68.25  ? 47  GLU A OE1 1 
ATOM   50   O  OE2 . GLU A 1 8   ? -16.315 3.367   0.858   1.00 75.52  ? 47  GLU A OE2 1 
ATOM   51   N  N   . GLU A 1 9   ? -13.863 -0.578  0.017   1.00 42.17  ? 48  GLU A N   1 
ATOM   52   C  CA  . GLU A 1 9   ? -13.925 -1.379  -1.235  1.00 46.40  ? 48  GLU A CA  1 
ATOM   53   C  C   . GLU A 1 9   ? -13.140 -2.688  -1.087  1.00 44.23  ? 48  GLU A C   1 
ATOM   54   O  O   . GLU A 1 9   ? -12.479 -3.091  -2.068  1.00 42.72  ? 48  GLU A O   1 
ATOM   55   C  CB  . GLU A 1 9   ? -13.331 -0.612  -2.422  1.00 48.46  ? 48  GLU A CB  1 
ATOM   56   C  CG  . GLU A 1 9   ? -13.725 0.853   -2.488  1.00 53.93  ? 48  GLU A CG  1 
ATOM   57   C  CD  . GLU A 1 9   ? -13.385 1.547   -3.802  1.00 58.48  ? 48  GLU A CD  1 
ATOM   58   O  OE1 . GLU A 1 9   ? -13.326 0.859   -4.841  1.00 62.37  ? 48  GLU A OE1 1 
ATOM   59   O  OE2 . GLU A 1 9   ? -13.163 2.771   -3.784  1.00 58.77  ? 48  GLU A OE2 1 
ATOM   60   N  N   . SER A 1 10  ? -13.249 -3.404  0.036   1.00 40.71  ? 49  SER A N   1 
ATOM   61   C  CA  . SER A 1 10  ? -12.580 -4.730  0.169   1.00 44.77  ? 49  SER A CA  1 
ATOM   62   C  C   . SER A 1 10  ? -13.093 -5.694  -0.908  1.00 38.99  ? 49  SER A C   1 
ATOM   63   O  O   . SER A 1 10  ? -12.273 -6.478  -1.399  1.00 40.47  ? 49  SER A O   1 
ATOM   64   C  CB  . SER A 1 10  ? -12.721 -5.328  1.560   1.00 44.46  ? 49  SER A CB  1 
ATOM   65   O  OG  . SER A 1 10  ? -14.078 -5.289  1.953   1.00 54.58  ? 49  SER A OG  1 
ATOM   66   N  N   . GLU A 1 11  ? -14.402 -5.697  -1.197  1.00 40.05  ? 50  GLU A N   1 
ATOM   67   C  CA  . GLU A 1 11  ? -15.033 -6.438  -2.336  1.00 49.54  ? 50  GLU A CA  1 
ATOM   68   C  C   . GLU A 1 11  ? -14.091 -6.463  -3.558  1.00 44.61  ? 50  GLU A C   1 
ATOM   69   O  O   . GLU A 1 11  ? -13.805 -7.567  -4.094  1.00 48.88  ? 50  GLU A O   1 
ATOM   70   C  CB  . GLU A 1 11  ? -16.360 -5.771  -2.735  1.00 50.80  ? 50  GLU A CB  1 
ATOM   71   C  CG  . GLU A 1 11  ? -16.654 -5.772  -4.242  1.00 60.76  ? 50  GLU A CG  1 
ATOM   72   C  CD  . GLU A 1 11  ? -17.406 -7.008  -4.701  1.00 63.54  ? 50  GLU A CD  1 
ATOM   73   O  OE1 . GLU A 1 11  ? -17.234 -7.429  -5.849  1.00 58.35  ? 50  GLU A OE1 1 
ATOM   74   O  OE2 . GLU A 1 11  ? -18.172 -7.546  -3.885  1.00 79.58  ? 50  GLU A OE2 1 
ATOM   75   N  N   . LEU A 1 12  ? -13.675 -5.284  -4.007  1.00 41.98  ? 51  LEU A N   1 
ATOM   76   C  CA  . LEU A 1 12  ? -12.932 -5.097  -5.288  1.00 46.51  ? 51  LEU A CA  1 
ATOM   77   C  C   . LEU A 1 12  ? -11.492 -5.590  -5.109  1.00 42.10  ? 51  LEU A C   1 
ATOM   78   O  O   . LEU A 1 12  ? -10.947 -6.286  -5.990  1.00 39.06  ? 51  LEU A O   1 
ATOM   79   C  CB  . LEU A 1 12  ? -12.925 -3.615  -5.677  1.00 49.45  ? 51  LEU A CB  1 
ATOM   80   C  CG  . LEU A 1 12  ? -12.220 -3.331  -7.008  1.00 52.70  ? 51  LEU A CG  1 
ATOM   81   C  CD1 . LEU A 1 12  ? -12.750 -4.248  -8.099  1.00 48.82  ? 51  LEU A CD1 1 
ATOM   82   C  CD2 . LEU A 1 12  ? -12.343 -1.881  -7.417  1.00 54.00  ? 51  LEU A CD2 1 
ATOM   83   N  N   . TRP A 1 13  ? -10.868 -5.211  -4.000  1.00 34.34  ? 52  TRP A N   1 
ATOM   84   C  CA  . TRP A 1 13  ? -9.496  -5.687  -3.695  1.00 32.91  ? 52  TRP A CA  1 
ATOM   85   C  C   . TRP A 1 13  ? -9.474  -7.214  -3.760  1.00 35.90  ? 52  TRP A C   1 
ATOM   86   O  O   . TRP A 1 13  ? -8.479  -7.757  -4.285  1.00 37.56  ? 52  TRP A O   1 
ATOM   87   C  CB  . TRP A 1 13  ? -9.038  -5.205  -2.328  1.00 28.64  ? 52  TRP A CB  1 
ATOM   88   C  CG  . TRP A 1 13  ? -8.531  -3.808  -2.322  1.00 28.16  ? 52  TRP A CG  1 
ATOM   89   C  CD1 . TRP A 1 13  ? -9.173  -2.692  -1.887  1.00 28.64  ? 52  TRP A CD1 1 
ATOM   90   C  CD2 . TRP A 1 13  ? -7.237  -3.378  -2.775  1.00 28.79  ? 52  TRP A CD2 1 
ATOM   91   N  NE1 . TRP A 1 13  ? -8.372  -1.596  -2.032  1.00 31.74  ? 52  TRP A NE1 1 
ATOM   92   C  CE2 . TRP A 1 13  ? -7.180  -1.984  -2.581  1.00 29.38  ? 52  TRP A CE2 1 
ATOM   93   C  CE3 . TRP A 1 13  ? -6.161  -4.023  -3.396  1.00 29.62  ? 52  TRP A CE3 1 
ATOM   94   C  CZ2 . TRP A 1 13  ? -6.052  -1.238  -2.907  1.00 30.81  ? 52  TRP A CZ2 1 
ATOM   95   C  CZ3 . TRP A 1 13  ? -5.044  -3.286  -3.720  1.00 31.23  ? 52  TRP A CZ3 1 
ATOM   96   C  CH2 . TRP A 1 13  ? -4.996  -1.901  -3.485  1.00 31.23  ? 52  TRP A CH2 1 
ATOM   97   N  N   . LEU A 1 14  ? -10.513 -7.875  -3.234  1.00 38.60  ? 53  LEU A N   1 
ATOM   98   C  CA  . LEU A 1 14  ? -10.533 -9.366  -3.145  1.00 44.33  ? 53  LEU A CA  1 
ATOM   99   C  C   . LEU A 1 14  ? -10.581 -9.994  -4.548  1.00 43.23  ? 53  LEU A C   1 
ATOM   100  O  O   . LEU A 1 14  ? -9.902  -11.047 -4.754  1.00 43.79  ? 53  LEU A O   1 
ATOM   101  C  CB  . LEU A 1 14  ? -11.690 -9.822  -2.253  1.00 48.23  ? 53  LEU A CB  1 
ATOM   102  C  CG  . LEU A 1 14  ? -11.327 -10.152 -0.797  1.00 55.80  ? 53  LEU A CG  1 
ATOM   103  C  CD1 . LEU A 1 14  ? -9.979  -9.581  -0.364  1.00 59.94  ? 53  LEU A CD1 1 
ATOM   104  C  CD2 . LEU A 1 14  ? -12.419 -9.697  0.158   1.00 59.54  ? 53  LEU A CD2 1 
ATOM   105  N  N   . ARG A 1 15  ? -11.284 -9.373  -5.501  1.00 42.96  ? 54  ARG A N   1 
ATOM   106  C  CA  . ARG A 1 15  ? -11.248 -9.821  -6.919  1.00 46.60  ? 54  ARG A CA  1 
ATOM   107  C  C   . ARG A 1 15  ? -9.793  -9.826  -7.423  1.00 41.21  ? 54  ARG A C   1 
ATOM   108  O  O   . ARG A 1 15  ? -9.424  -10.800 -8.109  1.00 44.09  ? 54  ARG A O   1 
ATOM   109  C  CB  . ARG A 1 15  ? -12.084 -8.929  -7.845  1.00 54.53  ? 54  ARG A CB  1 
ATOM   110  C  CG  . ARG A 1 15  ? -13.483 -8.610  -7.331  1.00 64.84  ? 54  ARG A CG  1 
ATOM   111  C  CD  . ARG A 1 15  ? -14.555 -9.509  -7.892  1.00 69.45  ? 54  ARG A CD  1 
ATOM   112  N  NE  . ARG A 1 15  ? -14.781 -9.258  -9.307  1.00 68.90  ? 54  ARG A NE  1 
ATOM   113  C  CZ  . ARG A 1 15  ? -15.524 -8.276  -9.802  1.00 67.75  ? 54  ARG A CZ  1 
ATOM   114  N  NH1 . ARG A 1 15  ? -16.113 -7.395  -9.008  1.00 70.52  ? 54  ARG A NH1 1 
ATOM   115  N  NH2 . ARG A 1 15  ? -15.654 -8.169  -11.111 1.00 70.81  ? 54  ARG A NH2 1 
ATOM   116  N  N   . PHE A 1 16  ? -9.019  -8.780  -7.136  1.00 33.44  ? 55  PHE A N   1 
ATOM   117  C  CA  . PHE A 1 16  ? -7.603  -8.633  -7.587  1.00 34.81  ? 55  PHE A CA  1 
ATOM   118  C  C   . PHE A 1 16  ? -6.785  -9.683  -6.871  1.00 37.35  ? 55  PHE A C   1 
ATOM   119  O  O   . PHE A 1 16  ? -5.955  -10.388 -7.504  1.00 36.78  ? 55  PHE A O   1 
ATOM   120  C  CB  . PHE A 1 16  ? -7.030  -7.241  -7.310  1.00 34.98  ? 55  PHE A CB  1 
ATOM   121  C  CG  . PHE A 1 16  ? -7.476  -6.215  -8.321  1.00 33.29  ? 55  PHE A CG  1 
ATOM   122  C  CD1 . PHE A 1 16  ? -6.807  -6.098  -9.533  1.00 35.67  ? 55  PHE A CD1 1 
ATOM   123  C  CD2 . PHE A 1 16  ? -8.575  -5.411  -8.090  1.00 30.22  ? 55  PHE A CD2 1 
ATOM   124  C  CE1 . PHE A 1 16  ? -7.236  -5.182  -10.485 1.00 35.00  ? 55  PHE A CE1 1 
ATOM   125  C  CE2 . PHE A 1 16  ? -8.995  -4.485  -9.031  1.00 33.52  ? 55  PHE A CE2 1 
ATOM   126  C  CZ  . PHE A 1 16  ? -8.341  -4.400  -10.235 1.00 35.59  ? 55  PHE A CZ  1 
ATOM   127  N  N   . LYS A 1 17  ? -7.014  -9.775  -5.547  1.00 36.27  ? 56  LYS A N   1 
ATOM   128  C  CA  . LYS A 1 17  ? -6.239  -10.722 -4.729  1.00 36.03  ? 56  LYS A CA  1 
ATOM   129  C  C   . LYS A 1 17  ? -6.487  -12.137 -5.225  1.00 34.75  ? 56  LYS A C   1 
ATOM   130  O  O   . LYS A 1 17  ? -5.478  -12.865 -5.297  1.00 34.56  ? 56  LYS A O   1 
ATOM   131  C  CB  . LYS A 1 17  ? -6.517  -10.630 -3.227  1.00 38.16  ? 56  LYS A CB  1 
ATOM   132  C  CG  . LYS A 1 17  ? -5.644  -11.604 -2.461  1.00 40.96  ? 56  LYS A CG  1 
ATOM   133  C  CD  . LYS A 1 17  ? -5.448  -11.284 -1.043  1.00 43.95  ? 56  LYS A CD  1 
ATOM   134  C  CE  . LYS A 1 17  ? -4.609  -12.340 -0.374  1.00 40.28  ? 56  LYS A CE  1 
ATOM   135  N  NZ  . LYS A 1 17  ? -4.588  -12.035 1.066   1.00 45.27  ? 56  LYS A NZ  1 
ATOM   136  N  N   . GLU A 1 18  ? -7.733  -12.551 -5.528  1.00 37.00  ? 57  GLU A N   1 
ATOM   137  C  CA  . GLU A 1 18  ? -7.959  -13.980 -5.919  1.00 42.43  ? 57  GLU A CA  1 
ATOM   138  C  C   . GLU A 1 18  ? -7.177  -14.310 -7.204  1.00 39.65  ? 57  GLU A C   1 
ATOM   139  O  O   . GLU A 1 18  ? -6.823  -15.500 -7.350  1.00 41.47  ? 57  GLU A O   1 
ATOM   140  C  CB  . GLU A 1 18  ? -9.429  -14.410 -5.945  1.00 50.75  ? 57  GLU A CB  1 
ATOM   141  C  CG  . GLU A 1 18  ? -10.376 -13.583 -6.780  1.00 62.93  ? 57  GLU A CG  1 
ATOM   142  C  CD  . GLU A 1 18  ? -11.852 -13.830 -6.468  1.00 74.13  ? 57  GLU A CD  1 
ATOM   143  O  OE1 . GLU A 1 18  ? -12.135 -14.582 -5.501  1.00 81.61  ? 57  GLU A OE1 1 
ATOM   144  O  OE2 . GLU A 1 18  ? -12.731 -13.267 -7.181  1.00 60.01  ? 57  GLU A OE2 1 
ATOM   145  N  N   . LEU A 1 19  ? -6.782  -13.324 -8.025  1.00 41.64  ? 58  LEU A N   1 
ATOM   146  C  CA  . LEU A 1 19  ? -5.974  -13.546 -9.273  1.00 45.58  ? 58  LEU A CA  1 
ATOM   147  C  C   . LEU A 1 19  ? -4.478  -13.369 -9.041  1.00 40.27  ? 58  LEU A C   1 
ATOM   148  O  O   . LEU A 1 19  ? -3.707  -13.530 -10.023 1.00 39.15  ? 58  LEU A O   1 
ATOM   149  C  CB  . LEU A 1 19  ? -6.404  -12.554 -10.356 1.00 43.15  ? 58  LEU A CB  1 
ATOM   150  C  CG  . LEU A 1 19  ? -7.902  -12.495 -10.644 1.00 46.49  ? 58  LEU A CG  1 
ATOM   151  C  CD1 . LEU A 1 19  ? -8.216  -11.320 -11.571 1.00 48.40  ? 58  LEU A CD1 1 
ATOM   152  C  CD2 . LEU A 1 19  ? -8.388  -13.803 -11.243 1.00 48.39  ? 58  LEU A CD2 1 
ATOM   153  N  N   . THR A 1 20  ? -4.076  -12.963 -7.836  1.00 35.47  ? 59  THR A N   1 
ATOM   154  C  CA  . THR A 1 20  ? -2.710  -12.462 -7.514  1.00 33.83  ? 59  THR A CA  1 
ATOM   155  C  C   . THR A 1 20  ? -2.515  -11.048 -8.079  1.00 36.75  ? 59  THR A C   1 
ATOM   156  O  O   . THR A 1 20  ? -2.334  -10.882 -9.316  1.00 35.72  ? 59  THR A O   1 
ATOM   157  C  CB  . THR A 1 20  ? -1.605  -13.383 -8.030  1.00 37.83  ? 59  THR A CB  1 
ATOM   158  O  OG1 . THR A 1 20  ? -1.838  -14.711 -7.567  1.00 37.07  ? 59  THR A OG1 1 
ATOM   159  C  CG2 . THR A 1 20  ? -0.233  -12.916 -7.628  1.00 36.29  ? 59  THR A CG2 1 
ATOM   160  N  N   . ASN A 1 21  ? -2.571  -10.032 -7.224  1.00 32.64  ? 60  ASN A N   1 
ATOM   161  C  CA  . ASN A 1 21  ? -2.610  -8.622  -7.695  1.00 30.95  ? 60  ASN A CA  1 
ATOM   162  C  C   . ASN A 1 21  ? -1.186  -8.235  -8.136  1.00 34.60  ? 60  ASN A C   1 
ATOM   163  O  O   . ASN A 1 21  ? -0.206  -8.783  -7.611  1.00 33.00  ? 60  ASN A O   1 
ATOM   164  C  CB  . ASN A 1 21  ? -3.205  -7.721  -6.610  1.00 31.52  ? 60  ASN A CB  1 
ATOM   165  C  CG  . ASN A 1 21  ? -3.627  -6.356  -7.097  1.00 37.52  ? 60  ASN A CG  1 
ATOM   166  O  OD1 . ASN A 1 21  ? -3.461  -6.020  -8.293  1.00 37.03  ? 60  ASN A OD1 1 
ATOM   167  N  ND2 . ASN A 1 21  ? -4.209  -5.585  -6.181  1.00 36.25  ? 60  ASN A ND2 1 
ATOM   168  N  N   . GLU A 1 22  ? -1.068  -7.341  -9.105  1.00 31.51  ? 61  GLU A N   1 
ATOM   169  C  CA  . GLU A 1 22  ? 0.233   -6.804  -9.582  1.00 31.00  ? 61  GLU A CA  1 
ATOM   170  C  C   . GLU A 1 22  ? 0.099   -5.297  -9.601  1.00 30.95  ? 61  GLU A C   1 
ATOM   171  O  O   . GLU A 1 22  ? -1.051  -4.838  -9.885  1.00 35.00  ? 61  GLU A O   1 
ATOM   172  C  CB  . GLU A 1 22  ? 0.562   -7.312  -10.996 1.00 34.91  ? 61  GLU A CB  1 
ATOM   173  C  CG  . GLU A 1 22  ? 0.301   -8.774  -11.241 1.00 34.43  ? 61  GLU A CG  1 
ATOM   174  C  CD  . GLU A 1 22  ? 0.598   -9.249  -12.661 1.00 34.86  ? 61  GLU A CD  1 
ATOM   175  O  OE1 . GLU A 1 22  ? 0.144   -10.338 -13.010 1.00 35.82  ? 61  GLU A OE1 1 
ATOM   176  O  OE2 . GLU A 1 22  ? 1.346   -8.547  -13.367 1.00 40.06  ? 61  GLU A OE2 1 
ATOM   177  N  N   . MET A 1 23  ? 1.158   -4.573  -9.250  1.00 32.02  ? 62  MET A N   1 
ATOM   178  C  CA  . MET A 1 23  ? 1.232   -3.103  -9.305  1.00 34.71  ? 62  MET A CA  1 
ATOM   179  C  C   . MET A 1 23  ? 2.427   -2.735  -10.160 1.00 34.29  ? 62  MET A C   1 
ATOM   180  O  O   . MET A 1 23  ? 3.503   -3.335  -9.984  1.00 34.17  ? 62  MET A O   1 
ATOM   181  C  CB  . MET A 1 23  ? 1.369   -2.444  -7.922  1.00 34.69  ? 62  MET A CB  1 
ATOM   182  C  CG  . MET A 1 23  ? 0.122   -2.553  -7.105  1.00 39.08  ? 62  MET A CG  1 
ATOM   183  S  SD  . MET A 1 23  ? -1.280  -1.532  -7.675  1.00 35.19  ? 62  MET A SD  1 
ATOM   184  C  CE  . MET A 1 23  ? -2.513  -2.243  -6.583  1.00 33.93  ? 62  MET A CE  1 
ATOM   185  N  N   . ILE A 1 24  ? 2.223   -1.828  -11.118 1.00 33.06  ? 63  ILE A N   1 
ATOM   186  C  CA  . ILE A 1 24  ? 3.331   -1.408  -12.013 1.00 34.33  ? 63  ILE A CA  1 
ATOM   187  C  C   . ILE A 1 24  ? 4.239   -0.455  -11.253 1.00 34.06  ? 63  ILE A C   1 
ATOM   188  O  O   . ILE A 1 24  ? 3.732   0.447   -10.571 1.00 36.53  ? 63  ILE A O   1 
ATOM   189  C  CB  . ILE A 1 24  ? 2.836   -0.723  -13.295 1.00 41.78  ? 63  ILE A CB  1 
ATOM   190  C  CG1 . ILE A 1 24  ? 1.791   -1.555  -14.038 1.00 43.81  ? 63  ILE A CG1 1 
ATOM   191  C  CG2 . ILE A 1 24  ? 4.052   -0.364  -14.142 1.00 44.76  ? 63  ILE A CG2 1 
ATOM   192  C  CD1 . ILE A 1 24  ? 2.347   -2.556  -14.981 1.00 46.10  ? 63  ILE A CD1 1 
ATOM   193  N  N   . VAL A 1 25  ? 5.540   -0.612  -11.462 1.00 36.77  ? 64  VAL A N   1 
ATOM   194  C  CA  . VAL A 1 25  ? 6.579   0.322   -10.969 1.00 39.06  ? 64  VAL A CA  1 
ATOM   195  C  C   . VAL A 1 25  ? 7.344   0.874   -12.182 1.00 41.67  ? 64  VAL A C   1 
ATOM   196  O  O   . VAL A 1 25  ? 7.540   0.134   -13.134 1.00 43.42  ? 64  VAL A O   1 
ATOM   197  C  CB  . VAL A 1 25  ? 7.462   -0.431  -9.974  1.00 38.46  ? 64  VAL A CB  1 
ATOM   198  C  CG1 . VAL A 1 25  ? 6.605   -0.903  -8.811  1.00 40.94  ? 64  VAL A CG1 1 
ATOM   199  C  CG2 . VAL A 1 25  ? 8.162   -1.618  -10.612 1.00 39.11  ? 64  VAL A CG2 1 
ATOM   200  N  N   . THR A 1 26  ? 7.694   2.154   -12.155 1.00 43.28  ? 65  THR A N   1 
ATOM   201  C  CA  . THR A 1 26  ? 8.340   2.876   -13.288 1.00 48.56  ? 65  THR A CA  1 
ATOM   202  C  C   . THR A 1 26  ? 9.485   3.668   -12.675 1.00 53.36  ? 65  THR A C   1 
ATOM   203  O  O   . THR A 1 26  ? 9.455   3.849   -11.439 1.00 44.46  ? 65  THR A O   1 
ATOM   204  C  CB  . THR A 1 26  ? 7.388   3.812   -14.046 1.00 40.90  ? 65  THR A CB  1 
ATOM   205  O  OG1 . THR A 1 26  ? 7.039   4.905   -13.196 1.00 43.95  ? 65  THR A OG1 1 
ATOM   206  C  CG2 . THR A 1 26  ? 6.159   3.120   -14.588 1.00 43.30  ? 65  THR A CG2 1 
ATOM   207  N  N   . LYS A 1 27  ? 10.436  4.135   -13.483 1.00 52.42  ? 66  LYS A N   1 
ATOM   208  C  CA  . LYS A 1 27  ? 11.588  4.924   -12.969 1.00 55.94  ? 66  LYS A CA  1 
ATOM   209  C  C   . LYS A 1 27  ? 11.059  6.219   -12.337 1.00 49.85  ? 66  LYS A C   1 
ATOM   210  O  O   . LYS A 1 27  ? 11.652  6.672   -11.335 1.00 52.16  ? 66  LYS A O   1 
ATOM   211  C  CB  . LYS A 1 27  ? 12.603  5.196   -14.088 1.00 62.90  ? 66  LYS A CB  1 
ATOM   212  C  CG  . LYS A 1 27  ? 13.750  6.125   -13.708 1.00 65.99  ? 66  LYS A CG  1 
ATOM   213  C  CD  . LYS A 1 27  ? 15.083  5.770   -14.370 1.00 83.01  ? 66  LYS A CD  1 
ATOM   214  C  CE  . LYS A 1 27  ? 16.284  6.428   -13.709 1.00 84.58  ? 66  LYS A CE  1 
ATOM   215  N  NZ  . LYS A 1 27  ? 16.318  7.891   -13.960 1.00 85.77  ? 66  LYS A NZ  1 
ATOM   216  N  N   . ASN A 1 28  ? 9.962   6.766   -12.874 1.00 53.77  ? 67  ASN A N   1 
ATOM   217  C  CA  . ASN A 1 28  ? 9.367   8.065   -12.457 1.00 58.91  ? 67  ASN A CA  1 
ATOM   218  C  C   . ASN A 1 28  ? 8.309   7.843   -11.361 1.00 57.20  ? 67  ASN A C   1 
ATOM   219  O  O   . ASN A 1 28  ? 8.068   8.766   -10.540 1.00 43.73  ? 67  ASN A O   1 
ATOM   220  C  CB  . ASN A 1 28  ? 8.779   8.807   -13.660 1.00 65.94  ? 67  ASN A CB  1 
ATOM   221  C  CG  . ASN A 1 28  ? 9.804   9.617   -14.431 1.00 70.90  ? 67  ASN A CG  1 
ATOM   222  O  OD1 . ASN A 1 28  ? 11.012  9.431   -14.285 1.00 64.25  ? 67  ASN A OD1 1 
ATOM   223  N  ND2 . ASN A 1 28  ? 9.321   10.540  -15.248 1.00 83.51  ? 67  ASN A ND2 1 
ATOM   224  N  N   . GLY A 1 29  ? 7.691   6.660   -11.340 1.00 53.55  ? 68  GLY A N   1 
ATOM   225  C  CA  . GLY A 1 29  ? 6.691   6.317   -10.311 1.00 44.94  ? 68  GLY A CA  1 
ATOM   226  C  C   . GLY A 1 29  ? 5.327   6.246   -10.926 1.00 45.18  ? 68  GLY A C   1 
ATOM   227  O  O   . GLY A 1 29  ? 5.012   7.108   -11.775 1.00 51.51  ? 68  GLY A O   1 
ATOM   228  N  N   . ARG A 1 30  ? 4.575   5.221   -10.560 1.00 37.24  ? 69  ARG A N   1 
ATOM   229  C  CA  . ARG A 1 30  ? 3.221   4.935   -11.082 1.00 39.12  ? 69  ARG A CA  1 
ATOM   230  C  C   . ARG A 1 30  ? 2.265   4.926   -9.901  1.00 40.24  ? 69  ARG A C   1 
ATOM   231  O  O   . ARG A 1 30  ? 2.564   4.269   -8.882  1.00 36.39  ? 69  ARG A O   1 
ATOM   232  C  CB  . ARG A 1 30  ? 3.219   3.622   -11.869 1.00 38.81  ? 69  ARG A CB  1 
ATOM   233  C  CG  . ARG A 1 30  ? 1.871   3.235   -12.456 1.00 42.23  ? 69  ARG A CG  1 
ATOM   234  C  CD  . ARG A 1 30  ? 1.437   4.177   -13.582 1.00 42.79  ? 69  ARG A CD  1 
ATOM   235  N  NE  . ARG A 1 30  ? 2.349   4.028   -14.711 1.00 51.95  ? 69  ARG A NE  1 
ATOM   236  C  CZ  . ARG A 1 30  ? 2.233   3.102   -15.670 1.00 51.91  ? 69  ARG A CZ  1 
ATOM   237  N  NH1 . ARG A 1 30  ? 3.126   3.053   -16.642 1.00 58.49  ? 69  ARG A NH1 1 
ATOM   238  N  NH2 . ARG A 1 30  ? 1.234   2.232   -15.659 1.00 49.59  ? 69  ARG A NH2 1 
ATOM   239  N  N   . ARG A 1 31  ? 1.154   5.647   -10.020 1.00 40.74  ? 70  ARG A N   1 
ATOM   240  C  CA  . ARG A 1 31  ? 0.086   5.585   -9.003  1.00 38.40  ? 70  ARG A CA  1 
ATOM   241  C  C   . ARG A 1 31  ? -0.545  4.190   -9.052  1.00 36.46  ? 70  ARG A C   1 
ATOM   242  O  O   . ARG A 1 31  ? -0.467  3.502   -10.090 1.00 38.79  ? 70  ARG A O   1 
ATOM   243  C  CB  . ARG A 1 31  ? -0.923  6.725   -9.178  1.00 40.26  ? 70  ARG A CB  1 
ATOM   244  C  CG  . ARG A 1 31  ? -0.464  7.988   -8.473  1.00 48.28  ? 70  ARG A CG  1 
ATOM   245  C  CD  . ARG A 1 31  ? -0.561  9.249   -9.279  1.00 59.82  ? 70  ARG A CD  1 
ATOM   246  N  NE  . ARG A 1 31  ? -1.855  9.908   -9.197  1.00 67.47  ? 70  ARG A NE  1 
ATOM   247  C  CZ  . ARG A 1 31  ? -2.305  10.794  -10.093 1.00 74.78  ? 70  ARG A CZ  1 
ATOM   248  N  NH1 . ARG A 1 31  ? -1.581  11.099  -11.165 1.00 79.77  ? 70  ARG A NH1 1 
ATOM   249  N  NH2 . ARG A 1 31  ? -3.487  11.358  -9.921  1.00 70.60  ? 70  ARG A NH2 1 
ATOM   250  N  N   . MET A 1 32  ? -1.061  3.773   -7.909  1.00 34.46  ? 71  MET A N   1 
ATOM   251  C  CA  . MET A 1 32  ? -1.696  2.461   -7.639  1.00 33.21  ? 71  MET A CA  1 
ATOM   252  C  C   . MET A 1 32  ? -3.145  2.480   -8.115  1.00 31.63  ? 71  MET A C   1 
ATOM   253  O  O   . MET A 1 32  ? -3.826  3.534   -7.935  1.00 34.54  ? 71  MET A O   1 
ATOM   254  C  CB  . MET A 1 32  ? -1.708  2.227   -6.116  1.00 34.42  ? 71  MET A CB  1 
ATOM   255  C  CG  . MET A 1 32  ? -0.352  1.921   -5.523  1.00 35.56  ? 71  MET A CG  1 
ATOM   256  S  SD  . MET A 1 32  ? -0.448  1.780   -3.716  1.00 34.04  ? 71  MET A SD  1 
ATOM   257  C  CE  . MET A 1 32  ? -1.379  0.262   -3.601  1.00 33.51  ? 71  MET A CE  1 
ATOM   258  N  N   . PHE A 1 33  ? -3.619  1.350   -8.652  1.00 33.29  ? 72  PHE A N   1 
ATOM   259  C  CA  . PHE A 1 33  ? -5.055  1.013   -8.829  1.00 35.60  ? 72  PHE A CA  1 
ATOM   260  C  C   . PHE A 1 33  ? -5.214  -0.462  -8.501  1.00 37.29  ? 72  PHE A C   1 
ATOM   261  O  O   . PHE A 1 33  ? -4.501  -1.300  -9.059  1.00 39.99  ? 72  PHE A O   1 
ATOM   262  C  CB  . PHE A 1 33  ? -5.595  1.224   -10.260 1.00 37.36  ? 72  PHE A CB  1 
ATOM   263  C  CG  . PHE A 1 33  ? -7.088  0.973   -10.334 1.00 37.50  ? 72  PHE A CG  1 
ATOM   264  C  CD1 . PHE A 1 33  ? -7.977  1.941   -9.886  1.00 38.45  ? 72  PHE A CD1 1 
ATOM   265  C  CD2 . PHE A 1 33  ? -7.602  -0.265  -10.691 1.00 38.45  ? 72  PHE A CD2 1 
ATOM   266  C  CE1 . PHE A 1 33  ? -9.344  1.690   -9.838  1.00 36.21  ? 72  PHE A CE1 1 
ATOM   267  C  CE2 . PHE A 1 33  ? -8.974  -0.519  -10.659 1.00 40.20  ? 72  PHE A CE2 1 
ATOM   268  C  CZ  . PHE A 1 33  ? -9.848  0.472   -10.251 1.00 39.05  ? 72  PHE A CZ  1 
ATOM   269  N  N   . PRO A 1 34  ? -6.145  -0.838  -7.618  1.00 37.00  ? 73  PRO A N   1 
ATOM   270  C  CA  . PRO A 1 34  ? -6.926  0.127   -6.854  1.00 36.78  ? 73  PRO A CA  1 
ATOM   271  C  C   . PRO A 1 34  ? -6.063  0.999   -5.924  1.00 31.98  ? 73  PRO A C   1 
ATOM   272  O  O   . PRO A 1 34  ? -4.932  0.677   -5.641  1.00 33.03  ? 73  PRO A O   1 
ATOM   273  C  CB  . PRO A 1 34  ? -7.909  -0.731  -6.055  1.00 39.46  ? 73  PRO A CB  1 
ATOM   274  C  CG  . PRO A 1 34  ? -7.866  -2.084  -6.711  1.00 38.78  ? 73  PRO A CG  1 
ATOM   275  C  CD  . PRO A 1 34  ? -6.503  -2.227  -7.330  1.00 38.98  ? 73  PRO A CD  1 
ATOM   276  N  N   . VAL A 1 35  ? -6.634  2.120   -5.520  1.00 34.68  ? 74  VAL A N   1 
ATOM   277  C  CA  . VAL A 1 35  ? -6.092  3.039   -4.489  1.00 33.18  ? 74  VAL A CA  1 
ATOM   278  C  C   . VAL A 1 35  ? -6.432  2.459   -3.107  1.00 33.17  ? 74  VAL A C   1 
ATOM   279  O  O   . VAL A 1 35  ? -7.593  2.035   -2.882  1.00 31.91  ? 74  VAL A O   1 
ATOM   280  C  CB  . VAL A 1 35  ? -6.712  4.437   -4.644  1.00 38.57  ? 74  VAL A CB  1 
ATOM   281  C  CG1 . VAL A 1 35  ? -6.387  5.324   -3.459  1.00 43.87  ? 74  VAL A CG1 1 
ATOM   282  C  CG2 . VAL A 1 35  ? -6.315  5.096   -5.960  1.00 43.38  ? 74  VAL A CG2 1 
ATOM   283  N  N   . LEU A 1 36  ? -5.495  2.534   -2.191  1.00 34.53  ? 75  LEU A N   1 
ATOM   284  C  CA  . LEU A 1 36  ? -5.781  2.164   -0.778  1.00 35.04  ? 75  LEU A CA  1 
ATOM   285  C  C   . LEU A 1 36  ? -6.652  3.260   -0.146  1.00 35.62  ? 75  LEU A C   1 
ATOM   286  O  O   . LEU A 1 36  ? -6.197  4.436   -0.041  1.00 31.10  ? 75  LEU A O   1 
ATOM   287  C  CB  . LEU A 1 36  ? -4.468  1.978   -0.038  1.00 38.58  ? 75  LEU A CB  1 
ATOM   288  C  CG  . LEU A 1 36  ? -4.601  1.640   1.446   1.00 42.11  ? 75  LEU A CG  1 
ATOM   289  C  CD1 . LEU A 1 36  ? -5.230  0.287   1.646   1.00 43.92  ? 75  LEU A CD1 1 
ATOM   290  C  CD2 . LEU A 1 36  ? -3.245  1.695   2.126   1.00 45.54  ? 75  LEU A CD2 1 
ATOM   291  N  N   . LYS A 1 37  ? -7.869  2.906   0.266   1.00 36.37  ? 76  LYS A N   1 
ATOM   292  C  CA  . LYS A 1 37  ? -8.781  3.837   0.985   1.00 36.95  ? 76  LYS A CA  1 
ATOM   293  C  C   . LYS A 1 37  ? -9.097  3.180   2.325   1.00 37.52  ? 76  LYS A C   1 
ATOM   294  O  O   . LYS A 1 37  ? -9.380  1.941   2.322   1.00 37.71  ? 76  LYS A O   1 
ATOM   295  C  CB  . LYS A 1 37  ? -10.030 4.124   0.156   1.00 44.70  ? 76  LYS A CB  1 
ATOM   296  C  CG  . LYS A 1 37  ? -9.711  4.790   -1.170  1.00 45.23  ? 76  LYS A CG  1 
ATOM   297  C  CD  . LYS A 1 37  ? -10.874 4.903   -2.088  1.00 49.90  ? 76  LYS A CD  1 
ATOM   298  C  CE  . LYS A 1 37  ? -10.439 5.453   -3.430  1.00 56.06  ? 76  LYS A CE  1 
ATOM   299  N  NZ  . LYS A 1 37  ? -11.612 5.848   -4.246  1.00 64.05  ? 76  LYS A NZ  1 
ATOM   300  N  N   . VAL A 1 38  ? -8.951  3.936   3.417   1.00 40.15  ? 77  VAL A N   1 
ATOM   301  C  CA  . VAL A 1 38  ? -9.076  3.388   4.795   1.00 43.33  ? 77  VAL A CA  1 
ATOM   302  C  C   . VAL A 1 38  ? -10.187 4.130   5.547   1.00 43.84  ? 77  VAL A C   1 
ATOM   303  O  O   . VAL A 1 38  ? -10.229 5.358   5.519   1.00 41.44  ? 77  VAL A O   1 
ATOM   304  C  CB  . VAL A 1 38  ? -7.739  3.436   5.556   1.00 45.31  ? 77  VAL A CB  1 
ATOM   305  C  CG1 . VAL A 1 38  ? -6.596  2.860   4.727   1.00 50.55  ? 77  VAL A CG1 1 
ATOM   306  C  CG2 . VAL A 1 38  ? -7.390  4.832   5.996   1.00 53.92  ? 77  VAL A CG2 1 
ATOM   307  N  N   . ASN A 1 39  ? -11.031 3.376   6.230   1.00 39.22  ? 78  ASN A N   1 
ATOM   308  C  CA  . ASN A 1 39  ? -12.053 3.905   7.152   1.00 42.99  ? 78  ASN A CA  1 
ATOM   309  C  C   . ASN A 1 39  ? -11.423 3.889   8.530   1.00 37.61  ? 78  ASN A C   1 
ATOM   310  O  O   . ASN A 1 39  ? -10.838 2.850   8.897   1.00 38.54  ? 78  ASN A O   1 
ATOM   311  C  CB  . ASN A 1 39  ? -13.337 3.082   7.075   1.00 50.79  ? 78  ASN A CB  1 
ATOM   312  C  CG  . ASN A 1 39  ? -13.902 3.046   5.677   1.00 56.77  ? 78  ASN A CG  1 
ATOM   313  O  OD1 . ASN A 1 39  ? -14.191 4.086   5.083   1.00 63.40  ? 78  ASN A OD1 1 
ATOM   314  N  ND2 . ASN A 1 39  ? -14.042 1.849   5.139   1.00 60.29  ? 78  ASN A ND2 1 
ATOM   315  N  N   . VAL A 1 40  ? -11.474 5.017   9.227   1.00 39.24  ? 79  VAL A N   1 
ATOM   316  C  CA  . VAL A 1 40  ? -10.910 5.159   10.590  1.00 41.84  ? 79  VAL A CA  1 
ATOM   317  C  C   . VAL A 1 40  ? -11.995 5.751   11.483  1.00 46.82  ? 79  VAL A C   1 
ATOM   318  O  O   . VAL A 1 40  ? -12.660 6.708   11.043  1.00 50.85  ? 79  VAL A O   1 
ATOM   319  C  CB  . VAL A 1 40  ? -9.653  6.036   10.567  1.00 42.72  ? 79  VAL A CB  1 
ATOM   320  C  CG1 . VAL A 1 40  ? -9.167  6.326   11.966  1.00 46.61  ? 79  VAL A CG1 1 
ATOM   321  C  CG2 . VAL A 1 40  ? -8.565  5.365   9.723   1.00 43.66  ? 79  VAL A CG2 1 
ATOM   322  N  N   . SER A 1 41  ? -12.211 5.125   12.636  1.00 45.28  ? 80  SER A N   1 
ATOM   323  C  CA  . SER A 1 41  ? -13.035 5.671   13.746  1.00 44.79  ? 80  SER A CA  1 
ATOM   324  C  C   . SER A 1 41  ? -12.271 5.500   15.051  1.00 43.35  ? 80  SER A C   1 
ATOM   325  O  O   . SER A 1 41  ? -11.289 4.740   15.079  1.00 50.73  ? 80  SER A O   1 
ATOM   326  C  CB  . SER A 1 41  ? -14.406 5.036   13.789  1.00 48.47  ? 80  SER A CB  1 
ATOM   327  O  OG  . SER A 1 41  ? -14.345 3.624   13.758  1.00 45.91  ? 80  SER A OG  1 
ATOM   328  N  N   . GLY A 1 42  ? -12.682 6.218   16.097  1.00 50.05  ? 81  GLY A N   1 
ATOM   329  C  CA  . GLY A 1 42  ? -12.118 6.056   17.447  1.00 40.87  ? 81  GLY A CA  1 
ATOM   330  C  C   . GLY A 1 42  ? -10.963 6.999   17.686  1.00 44.79  ? 81  GLY A C   1 
ATOM   331  O  O   . GLY A 1 42  ? -10.347 6.904   18.743  1.00 47.93  ? 81  GLY A O   1 
ATOM   332  N  N   . LEU A 1 43  ? -10.634 7.868   16.721  1.00 44.47  ? 82  LEU A N   1 
ATOM   333  C  CA  . LEU A 1 43  ? -9.667  8.961   16.967  1.00 43.28  ? 82  LEU A CA  1 
ATOM   334  C  C   . LEU A 1 43  ? -10.332 9.997   17.883  1.00 47.39  ? 82  LEU A C   1 
ATOM   335  O  O   . LEU A 1 43  ? -11.579 10.098  17.873  1.00 45.16  ? 82  LEU A O   1 
ATOM   336  C  CB  . LEU A 1 43  ? -9.252  9.604   15.642  1.00 47.18  ? 82  LEU A CB  1 
ATOM   337  C  CG  . LEU A 1 43  ? -8.532  8.667   14.671  1.00 47.60  ? 82  LEU A CG  1 
ATOM   338  C  CD1 . LEU A 1 43  ? -8.019  9.430   13.456  1.00 50.35  ? 82  LEU A CD1 1 
ATOM   339  C  CD2 . LEU A 1 43  ? -7.392  7.952   15.382  1.00 49.96  ? 82  LEU A CD2 1 
ATOM   340  N  N   . ASP A 1 44  ? -9.512  10.743  18.622  1.00 46.74  ? 83  ASP A N   1 
ATOM   341  C  CA  . ASP A 1 44  ? -9.908  12.002  19.304  1.00 48.56  ? 83  ASP A CA  1 
ATOM   342  C  C   . ASP A 1 44  ? -10.092 13.073  18.228  1.00 52.85  ? 83  ASP A C   1 
ATOM   343  O  O   . ASP A 1 44  ? -9.133  13.438  17.553  1.00 51.41  ? 83  ASP A O   1 
ATOM   344  C  CB  . ASP A 1 44  ? -8.871  12.312  20.382  1.00 52.45  ? 83  ASP A CB  1 
ATOM   345  C  CG  . ASP A 1 44  ? -9.220  13.481  21.282  1.00 51.60  ? 83  ASP A CG  1 
ATOM   346  O  OD1 . ASP A 1 44  ? -9.842  14.438  20.786  1.00 52.58  ? 83  ASP A OD1 1 
ATOM   347  O  OD2 . ASP A 1 44  ? -8.813  13.425  22.455  1.00 55.11  ? 83  ASP A OD2 1 
ATOM   348  N  N   . PRO A 1 45  ? -11.333 13.548  17.961  1.00 50.30  ? 84  PRO A N   1 
ATOM   349  C  CA  . PRO A 1 45  ? -11.574 14.509  16.888  1.00 48.32  ? 84  PRO A CA  1 
ATOM   350  C  C   . PRO A 1 45  ? -10.649 15.719  17.011  1.00 50.66  ? 84  PRO A C   1 
ATOM   351  O  O   . PRO A 1 45  ? -10.324 16.328  16.005  1.00 48.35  ? 84  PRO A O   1 
ATOM   352  C  CB  . PRO A 1 45  ? -13.038 14.935  17.083  1.00 51.37  ? 84  PRO A CB  1 
ATOM   353  C  CG  . PRO A 1 45  ? -13.676 13.777  17.817  1.00 48.54  ? 84  PRO A CG  1 
ATOM   354  C  CD  . PRO A 1 45  ? -12.576 13.173  18.660  1.00 51.09  ? 84  PRO A CD  1 
ATOM   355  N  N   . ASN A 1 46  ? -10.216 16.007  18.236  1.00 56.65  ? 85  ASN A N   1 
ATOM   356  C  CA  . ASN A 1 46  ? -9.473  17.240  18.591  1.00 52.03  ? 85  ASN A CA  1 
ATOM   357  C  C   . ASN A 1 46  ? -7.976  16.976  18.617  1.00 50.06  ? 85  ASN A C   1 
ATOM   358  O  O   . ASN A 1 46  ? -7.221  17.975  18.686  1.00 47.77  ? 85  ASN A O   1 
ATOM   359  C  CB  . ASN A 1 46  ? -10.005 17.808  19.906  1.00 54.57  ? 85  ASN A CB  1 
ATOM   360  C  CG  . ASN A 1 46  ? -11.427 18.276  19.709  1.00 54.98  ? 85  ASN A CG  1 
ATOM   361  O  OD1 . ASN A 1 46  ? -11.670 19.162  18.893  1.00 56.40  ? 85  ASN A OD1 1 
ATOM   362  N  ND2 . ASN A 1 46  ? -12.364 17.654  20.400  1.00 59.14  ? 85  ASN A ND2 1 
ATOM   363  N  N   . ALA A 1 47  ? -7.553  15.705  18.576  1.00 47.40  ? 86  ALA A N   1 
ATOM   364  C  CA  . ALA A 1 47  ? -6.125  15.325  18.627  1.00 41.54  ? 86  ALA A CA  1 
ATOM   365  C  C   . ALA A 1 47  ? -5.553  15.448  17.213  1.00 36.33  ? 86  ALA A C   1 
ATOM   366  O  O   . ALA A 1 47  ? -6.338  15.556  16.263  1.00 41.02  ? 86  ALA A O   1 
ATOM   367  C  CB  . ALA A 1 47  ? -5.928  13.941  19.186  1.00 43.32  ? 86  ALA A CB  1 
ATOM   368  N  N   . MET A 1 48  ? -4.233  15.533  17.108  1.00 44.31  ? 87  MET A N   1 
ATOM   369  C  CA  . MET A 1 48  ? -3.506  15.746  15.825  1.00 44.77  ? 87  MET A CA  1 
ATOM   370  C  C   . MET A 1 48  ? -2.871  14.408  15.424  1.00 38.33  ? 87  MET A C   1 
ATOM   371  O  O   . MET A 1 48  ? -2.324  13.745  16.288  1.00 43.01  ? 87  MET A O   1 
ATOM   372  C  CB  . MET A 1 48  ? -2.405  16.782  16.032  1.00 49.22  ? 87  MET A CB  1 
ATOM   373  C  CG  . MET A 1 48  ? -2.907  18.079  16.682  1.00 60.59  ? 87  MET A CG  1 
ATOM   374  S  SD  . MET A 1 48  ? -3.115  19.427  15.511  1.00 60.30  ? 87  MET A SD  1 
ATOM   375  C  CE  . MET A 1 48  ? -3.282  18.470  14.011  1.00 46.16  ? 87  MET A CE  1 
ATOM   376  N  N   . TYR A 1 49  ? -2.981  14.025  14.145  0.60 40.94  ? 88  TYR A N   1 
ATOM   377  C  CA  . TYR A 1 49  ? -2.452  12.741  13.613  0.60 42.04  ? 88  TYR A CA  1 
ATOM   378  C  C   . TYR A 1 49  ? -1.842  12.948  12.222  0.60 40.74  ? 88  TYR A C   1 
ATOM   379  O  O   . TYR A 1 49  ? -2.380  13.731  11.412  0.60 38.92  ? 88  TYR A O   1 
ATOM   380  C  CB  . TYR A 1 49  ? -3.545  11.674  13.537  0.60 42.02  ? 88  TYR A CB  1 
ATOM   381  C  CG  . TYR A 1 49  ? -4.315  11.432  14.813  0.60 44.85  ? 88  TYR A CG  1 
ATOM   382  C  CD1 . TYR A 1 49  ? -3.939  10.439  15.706  0.60 45.93  ? 88  TYR A CD1 1 
ATOM   383  C  CD2 . TYR A 1 49  ? -5.433  12.190  15.124  0.60 44.83  ? 88  TYR A CD2 1 
ATOM   384  C  CE1 . TYR A 1 49  ? -4.642  10.215  16.879  0.60 46.69  ? 88  TYR A CE1 1 
ATOM   385  C  CE2 . TYR A 1 49  ? -6.149  11.977  16.292  0.60 47.37  ? 88  TYR A CE2 1 
ATOM   386  C  CZ  . TYR A 1 49  ? -5.752  10.986  17.174  0.60 46.41  ? 88  TYR A CZ  1 
ATOM   387  O  OH  . TYR A 1 49  ? -6.458  10.768  18.320  0.60 47.23  ? 88  TYR A OH  1 
ATOM   388  N  N   . SER A 1 50  ? -0.747  12.236  11.949  0.60 39.28  ? 89  SER A N   1 
ATOM   389  C  CA  . SER A 1 50  ? -0.159  12.084  10.597  0.60 38.21  ? 89  SER A CA  1 
ATOM   390  C  C   . SER A 1 50  ? -0.282  10.627  10.148  0.60 38.67  ? 89  SER A C   1 
ATOM   391  O  O   . SER A 1 50  ? 0.066   9.736   10.949  0.60 34.73  ? 89  SER A O   1 
ATOM   392  C  CB  . SER A 1 50  ? 1.250   12.560  10.583  0.60 39.55  ? 89  SER A CB  1 
ATOM   393  O  OG  . SER A 1 50  ? 1.273   13.974  10.615  0.60 40.88  ? 89  SER A OG  1 
ATOM   394  N  N   . PHE A 1 51  ? -0.806  10.414  8.935   0.60 36.60  ? 90  PHE A N   1 
ATOM   395  C  CA  . PHE A 1 51  ? -1.026  9.079   8.325   0.60 36.36  ? 90  PHE A CA  1 
ATOM   396  C  C   . PHE A 1 51  ? 0.155   8.730   7.427   0.60 37.50  ? 90  PHE A C   1 
ATOM   397  O  O   . PHE A 1 51  ? 0.546   9.552   6.550   0.60 33.42  ? 90  PHE A O   1 
ATOM   398  C  CB  . PHE A 1 51  ? -2.313  9.028   7.506   0.60 37.98  ? 90  PHE A CB  1 
ATOM   399  C  CG  . PHE A 1 51  ? -3.521  8.577   8.282   0.60 38.28  ? 90  PHE A CG  1 
ATOM   400  C  CD1 . PHE A 1 51  ? -4.178  7.406   7.946   0.60 39.33  ? 90  PHE A CD1 1 
ATOM   401  C  CD2 . PHE A 1 51  ? -4.003  9.329   9.341   0.60 39.30  ? 90  PHE A CD2 1 
ATOM   402  C  CE1 . PHE A 1 51  ? -5.304  7.005   8.647   0.60 39.49  ? 90  PHE A CE1 1 
ATOM   403  C  CE2 . PHE A 1 51  ? -5.126  8.926   10.042  0.60 41.16  ? 90  PHE A CE2 1 
ATOM   404  C  CZ  . PHE A 1 51  ? -5.769  7.761   9.700   0.60 39.67  ? 90  PHE A CZ  1 
ATOM   405  N  N   . LEU A 1 52  ? 0.706   7.536   7.651   1.00 34.43  ? 91  LEU A N   1 
ATOM   406  C  CA  . LEU A 1 52  ? 1.927   7.076   6.971   1.00 31.14  ? 91  LEU A CA  1 
ATOM   407  C  C   . LEU A 1 52  ? 1.556   5.773   6.274   1.00 34.67  ? 91  LEU A C   1 
ATOM   408  O  O   . LEU A 1 52  ? 0.682   5.001   6.814   1.00 30.73  ? 91  LEU A O   1 
ATOM   409  C  CB  . LEU A 1 52  ? 3.006   6.849   8.020   1.00 36.96  ? 91  LEU A CB  1 
ATOM   410  C  CG  . LEU A 1 52  ? 3.916   8.022   8.369   1.00 39.02  ? 91  LEU A CG  1 
ATOM   411  C  CD1 . LEU A 1 52  ? 3.139   9.249   8.774   1.00 43.60  ? 91  LEU A CD1 1 
ATOM   412  C  CD2 . LEU A 1 52  ? 4.873   7.593   9.475   1.00 39.03  ? 91  LEU A CD2 1 
ATOM   413  N  N   . LEU A 1 53  ? 2.168   5.531   5.120   1.00 28.76  ? 92  LEU A N   1 
ATOM   414  C  CA  . LEU A 1 53  ? 1.902   4.318   4.328   1.00 30.02  ? 92  LEU A CA  1 
ATOM   415  C  C   . LEU A 1 53  ? 3.265   3.695   4.036   1.00 28.92  ? 92  LEU A C   1 
ATOM   416  O  O   . LEU A 1 53  ? 4.189   4.410   3.645   1.00 32.54  ? 92  LEU A O   1 
ATOM   417  C  CB  . LEU A 1 53  ? 1.139   4.645   3.043   1.00 30.76  ? 92  LEU A CB  1 
ATOM   418  C  CG  . LEU A 1 53  ? 1.143   3.525   2.010   1.00 30.02  ? 92  LEU A CG  1 
ATOM   419  C  CD1 . LEU A 1 53  ? 0.349   2.341   2.502   1.00 29.55  ? 92  LEU A CD1 1 
ATOM   420  C  CD2 . LEU A 1 53  ? 0.584   3.999   0.656   1.00 30.42  ? 92  LEU A CD2 1 
ATOM   421  N  N   . ASP A 1 54  ? 3.414   2.390   4.275   1.00 30.71  ? 93  ASP A N   1 
ATOM   422  C  CA  . ASP A 1 54  ? 4.646   1.702   3.807   1.00 27.78  ? 93  ASP A CA  1 
ATOM   423  C  C   . ASP A 1 54  ? 4.262   0.322   3.282   1.00 24.77  ? 93  ASP A C   1 
ATOM   424  O  O   . ASP A 1 54  ? 3.086   -0.017  3.212   1.00 28.64  ? 93  ASP A O   1 
ATOM   425  C  CB  . ASP A 1 54  ? 5.755   1.700   4.871   1.00 30.70  ? 93  ASP A CB  1 
ATOM   426  C  CG  . ASP A 1 54  ? 5.414   0.953   6.158   1.00 29.85  ? 93  ASP A CG  1 
ATOM   427  O  OD1 . ASP A 1 54  ? 4.403   0.204   6.196   1.00 31.36  ? 93  ASP A OD1 1 
ATOM   428  O  OD2 . ASP A 1 54  ? 6.182   1.134   7.129   1.00 33.20  ? 93  ASP A OD2 1 
ATOM   429  N  N   . PHE A 1 55  ? 5.248   -0.370  2.756   1.00 28.53  ? 94  PHE A N   1 
ATOM   430  C  CA  . PHE A 1 55  ? 5.049   -1.665  2.078   1.00 28.84  ? 94  PHE A CA  1 
ATOM   431  C  C   . PHE A 1 55  ? 6.011   -2.677  2.701   1.00 28.69  ? 94  PHE A C   1 
ATOM   432  O  O   . PHE A 1 55  ? 7.203   -2.523  2.518   1.00 31.31  ? 94  PHE A O   1 
ATOM   433  C  CB  . PHE A 1 55  ? 5.276   -1.500  0.581   1.00 26.97  ? 94  PHE A CB  1 
ATOM   434  C  CG  . PHE A 1 55  ? 4.332   -0.495  -0.021  1.00 28.08  ? 94  PHE A CG  1 
ATOM   435  C  CD1 . PHE A 1 55  ? 3.084   -0.900  -0.449  1.00 29.43  ? 94  PHE A CD1 1 
ATOM   436  C  CD2 . PHE A 1 55  ? 4.622   0.853   -0.019  1.00 29.64  ? 94  PHE A CD2 1 
ATOM   437  C  CE1 . PHE A 1 55  ? 2.191   0.003   -1.010  1.00 32.22  ? 94  PHE A CE1 1 
ATOM   438  C  CE2 . PHE A 1 55  ? 3.715   1.762   -0.563  1.00 27.14  ? 94  PHE A CE2 1 
ATOM   439  C  CZ  . PHE A 1 55  ? 2.484   1.337   -0.999  1.00 30.53  ? 94  PHE A CZ  1 
ATOM   440  N  N   . VAL A 1 56  ? 5.454   -3.688  3.350   1.00 31.70  ? 95  VAL A N   1 
ATOM   441  C  CA  . VAL A 1 56  ? 6.236   -4.798  3.969   1.00 30.83  ? 95  VAL A CA  1 
ATOM   442  C  C   . VAL A 1 56  ? 6.492   -5.803  2.861   1.00 27.91  ? 95  VAL A C   1 
ATOM   443  O  O   . VAL A 1 56  ? 5.495   -6.292  2.322   1.00 28.13  ? 95  VAL A O   1 
ATOM   444  C  CB  . VAL A 1 56  ? 5.444   -5.476  5.106   1.00 30.20  ? 95  VAL A CB  1 
ATOM   445  C  CG1 . VAL A 1 56  ? 6.238   -6.626  5.730   1.00 29.53  ? 95  VAL A CG1 1 
ATOM   446  C  CG2 . VAL A 1 56  ? 4.987   -4.452  6.133   1.00 33.42  ? 95  VAL A CG2 1 
ATOM   447  N  N   . ALA A 1 57  ? 7.741   -6.225  2.673   1.00 28.45  ? 96  ALA A N   1 
ATOM   448  C  CA  . ALA A 1 57  ? 8.079   -7.401  1.848   1.00 29.83  ? 96  ALA A CA  1 
ATOM   449  C  C   . ALA A 1 57  ? 7.443   -8.633  2.487   1.00 29.81  ? 96  ALA A C   1 
ATOM   450  O  O   . ALA A 1 57  ? 7.834   -8.974  3.632   1.00 29.51  ? 96  ALA A O   1 
ATOM   451  C  CB  . ALA A 1 57  ? 9.578   -7.492  1.671   1.00 30.59  ? 96  ALA A CB  1 
ATOM   452  N  N   . ALA A 1 58  ? 6.431   -9.243  1.856   1.00 29.49  ? 97  ALA A N   1 
ATOM   453  C  CA  . ALA A 1 58  ? 5.594   -10.301 2.477   1.00 29.04  ? 97  ALA A CA  1 
ATOM   454  C  C   . ALA A 1 58  ? 6.406   -11.603 2.634   1.00 32.17  ? 97  ALA A C   1 
ATOM   455  O  O   . ALA A 1 58  ? 6.087   -12.462 3.507   1.00 29.33  ? 97  ALA A O   1 
ATOM   456  C  CB  . ALA A 1 58  ? 4.347   -10.580 1.686   1.00 31.23  ? 97  ALA A CB  1 
ATOM   457  N  N   . ASP A 1 59  ? 7.416   -11.755 1.795   1.00 31.41  ? 98  ASP A N   1 
ATOM   458  C  CA  . ASP A 1 59  ? 8.355   -12.895 1.893   1.00 33.05  ? 98  ASP A CA  1 
ATOM   459  C  C   . ASP A 1 59  ? 9.667   -12.372 1.375   1.00 35.35  ? 98  ASP A C   1 
ATOM   460  O  O   . ASP A 1 59  ? 9.712   -11.208 0.919   1.00 38.35  ? 98  ASP A O   1 
ATOM   461  C  CB  . ASP A 1 59  ? 7.786   -14.132 1.211   1.00 33.21  ? 98  ASP A CB  1 
ATOM   462  C  CG  . ASP A 1 59  ? 7.548   -13.861 -0.279  1.00 37.54  ? 98  ASP A CG  1 
ATOM   463  O  OD1 . ASP A 1 59  ? 8.522   -13.532 -0.942  1.00 38.45  ? 98  ASP A OD1 1 
ATOM   464  O  OD2 . ASP A 1 59  ? 6.399   -13.918 -0.700  1.00 36.72  ? 98  ASP A OD2 1 
ATOM   465  N  N   . ASN A 1 60  ? 10.693  -13.200 1.475   1.00 38.36  ? 99  ASN A N   1 
ATOM   466  C  CA  . ASN A 1 60  ? 12.066  -12.811 1.132   1.00 38.94  ? 99  ASN A CA  1 
ATOM   467  C  C   . ASN A 1 60  ? 12.425  -13.260 -0.286  1.00 40.02  ? 99  ASN A C   1 
ATOM   468  O  O   . ASN A 1 60  ? 13.625  -13.259 -0.570  1.00 41.75  ? 99  ASN A O   1 
ATOM   469  C  CB  . ASN A 1 60  ? 13.044  -13.417 2.139   1.00 41.17  ? 99  ASN A CB  1 
ATOM   470  C  CG  . ASN A 1 60  ? 12.897  -12.805 3.508   1.00 43.42  ? 99  ASN A CG  1 
ATOM   471  O  OD1 . ASN A 1 60  ? 13.068  -13.501 4.502   1.00 49.97  ? 99  ASN A OD1 1 
ATOM   472  N  ND2 . ASN A 1 60  ? 12.569  -11.529 3.555   1.00 37.67  ? 99  ASN A ND2 1 
ATOM   473  N  N   . HIS A 1 61  ? 11.459  -13.597 -1.146  1.00 39.40  ? 100 HIS A N   1 
ATOM   474  C  CA  . HIS A 1 61  ? 11.774  -14.234 -2.448  1.00 40.58  ? 100 HIS A CA  1 
ATOM   475  C  C   . HIS A 1 61  ? 11.480  -13.312 -3.644  1.00 47.80  ? 100 HIS A C   1 
ATOM   476  O  O   . HIS A 1 61  ? 10.639  -12.363 -3.545  1.00 38.53  ? 100 HIS A O   1 
ATOM   477  C  CB  . HIS A 1 61  ? 11.035  -15.561 -2.565  1.00 39.11  ? 100 HIS A CB  1 
ATOM   478  C  CG  . HIS A 1 61  ? 11.425  -16.593 -1.564  1.00 46.48  ? 100 HIS A CG  1 
ATOM   479  N  ND1 . HIS A 1 61  ? 12.172  -17.707 -1.926  1.00 45.35  ? 100 HIS A ND1 1 
ATOM   480  C  CD2 . HIS A 1 61  ? 11.129  -16.725 -0.245  1.00 39.35  ? 100 HIS A CD2 1 
ATOM   481  C  CE1 . HIS A 1 61  ? 12.329  -18.480 -0.863  1.00 53.21  ? 100 HIS A CE1 1 
ATOM   482  N  NE2 . HIS A 1 61  ? 11.710  -17.890 0.191   1.00 45.55  ? 100 HIS A NE2 1 
ATOM   483  N  N   . ARG A 1 62  ? 12.182  -13.594 -4.741  1.00 47.30  ? 101 ARG A N   1 
ATOM   484  C  CA  . ARG A 1 62  ? 11.882  -13.080 -6.100  1.00 46.90  ? 101 ARG A CA  1 
ATOM   485  C  C   . ARG A 1 62  ? 10.811  -13.987 -6.711  1.00 42.24  ? 101 ARG A C   1 
ATOM   486  O  O   . ARG A 1 62  ? 10.916  -15.234 -6.561  1.00 49.28  ? 101 ARG A O   1 
ATOM   487  C  CB  . ARG A 1 62  ? 13.212  -13.044 -6.858  1.00 57.30  ? 101 ARG A CB  1 
ATOM   488  C  CG  . ARG A 1 62  ? 13.114  -13.033 -8.379  1.00 68.25  ? 101 ARG A CG  1 
ATOM   489  C  CD  . ARG A 1 62  ? 14.446  -12.666 -9.018  1.00 70.14  ? 101 ARG A CD  1 
ATOM   490  N  NE  . ARG A 1 62  ? 14.896  -11.376 -8.514  1.00 78.90  ? 101 ARG A NE  1 
ATOM   491  C  CZ  . ARG A 1 62  ? 14.457  -10.191 -8.932  1.00 84.87  ? 101 ARG A CZ  1 
ATOM   492  N  NH1 . ARG A 1 62  ? 13.558  -10.109 -9.902  1.00 84.33  ? 101 ARG A NH1 1 
ATOM   493  N  NH2 . ARG A 1 62  ? 14.927  -9.085  -8.379  1.00 87.06  ? 101 ARG A NH2 1 
ATOM   494  N  N   . TRP A 1 63  ? 9.791   -13.412 -7.357  1.00 40.13  ? 102 TRP A N   1 
ATOM   495  C  CA  . TRP A 1 63  ? 8.672   -14.174 -7.955  1.00 37.38  ? 102 TRP A CA  1 
ATOM   496  C  C   . TRP A 1 63  ? 8.752   -14.067 -9.491  1.00 44.16  ? 102 TRP A C   1 
ATOM   497  O  O   . TRP A 1 63  ? 9.125   -13.009 -9.981  1.00 46.33  ? 102 TRP A O   1 
ATOM   498  C  CB  . TRP A 1 63  ? 7.321   -13.662 -7.425  1.00 40.54  ? 102 TRP A CB  1 
ATOM   499  C  CG  . TRP A 1 63  ? 7.062   -13.960 -5.978  1.00 38.85  ? 102 TRP A CG  1 
ATOM   500  C  CD1 . TRP A 1 63  ? 7.626   -13.377 -4.876  1.00 38.56  ? 102 TRP A CD1 1 
ATOM   501  C  CD2 . TRP A 1 63  ? 6.163   -14.955 -5.485  1.00 34.77  ? 102 TRP A CD2 1 
ATOM   502  N  NE1 . TRP A 1 63  ? 7.085   -13.916 -3.733  1.00 36.56  ? 102 TRP A NE1 1 
ATOM   503  C  CE2 . TRP A 1 63  ? 6.233   -14.926 -4.073  1.00 34.28  ? 102 TRP A CE2 1 
ATOM   504  C  CE3 . TRP A 1 63  ? 5.312   -15.870 -6.108  1.00 33.55  ? 102 TRP A CE3 1 
ATOM   505  C  CZ2 . TRP A 1 63  ? 5.441   -15.750 -3.286  1.00 36.25  ? 102 TRP A CZ2 1 
ATOM   506  C  CZ3 . TRP A 1 63  ? 4.552   -16.705 -5.332  1.00 34.40  ? 102 TRP A CZ3 1 
ATOM   507  C  CH2 . TRP A 1 63  ? 4.606   -16.628 -3.933  1.00 36.51  ? 102 TRP A CH2 1 
ATOM   508  N  N   . LYS A 1 64  ? 8.343   -15.103 -10.214 1.00 44.38  ? 103 LYS A N   1 
ATOM   509  C  CA  . LYS A 1 64  ? 8.364   -15.142 -11.704 1.00 49.81  ? 103 LYS A CA  1 
ATOM   510  C  C   . LYS A 1 64  ? 7.047   -15.754 -12.191 1.00 47.71  ? 103 LYS A C   1 
ATOM   511  O  O   . LYS A 1 64  ? 6.482   -16.622 -11.494 1.00 43.01  ? 103 LYS A O   1 
ATOM   512  C  CB  . LYS A 1 64  ? 9.614   -15.897 -12.171 1.00 60.95  ? 103 LYS A CB  1 
ATOM   513  C  CG  . LYS A 1 64  ? 10.165  -16.902 -11.165 1.00 74.64  ? 103 LYS A CG  1 
ATOM   514  C  CD  . LYS A 1 64  ? 11.015  -18.014 -11.756 1.00 81.05  ? 103 LYS A CD  1 
ATOM   515  C  CE  . LYS A 1 64  ? 11.307  -19.113 -10.752 1.00 83.61  ? 103 LYS A CE  1 
ATOM   516  N  NZ  . LYS A 1 64  ? 11.551  -20.418 -11.410 1.00 83.19  ? 103 LYS A NZ  1 
ATOM   517  N  N   . TYR A 1 65  ? 6.525   -15.264 -13.317 1.00 48.79  ? 104 TYR A N   1 
ATOM   518  C  CA  . TYR A 1 65  ? 5.247   -15.745 -13.893 1.00 49.00  ? 104 TYR A CA  1 
ATOM   519  C  C   . TYR A 1 65  ? 5.660   -16.856 -14.856 1.00 50.34  ? 104 TYR A C   1 
ATOM   520  O  O   . TYR A 1 65  ? 6.259   -16.552 -15.869 1.00 49.99  ? 104 TYR A O   1 
ATOM   521  C  CB  . TYR A 1 65  ? 4.440   -14.610 -14.529 1.00 45.80  ? 104 TYR A CB  1 
ATOM   522  C  CG  . TYR A 1 65  ? 2.985   -14.915 -14.813 1.00 47.48  ? 104 TYR A CG  1 
ATOM   523  C  CD1 . TYR A 1 65  ? 2.068   -15.124 -13.801 1.00 43.49  ? 104 TYR A CD1 1 
ATOM   524  C  CD2 . TYR A 1 65  ? 2.496   -14.939 -16.116 1.00 45.18  ? 104 TYR A CD2 1 
ATOM   525  C  CE1 . TYR A 1 65  ? 0.724   -15.364 -14.060 1.00 47.06  ? 104 TYR A CE1 1 
ATOM   526  C  CE2 . TYR A 1 65  ? 1.157   -15.180 -16.387 1.00 43.43  ? 104 TYR A CE2 1 
ATOM   527  C  CZ  . TYR A 1 65  ? 0.259   -15.385 -15.369 1.00 45.28  ? 104 TYR A CZ  1 
ATOM   528  O  OH  . TYR A 1 65  ? -1.063  -15.616 -15.653 1.00 45.83  ? 104 TYR A OH  1 
ATOM   529  N  N   . VAL A 1 66  ? 5.496   -18.096 -14.416 1.00 51.50  ? 105 VAL A N   1 
ATOM   530  C  CA  . VAL A 1 66  ? 6.021   -19.314 -15.094 1.00 58.67  ? 105 VAL A CA  1 
ATOM   531  C  C   . VAL A 1 66  ? 4.809   -20.095 -15.574 1.00 55.68  ? 105 VAL A C   1 
ATOM   532  O  O   . VAL A 1 66  ? 4.019   -20.558 -14.719 1.00 58.56  ? 105 VAL A O   1 
ATOM   533  C  CB  . VAL A 1 66  ? 6.905   -20.153 -14.151 1.00 57.36  ? 105 VAL A CB  1 
ATOM   534  C  CG1 . VAL A 1 66  ? 6.956   -21.623 -14.557 1.00 60.57  ? 105 VAL A CG1 1 
ATOM   535  C  CG2 . VAL A 1 66  ? 8.305   -19.571 -14.051 1.00 56.14  ? 105 VAL A CG2 1 
ATOM   536  N  N   . ASN A 1 67  ? 4.664   -20.221 -16.891 1.00 57.58  ? 106 ASN A N   1 
ATOM   537  C  CA  . ASN A 1 67  ? 3.585   -21.031 -17.495 1.00 60.38  ? 106 ASN A CA  1 
ATOM   538  C  C   . ASN A 1 67  ? 2.263   -20.607 -16.859 1.00 55.28  ? 106 ASN A C   1 
ATOM   539  O  O   . ASN A 1 67  ? 1.575   -21.485 -16.341 1.00 44.81  ? 106 ASN A O   1 
ATOM   540  C  CB  . ASN A 1 67  ? 3.856   -22.526 -17.303 1.00 66.04  ? 106 ASN A CB  1 
ATOM   541  C  CG  . ASN A 1 67  ? 5.105   -22.971 -18.032 1.00 69.64  ? 106 ASN A CG  1 
ATOM   542  O  OD1 . ASN A 1 67  ? 5.279   -22.655 -19.204 1.00 69.14  ? 106 ASN A OD1 1 
ATOM   543  N  ND2 . ASN A 1 67  ? 5.982   -23.687 -17.347 1.00 64.54  ? 106 ASN A ND2 1 
ATOM   544  N  N   . GLY A 1 68  ? 1.965   -19.304 -16.861 1.00 61.92  ? 107 GLY A N   1 
ATOM   545  C  CA  . GLY A 1 68  ? 0.659   -18.750 -16.439 1.00 57.55  ? 107 GLY A CA  1 
ATOM   546  C  C   . GLY A 1 68  ? 0.454   -18.757 -14.931 1.00 52.74  ? 107 GLY A C   1 
ATOM   547  O  O   . GLY A 1 68  ? -0.684  -18.602 -14.491 1.00 54.71  ? 107 GLY A O   1 
ATOM   548  N  N   . GLU A 1 69  ? 1.504   -18.928 -14.142 1.00 54.94  ? 108 GLU A N   1 
ATOM   549  C  CA  . GLU A 1 69  ? 1.355   -19.048 -12.668 1.00 57.13  ? 108 GLU A CA  1 
ATOM   550  C  C   . GLU A 1 69  ? 2.536   -18.332 -12.013 1.00 52.09  ? 108 GLU A C   1 
ATOM   551  O  O   . GLU A 1 69  ? 3.641   -18.397 -12.574 1.00 49.76  ? 108 GLU A O   1 
ATOM   552  C  CB  . GLU A 1 69  ? 1.156   -20.519 -12.273 1.00 66.13  ? 108 GLU A CB  1 
ATOM   553  C  CG  . GLU A 1 69  ? 2.429   -21.366 -12.217 1.00 78.62  ? 108 GLU A CG  1 
ATOM   554  C  CD  . GLU A 1 69  ? 2.345   -22.679 -11.437 1.00 89.73  ? 108 GLU A CD  1 
ATOM   555  O  OE1 . GLU A 1 69  ? 1.215   -23.162 -11.172 1.00 83.66  ? 108 GLU A OE1 1 
ATOM   556  O  OE2 . GLU A 1 69  ? 3.422   -23.229 -11.090 1.00 94.96  ? 108 GLU A OE2 1 
ATOM   557  N  N   . TRP A 1 70  ? 2.292   -17.590 -10.925 1.00 49.01  ? 109 TRP A N   1 
ATOM   558  C  CA  . TRP A 1 70  ? 3.356   -16.911 -10.133 1.00 40.97  ? 109 TRP A CA  1 
ATOM   559  C  C   . TRP A 1 70  ? 4.027   -17.960 -9.226  1.00 43.96  ? 109 TRP A C   1 
ATOM   560  O  O   . TRP A 1 70  ? 3.282   -18.737 -8.605  1.00 42.63  ? 109 TRP A O   1 
ATOM   561  C  CB  . TRP A 1 70  ? 2.789   -15.731 -9.305  1.00 41.93  ? 109 TRP A CB  1 
ATOM   562  C  CG  . TRP A 1 70  ? 2.564   -14.477 -10.096 1.00 37.54  ? 109 TRP A CG  1 
ATOM   563  C  CD1 . TRP A 1 70  ? 1.364   -13.979 -10.529 1.00 39.01  ? 109 TRP A CD1 1 
ATOM   564  C  CD2 . TRP A 1 70  ? 3.568   -13.558 -10.565 1.00 33.11  ? 109 TRP A CD2 1 
ATOM   565  N  NE1 . TRP A 1 70  ? 1.559   -12.838 -11.259 1.00 41.02  ? 109 TRP A NE1 1 
ATOM   566  C  CE2 . TRP A 1 70  ? 2.895   -12.545 -11.285 1.00 36.03  ? 109 TRP A CE2 1 
ATOM   567  C  CE3 . TRP A 1 70  ? 4.957   -13.468 -10.441 1.00 34.76  ? 109 TRP A CE3 1 
ATOM   568  C  CZ2 . TRP A 1 70  ? 3.576   -11.489 -11.882 1.00 40.12  ? 109 TRP A CZ2 1 
ATOM   569  C  CZ3 . TRP A 1 70  ? 5.633   -12.435 -11.056 1.00 39.72  ? 109 TRP A CZ3 1 
ATOM   570  C  CH2 . TRP A 1 70  ? 4.945   -11.441 -11.752 1.00 39.80  ? 109 TRP A CH2 1 
ATOM   571  N  N   . VAL A 1 71  ? 5.360   -17.991 -9.157  1.00 41.08  ? 110 VAL A N   1 
ATOM   572  C  CA  . VAL A 1 71  ? 6.131   -19.029 -8.387  1.00 45.41  ? 110 VAL A CA  1 
ATOM   573  C  C   . VAL A 1 71  ? 7.363   -18.366 -7.801  1.00 43.39  ? 110 VAL A C   1 
ATOM   574  O  O   . VAL A 1 71  ? 8.028   -17.562 -8.454  1.00 40.01  ? 110 VAL A O   1 
ATOM   575  C  CB  . VAL A 1 71  ? 6.498   -20.285 -9.212  1.00 50.13  ? 110 VAL A CB  1 
ATOM   576  C  CG1 . VAL A 1 71  ? 5.269   -21.103 -9.584  1.00 48.41  ? 110 VAL A CG1 1 
ATOM   577  C  CG2 . VAL A 1 71  ? 7.313   -19.959 -10.440 1.00 54.91  ? 110 VAL A CG2 1 
ATOM   578  N  N   . PRO A 1 72  ? 7.658   -18.623 -6.511  1.00 44.90  ? 111 PRO A N   1 
ATOM   579  C  CA  . PRO A 1 72  ? 8.792   -17.999 -5.861  1.00 48.66  ? 111 PRO A CA  1 
ATOM   580  C  C   . PRO A 1 72  ? 10.109  -18.677 -6.222  1.00 48.71  ? 111 PRO A C   1 
ATOM   581  O  O   . PRO A 1 72  ? 10.129  -19.879 -6.302  1.00 52.57  ? 111 PRO A O   1 
ATOM   582  C  CB  . PRO A 1 72  ? 8.505   -18.179 -4.373  1.00 45.58  ? 111 PRO A CB  1 
ATOM   583  C  CG  . PRO A 1 72  ? 7.653   -19.413 -4.283  1.00 45.18  ? 111 PRO A CG  1 
ATOM   584  C  CD  . PRO A 1 72  ? 6.932   -19.527 -5.611  1.00 48.61  ? 111 PRO A CD  1 
ATOM   585  N  N   . GLY A 1 73  ? 11.136  -17.857 -6.419  1.00 50.42  ? 112 GLY A N   1 
ATOM   586  C  CA  . GLY A 1 73  ? 12.538  -18.276 -6.513  1.00 51.27  ? 112 GLY A CA  1 
ATOM   587  C  C   . GLY A 1 73  ? 12.924  -19.159 -5.335  1.00 57.04  ? 112 GLY A C   1 
ATOM   588  O  O   . GLY A 1 73  ? 12.130  -19.304 -4.350  1.00 56.80  ? 112 GLY A O   1 
ATOM   589  N  N   . GLY A 1 74  ? 14.111  -19.748 -5.432  1.00 52.78  ? 113 GLY A N   1 
ATOM   590  C  CA  . GLY A 1 74  ? 14.640  -20.664 -4.418  1.00 58.15  ? 113 GLY A CA  1 
ATOM   591  C  C   . GLY A 1 74  ? 15.585  -19.932 -3.497  1.00 61.50  ? 113 GLY A C   1 
ATOM   592  O  O   . GLY A 1 74  ? 15.878  -20.506 -2.437  1.00 71.34  ? 113 GLY A O   1 
ATOM   593  N  N   . LYS A 1 75  ? 16.019  -18.716 -3.870  1.00 56.74  ? 114 LYS A N   1 
ATOM   594  C  CA  . LYS A 1 75  ? 17.169  -18.027 -3.221  1.00 63.05  ? 114 LYS A CA  1 
ATOM   595  C  C   . LYS A 1 75  ? 16.736  -16.787 -2.440  1.00 55.76  ? 114 LYS A C   1 
ATOM   596  O  O   . LYS A 1 75  ? 17.137  -15.674 -2.765  1.00 53.39  ? 114 LYS A O   1 
ATOM   597  C  CB  . LYS A 1 75  ? 18.218  -17.640 -4.265  1.00 69.21  ? 114 LYS A CB  1 
ATOM   598  C  CG  . LYS A 1 75  ? 19.639  -17.620 -3.718  1.00 78.39  ? 114 LYS A CG  1 
ATOM   599  C  CD  . LYS A 1 75  ? 20.027  -18.914 -2.994  1.00 79.94  ? 114 LYS A CD  1 
ATOM   600  C  CE  . LYS A 1 75  ? 21.487  -19.297 -3.140  1.00 85.33  ? 114 LYS A CE  1 
ATOM   601  N  NZ  . LYS A 1 75  ? 22.393  -18.182 -2.777  1.00 90.91  ? 114 LYS A NZ  1 
ATOM   602  N  N   . PRO A 1 76  ? 16.052  -16.944 -1.289  1.00 61.89  ? 115 PRO A N   1 
ATOM   603  C  CA  . PRO A 1 76  ? 15.604  -15.788 -0.510  1.00 61.11  ? 115 PRO A CA  1 
ATOM   604  C  C   . PRO A 1 76  ? 16.772  -14.865 -0.122  1.00 66.48  ? 115 PRO A C   1 
ATOM   605  O  O   . PRO A 1 76  ? 17.858  -15.369 0.152   1.00 58.15  ? 115 PRO A O   1 
ATOM   606  C  CB  . PRO A 1 76  ? 14.936  -16.397 0.737   1.00 62.41  ? 115 PRO A CB  1 
ATOM   607  C  CG  . PRO A 1 76  ? 15.506  -17.803 0.825   1.00 67.78  ? 115 PRO A CG  1 
ATOM   608  C  CD  . PRO A 1 76  ? 15.765  -18.218 -0.612  1.00 66.06  ? 115 PRO A CD  1 
ATOM   609  N  N   . GLU A 1 77  ? 16.525  -13.550 -0.141  1.00 57.86  ? 116 GLU A N   1 
ATOM   610  C  CA  . GLU A 1 77  ? 17.435  -12.508 0.400   1.00 65.29  ? 116 GLU A CA  1 
ATOM   611  C  C   . GLU A 1 77  ? 16.656  -11.674 1.414   1.00 65.03  ? 116 GLU A C   1 
ATOM   612  O  O   . GLU A 1 77  ? 15.450  -11.513 1.277   1.00 69.40  ? 116 GLU A O   1 
ATOM   613  C  CB  . GLU A 1 77  ? 17.967  -11.635 -0.735  1.00 68.54  ? 116 GLU A CB  1 
ATOM   614  C  CG  . GLU A 1 77  ? 18.658  -12.422 -1.837  1.00 72.64  ? 116 GLU A CG  1 
ATOM   615  C  CD  . GLU A 1 77  ? 19.084  -11.568 -3.024  1.00 78.65  ? 116 GLU A CD  1 
ATOM   616  O  OE1 . GLU A 1 77  ? 19.399  -10.376 -2.808  1.00 77.46  ? 116 GLU A OE1 1 
ATOM   617  O  OE2 . GLU A 1 77  ? 19.081  -12.082 -4.166  1.00 77.32  ? 116 GLU A OE2 1 
ATOM   618  N  N   . PRO A 1 78  ? 17.296  -11.101 2.456   1.00 65.62  ? 117 PRO A N   1 
ATOM   619  C  CA  . PRO A 1 78  ? 16.587  -10.242 3.402   1.00 65.91  ? 117 PRO A CA  1 
ATOM   620  C  C   . PRO A 1 78  ? 16.105  -8.990  2.657   1.00 65.04  ? 117 PRO A C   1 
ATOM   621  O  O   . PRO A 1 78  ? 16.809  -8.494  1.788   1.00 55.82  ? 117 PRO A O   1 
ATOM   622  C  CB  . PRO A 1 78  ? 17.608  -9.886  4.491   1.00 66.25  ? 117 PRO A CB  1 
ATOM   623  C  CG  . PRO A 1 78  ? 18.784  -10.818 4.238   1.00 68.32  ? 117 PRO A CG  1 
ATOM   624  C  CD  . PRO A 1 78  ? 18.729  -11.185 2.763   1.00 69.78  ? 117 PRO A CD  1 
ATOM   625  N  N   . GLN A 1 79  ? 14.916  -8.524  3.016   1.00 63.71  ? 118 GLN A N   1 
ATOM   626  C  CA  . GLN A 1 79  ? 14.351  -7.362  2.303   1.00 71.11  ? 118 GLN A CA  1 
ATOM   627  C  C   . GLN A 1 79  ? 14.375  -6.144  3.215   1.00 74.53  ? 118 GLN A C   1 
ATOM   628  O  O   . GLN A 1 79  ? 13.635  -6.136  4.203   1.00 73.73  ? 118 GLN A O   1 
ATOM   629  C  CB  . GLN A 1 79  ? 12.949  -7.725  1.836   1.00 66.98  ? 118 GLN A CB  1 
ATOM   630  C  CG  . GLN A 1 79  ? 12.907  -8.995  1.007   1.00 69.67  ? 118 GLN A CG  1 
ATOM   631  C  CD  . GLN A 1 79  ? 13.509  -8.794  -0.361  1.00 67.21  ? 118 GLN A CD  1 
ATOM   632  O  OE1 . GLN A 1 79  ? 13.315  -7.768  -1.005  1.00 67.24  ? 118 GLN A OE1 1 
ATOM   633  N  NE2 . GLN A 1 79  ? 14.251  -9.781  -0.821  1.00 65.64  ? 118 GLN A NE2 1 
ATOM   634  N  N   . ALA A 1 80  ? 15.185  -5.152  2.850   1.00 88.91  ? 119 ALA A N   1 
ATOM   635  C  CA  . ALA A 1 80  ? 15.276  -3.905  3.640   1.00 91.21  ? 119 ALA A CA  1 
ATOM   636  C  C   . ALA A 1 80  ? 13.896  -3.272  3.584   1.00 83.08  ? 119 ALA A C   1 
ATOM   637  O  O   . ALA A 1 80  ? 13.384  -3.131  2.478   1.00 79.13  ? 119 ALA A O   1 
ATOM   638  C  CB  . ALA A 1 80  ? 16.291  -2.966  3.041   1.00 93.10  ? 119 ALA A CB  1 
ATOM   639  N  N   . PRO A 1 81  ? 13.374  -2.699  4.681   1.00 72.67  ? 120 PRO A N   1 
ATOM   640  C  CA  . PRO A 1 81  ? 12.031  -2.146  4.696   1.00 67.19  ? 120 PRO A CA  1 
ATOM   641  C  C   . PRO A 1 81  ? 11.854  -0.989  3.707   1.00 52.87  ? 120 PRO A C   1 
ATOM   642  O  O   . PRO A 1 81  ? 12.783  -0.294  3.380   1.00 55.26  ? 120 PRO A O   1 
ATOM   643  C  CB  . PRO A 1 81  ? 11.931  -1.583  6.114   1.00 30.00  ? 120 PRO A CB  1 
ATOM   644  C  CG  . PRO A 1 81  ? 13.352  -1.294  6.469   1.00 30.00  ? 120 PRO A CG  1 
ATOM   645  C  CD  . PRO A 1 81  ? 14.063  -2.513  5.941   1.00 30.00  ? 120 PRO A CD  1 
ATOM   646  N  N   . SER A 1 82  ? 10.627  -0.800  3.241   1.00 49.04  ? 121 SER A N   1 
ATOM   647  C  CA  . SER A 1 82  ? 10.400  0.303   2.276   1.00 41.79  ? 121 SER A CA  1 
ATOM   648  C  C   . SER A 1 82  ? 10.411  1.637   2.997   1.00 37.69  ? 121 SER A C   1 
ATOM   649  O  O   . SER A 1 82  ? 10.221  1.701   4.207   1.00 40.90  ? 121 SER A O   1 
ATOM   650  C  CB  . SER A 1 82  ? 9.127   0.158   1.498   1.00 30.00  ? 121 SER A CB  1 
ATOM   651  O  OG  . SER A 1 82  ? 8.056   0.875   2.101   1.00 30.00  ? 121 SER A OG  1 
ATOM   652  N  N   . CYS A 1 83  ? 10.513  2.700   2.214   1.00 37.71  ? 122 CYS A N   1 
ATOM   653  C  CA  . CYS A 1 83  ? 10.374  4.056   2.773   1.00 37.45  ? 122 CYS A CA  1 
ATOM   654  C  C   . CYS A 1 83  ? 8.891   4.324   3.080   1.00 34.15  ? 122 CYS A C   1 
ATOM   655  O  O   . CYS A 1 83  ? 7.999   3.621   2.642   1.00 31.48  ? 122 CYS A O   1 
ATOM   656  C  CB  . CYS A 1 83  ? 11.000  5.113   1.873   1.00 43.36  ? 122 CYS A CB  1 
ATOM   657  S  SG  . CYS A 1 83  ? 12.810  5.132   1.964   1.00 52.55  ? 122 CYS A SG  1 
ATOM   658  N  N   . VAL A 1 84  ? 8.658   5.363   3.843   1.00 35.83  ? 123 VAL A N   1 
ATOM   659  C  CA  . VAL A 1 84  ? 7.295   5.709   4.288   1.00 33.44  ? 123 VAL A CA  1 
ATOM   660  C  C   . VAL A 1 84  ? 6.794   6.873   3.430   1.00 30.95  ? 123 VAL A C   1 
ATOM   661  O  O   . VAL A 1 84  ? 7.551   7.819   3.202   1.00 36.53  ? 123 VAL A O   1 
ATOM   662  C  CB  . VAL A 1 84  ? 7.300   6.042   5.783   1.00 39.44  ? 123 VAL A CB  1 
ATOM   663  C  CG1 . VAL A 1 84  ? 8.142   7.258   6.114   1.00 40.92  ? 123 VAL A CG1 1 
ATOM   664  C  CG2 . VAL A 1 84  ? 5.883   6.217   6.288   1.00 46.45  ? 123 VAL A CG2 1 
ATOM   665  N  N   . TYR A 1 85  ? 5.532   6.797   3.045   1.00 32.94  ? 124 TYR A N   1 
ATOM   666  C  CA  . TYR A 1 85  ? 4.804   7.873   2.335   1.00 29.47  ? 124 TYR A CA  1 
ATOM   667  C  C   . TYR A 1 85  ? 3.906   8.529   3.379   1.00 30.03  ? 124 TYR A C   1 
ATOM   668  O  O   . TYR A 1 85  ? 3.097   7.799   4.026   1.00 32.50  ? 124 TYR A O   1 
ATOM   669  C  CB  . TYR A 1 85  ? 3.986   7.287   1.188   1.00 32.07  ? 124 TYR A CB  1 
ATOM   670  C  CG  . TYR A 1 85  ? 3.069   8.272   0.486   1.00 35.39  ? 124 TYR A CG  1 
ATOM   671  C  CD1 . TYR A 1 85  ? 3.550   9.116   -0.510  1.00 35.49  ? 124 TYR A CD1 1 
ATOM   672  C  CD2 . TYR A 1 85  ? 1.729   8.361   0.821   1.00 33.93  ? 124 TYR A CD2 1 
ATOM   673  C  CE1 . TYR A 1 85  ? 2.743   10.065  -1.099  1.00 32.31  ? 124 TYR A CE1 1 
ATOM   674  C  CE2 . TYR A 1 85  ? 0.880   9.262   0.193   1.00 35.42  ? 124 TYR A CE2 1 
ATOM   675  C  CZ  . TYR A 1 85  ? 1.398   10.122  -0.765  1.00 38.35  ? 124 TYR A CZ  1 
ATOM   676  O  OH  . TYR A 1 85  ? 0.584   11.002  -1.388  1.00 33.46  ? 124 TYR A OH  1 
ATOM   677  N  N   . ILE A 1 86  ? 4.052   9.843   3.547   1.00 30.47  ? 125 ILE A N   1 
ATOM   678  C  CA  . ILE A 1 86  ? 3.177   10.685  4.412   1.00 31.68  ? 125 ILE A CA  1 
ATOM   679  C  C   . ILE A 1 86  ? 1.979   11.161  3.586   1.00 34.41  ? 125 ILE A C   1 
ATOM   680  O  O   . ILE A 1 86  ? 2.168   11.833  2.544   1.00 31.64  ? 125 ILE A O   1 
ATOM   681  C  CB  . ILE A 1 86  ? 3.975   11.861  4.983   1.00 37.92  ? 125 ILE A CB  1 
ATOM   682  C  CG1 . ILE A 1 86  ? 5.282   11.392  5.621   1.00 42.15  ? 125 ILE A CG1 1 
ATOM   683  C  CG2 . ILE A 1 86  ? 3.139   12.658  5.981   1.00 37.25  ? 125 ILE A CG2 1 
ATOM   684  C  CD1 . ILE A 1 86  ? 6.175   12.538  6.021   1.00 46.68  ? 125 ILE A CD1 1 
ATOM   685  N  N   . HIS A 1 87  ? 0.761   10.843  4.027   0.60 33.51  ? 126 HIS A N   1 
ATOM   686  C  CA  . HIS A 1 87  ? -0.467  11.342  3.362   0.60 33.40  ? 126 HIS A CA  1 
ATOM   687  C  C   . HIS A 1 87  ? -0.321  12.856  3.250   0.60 32.76  ? 126 HIS A C   1 
ATOM   688  O  O   . HIS A 1 87  ? 0.068   13.512  4.214   0.60 30.00  ? 126 HIS A O   1 
ATOM   689  C  CB  . HIS A 1 87  ? -1.756  10.914  4.075   0.60 31.65  ? 126 HIS A CB  1 
ATOM   690  C  CG  . HIS A 1 87  ? -2.946  11.092  3.194   0.60 34.88  ? 126 HIS A CG  1 
ATOM   691  N  ND1 . HIS A 1 87  ? -3.653  12.281  3.141   0.60 35.78  ? 126 HIS A ND1 1 
ATOM   692  C  CD2 . HIS A 1 87  ? -3.499  10.285  2.263   0.60 35.17  ? 126 HIS A CD2 1 
ATOM   693  C  CE1 . HIS A 1 87  ? -4.624  12.175  2.252   0.60 37.19  ? 126 HIS A CE1 1 
ATOM   694  N  NE2 . HIS A 1 87  ? -4.551  10.962  1.698   0.60 36.76  ? 126 HIS A NE2 1 
ATOM   695  N  N   . PRO A 1 88  ? -0.572  13.457  2.068   0.60 35.33  ? 127 PRO A N   1 
ATOM   696  C  CA  . PRO A 1 88  ? -0.359  14.897  1.897   0.60 36.29  ? 127 PRO A CA  1 
ATOM   697  C  C   . PRO A 1 88  ? -1.266  15.744  2.806   0.60 35.53  ? 127 PRO A C   1 
ATOM   698  O  O   . PRO A 1 88  ? -0.840  16.827  3.208   0.60 36.21  ? 127 PRO A O   1 
ATOM   699  C  CB  . PRO A 1 88  ? -0.663  15.126  0.411   0.60 36.47  ? 127 PRO A CB  1 
ATOM   700  C  CG  . PRO A 1 88  ? -1.595  13.994  0.047   0.60 36.83  ? 127 PRO A CG  1 
ATOM   701  C  CD  . PRO A 1 88  ? -1.085  12.813  0.851   0.60 35.32  ? 127 PRO A CD  1 
ATOM   702  N  N   . ASP A 1 89  ? -2.451  15.224  3.154   0.60 34.52  ? 128 ASP A N   1 
ATOM   703  C  CA  . ASP A 1 89  ? -3.405  15.880  4.092   0.60 35.51  ? 128 ASP A CA  1 
ATOM   704  C  C   . ASP A 1 89  ? -2.815  15.963  5.510   0.60 34.73  ? 128 ASP A C   1 
ATOM   705  O  O   . ASP A 1 89  ? -3.405  16.684  6.321   0.60 33.65  ? 128 ASP A O   1 
ATOM   706  C  CB  . ASP A 1 89  ? -4.755  15.164  4.176   0.60 34.27  ? 128 ASP A CB  1 
ATOM   707  C  CG  . ASP A 1 89  ? -5.638  15.234  2.925   0.60 34.51  ? 128 ASP A CG  1 
ATOM   708  O  OD1 . ASP A 1 89  ? -5.088  15.448  1.834   0.60 31.76  ? 128 ASP A OD1 1 
ATOM   709  O  OD2 . ASP A 1 89  ? -6.877  15.024  3.056   0.60 33.34  ? 128 ASP A OD2 1 
ATOM   710  N  N   . SER A 1 90  ? -1.729  15.238  5.823   0.60 35.51  ? 129 SER A N   1 
ATOM   711  C  CA  . SER A 1 90  ? -1.058  15.261  7.155   0.60 34.53  ? 129 SER A CA  1 
ATOM   712  C  C   . SER A 1 90  ? -0.358  16.602  7.347   0.60 35.63  ? 129 SER A C   1 
ATOM   713  O  O   . SER A 1 90  ? -0.034  17.251  6.356   0.60 36.95  ? 129 SER A O   1 
ATOM   714  C  CB  . SER A 1 90  ? -0.066  14.130  7.310   0.60 35.34  ? 129 SER A CB  1 
ATOM   715  O  OG  . SER A 1 90  ? -0.638  12.887  6.932   0.60 33.67  ? 129 SER A OG  1 
ATOM   716  N  N   . PRO A 1 91  ? -0.122  17.083  8.591   0.60 36.83  ? 130 PRO A N   1 
ATOM   717  C  CA  . PRO A 1 91  ? -0.740  16.546  9.804   0.60 36.30  ? 130 PRO A CA  1 
ATOM   718  C  C   . PRO A 1 91  ? -2.135  17.154  10.014  0.60 36.89  ? 130 PRO A C   1 
ATOM   719  O  O   . PRO A 1 91  ? -2.328  18.294  9.620   0.60 37.98  ? 130 PRO A O   1 
ATOM   720  C  CB  . PRO A 1 91  ? 0.229   17.013  10.892  0.60 38.71  ? 130 PRO A CB  1 
ATOM   721  C  CG  . PRO A 1 91  ? 0.690   18.361  10.396  0.60 39.55  ? 130 PRO A CG  1 
ATOM   722  C  CD  . PRO A 1 91  ? 0.774   18.209  8.891   0.60 39.24  ? 130 PRO A CD  1 
ATOM   723  N  N   . ASN A 1 92  ? -3.074  16.421  10.618  1.00 37.02  ? 131 ASN A N   1 
ATOM   724  C  CA  . ASN A 1 92  ? -4.488  16.878  10.641  1.00 38.12  ? 131 ASN A CA  1 
ATOM   725  C  C   . ASN A 1 92  ? -5.232  16.385  11.891  1.00 42.53  ? 131 ASN A C   1 
ATOM   726  O  O   . ASN A 1 92  ? -4.696  15.564  12.611  1.00 37.69  ? 131 ASN A O   1 
ATOM   727  C  CB  . ASN A 1 92  ? -5.208  16.578  9.323   1.00 38.77  ? 131 ASN A CB  1 
ATOM   728  C  CG  . ASN A 1 92  ? -5.925  17.808  8.792   1.00 44.29  ? 131 ASN A CG  1 
ATOM   729  O  OD1 . ASN A 1 92  ? -6.704  18.428  9.516   1.00 43.81  ? 131 ASN A OD1 1 
ATOM   730  N  ND2 . ASN A 1 92  ? -5.676  18.161  7.544   1.00 35.23  ? 131 ASN A ND2 1 
ATOM   731  N  N   . PHE A 1 93  ? -6.380  17.006  12.190  1.00 41.95  ? 132 PHE A N   1 
ATOM   732  C  CA  . PHE A 1 93  ? -7.203  16.683  13.381  1.00 44.83  ? 132 PHE A CA  1 
ATOM   733  C  C   . PHE A 1 93  ? -7.876  15.326  13.154  1.00 41.88  ? 132 PHE A C   1 
ATOM   734  O  O   . PHE A 1 93  ? -8.208  15.001  12.003  1.00 39.59  ? 132 PHE A O   1 
ATOM   735  C  CB  . PHE A 1 93  ? -8.249  17.775  13.650  1.00 48.33  ? 132 PHE A CB  1 
ATOM   736  C  CG  . PHE A 1 93  ? -7.642  19.082  14.092  1.00 46.56  ? 132 PHE A CG  1 
ATOM   737  C  CD1 . PHE A 1 93  ? -7.166  19.238  15.383  1.00 48.03  ? 132 PHE A CD1 1 
ATOM   738  C  CD2 . PHE A 1 93  ? -7.504  20.137  13.208  1.00 47.36  ? 132 PHE A CD2 1 
ATOM   739  C  CE1 . PHE A 1 93  ? -6.548  20.412  15.786  1.00 49.05  ? 132 PHE A CE1 1 
ATOM   740  C  CE2 . PHE A 1 93  ? -6.902  21.323  13.615  1.00 43.69  ? 132 PHE A CE2 1 
ATOM   741  C  CZ  . PHE A 1 93  ? -6.417  21.455  14.897  1.00 45.09  ? 132 PHE A CZ  1 
ATOM   742  N  N   . GLY A 1 94  ? -8.113  14.575  14.224  1.00 46.28  ? 133 GLY A N   1 
ATOM   743  C  CA  . GLY A 1 94  ? -8.945  13.357  14.167  1.00 45.75  ? 133 GLY A CA  1 
ATOM   744  C  C   . GLY A 1 94  ? -10.215 13.534  13.337  1.00 46.48  ? 133 GLY A C   1 
ATOM   745  O  O   . GLY A 1 94  ? -10.543 12.632  12.570  1.00 43.32  ? 133 GLY A O   1 
ATOM   746  N  N   . ALA A 1 95  ? -10.936 14.653  13.466  1.00 45.38  ? 134 ALA A N   1 
ATOM   747  C  CA  . ALA A 1 95  ? -12.241 14.866  12.787  1.00 46.09  ? 134 ALA A CA  1 
ATOM   748  C  C   . ALA A 1 95  ? -12.060 14.804  11.267  1.00 41.07  ? 134 ALA A C   1 
ATOM   749  O  O   . ALA A 1 95  ? -12.974 14.383  10.528  1.00 43.41  ? 134 ALA A O   1 
ATOM   750  C  CB  . ALA A 1 95  ? -12.796 16.206  13.199  1.00 46.97  ? 134 ALA A CB  1 
ATOM   751  N  N   . HIS A 1 96  ? -10.917 15.304  10.807  1.00 39.75  ? 135 HIS A N   1 
ATOM   752  C  CA  . HIS A 1 96  ? -10.572 15.407  9.374   1.00 40.61  ? 135 HIS A CA  1 
ATOM   753  C  C   . HIS A 1 96  ? -10.453 14.001  8.805   1.00 38.44  ? 135 HIS A C   1 
ATOM   754  O  O   . HIS A 1 96  ? -10.956 13.708  7.696   1.00 39.50  ? 135 HIS A O   1 
ATOM   755  C  CB  . HIS A 1 96  ? -9.236  16.151  9.199   1.00 42.45  ? 135 HIS A CB  1 
ATOM   756  C  CG  . HIS A 1 96  ? -8.829  16.191  7.772   1.00 42.43  ? 135 HIS A CG  1 
ATOM   757  N  ND1 . HIS A 1 96  ? -9.216  17.211  6.927   1.00 44.35  ? 135 HIS A ND1 1 
ATOM   758  C  CD2 . HIS A 1 96  ? -8.107  15.329  7.029   1.00 38.87  ? 135 HIS A CD2 1 
ATOM   759  C  CE1 . HIS A 1 96  ? -8.757  16.976  5.716   1.00 48.19  ? 135 HIS A CE1 1 
ATOM   760  N  NE2 . HIS A 1 96  ? -8.081  15.821  5.752   1.00 46.64  ? 135 HIS A NE2 1 
ATOM   761  N  N   . TRP A 1 97  ? -9.711  13.187  9.511   1.00 40.58  ? 136 TRP A N   1 
ATOM   762  C  CA  . TRP A 1 97  ? -9.415  11.807  9.071   1.00 38.39  ? 136 TRP A CA  1 
ATOM   763  C  C   . TRP A 1 97  ? -10.687 10.950  9.099   1.00 43.77  ? 136 TRP A C   1 
ATOM   764  O  O   . TRP A 1 97  ? -10.813 10.083  8.221   1.00 43.50  ? 136 TRP A O   1 
ATOM   765  C  CB  . TRP A 1 97  ? -8.324  11.247  9.960   1.00 38.49  ? 136 TRP A CB  1 
ATOM   766  C  CG  . TRP A 1 97  ? -7.015  11.966  9.869   1.00 34.78  ? 136 TRP A CG  1 
ATOM   767  C  CD1 . TRP A 1 97  ? -6.404  12.601  10.900  1.00 31.42  ? 136 TRP A CD1 1 
ATOM   768  C  CD2 . TRP A 1 97  ? -6.127  12.072  8.744   1.00 32.92  ? 136 TRP A CD2 1 
ATOM   769  N  NE1 . TRP A 1 97  ? -5.181  13.062  10.512  1.00 34.79  ? 136 TRP A NE1 1 
ATOM   770  C  CE2 . TRP A 1 97  ? -5.004  12.806  9.183   1.00 32.37  ? 136 TRP A CE2 1 
ATOM   771  C  CE3 . TRP A 1 97  ? -6.174  11.654  7.412   1.00 34.55  ? 136 TRP A CE3 1 
ATOM   772  C  CZ2 . TRP A 1 97  ? -3.904  13.058  8.372   1.00 32.59  ? 136 TRP A CZ2 1 
ATOM   773  C  CZ3 . TRP A 1 97  ? -5.099  11.929  6.592   1.00 33.68  ? 136 TRP A CZ3 1 
ATOM   774  C  CH2 . TRP A 1 97  ? -3.986  12.620  7.066   1.00 32.66  ? 136 TRP A CH2 1 
ATOM   775  N  N   . MET A 1 98  ? -11.627 11.230  10.013  1.00 43.83  ? 137 MET A N   1 
ATOM   776  C  CA  . MET A 1 98  ? -12.831 10.383  10.224  1.00 44.75  ? 137 MET A CA  1 
ATOM   777  C  C   . MET A 1 98  ? -14.011 10.836  9.357   1.00 44.99  ? 137 MET A C   1 
ATOM   778  O  O   . MET A 1 98  ? -14.922 10.054  9.280   1.00 45.94  ? 137 MET A O   1 
ATOM   779  C  CB  . MET A 1 98  ? -13.259 10.367  11.695  1.00 46.75  ? 137 MET A CB  1 
ATOM   780  C  CG  . MET A 1 98  ? -12.254 9.685   12.589  1.00 49.34  ? 137 MET A CG  1 
ATOM   781  S  SD  . MET A 1 98  ? -12.826 9.483   14.307  1.00 47.16  ? 137 MET A SD  1 
ATOM   782  C  CE  . MET A 1 98  ? -12.726 11.181  14.875  1.00 53.63  ? 137 MET A CE  1 
ATOM   783  N  N   . LYS A 1 99  ? -13.968 11.978  8.653   1.00 46.83  ? 138 LYS A N   1 
ATOM   784  C  CA  . LYS A 1 99  ? -15.144 12.503  7.891   1.00 47.40  ? 138 LYS A CA  1 
ATOM   785  C  C   . LYS A 1 99  ? -15.256 11.859  6.501   1.00 54.33  ? 138 LYS A C   1 
ATOM   786  O  O   . LYS A 1 99  ? -16.353 11.908  5.903   1.00 51.42  ? 138 LYS A O   1 
ATOM   787  C  CB  . LYS A 1 99  ? -15.132 14.036  7.801   1.00 47.52  ? 138 LYS A CB  1 
ATOM   788  C  CG  . LYS A 1 99  ? -13.940 14.699  7.115   1.00 54.14  ? 138 LYS A CG  1 
ATOM   789  C  CD  . LYS A 1 99  ? -14.162 16.208  6.907   1.00 65.87  ? 138 LYS A CD  1 
ATOM   790  C  CE  . LYS A 1 99  ? -13.169 16.896  5.988   1.00 68.40  ? 138 LYS A CE  1 
ATOM   791  N  NZ  . LYS A 1 99  ? -12.312 17.880  6.703   1.00 73.21  ? 138 LYS A NZ  1 
ATOM   792  N  N   . ALA A 1 100 ? -14.191 11.257  5.978   1.00 48.52  ? 139 ALA A N   1 
ATOM   793  C  CA  . ALA A 1 100 ? -14.253 10.520  4.700   1.00 45.65  ? 139 ALA A CA  1 
ATOM   794  C  C   . ALA A 1 100 ? -13.140 9.484   4.698   1.00 43.88  ? 139 ALA A C   1 
ATOM   795  O  O   . ALA A 1 100 ? -12.188 9.637   5.455   1.00 45.20  ? 139 ALA A O   1 
ATOM   796  C  CB  . ALA A 1 100 ? -14.142 11.479  3.537   1.00 49.30  ? 139 ALA A CB  1 
ATOM   797  N  N   . PRO A 1 101 ? -13.244 8.404   3.892   1.00 44.30  ? 140 PRO A N   1 
ATOM   798  C  CA  . PRO A 1 101 ? -12.164 7.428   3.787   1.00 41.90  ? 140 PRO A CA  1 
ATOM   799  C  C   . PRO A 1 101 ? -10.852 8.166   3.504   1.00 41.54  ? 140 PRO A C   1 
ATOM   800  O  O   . PRO A 1 101 ? -10.855 9.103   2.768   1.00 38.83  ? 140 PRO A O   1 
ATOM   801  C  CB  . PRO A 1 101 ? -12.565 6.538   2.608   1.00 44.04  ? 140 PRO A CB  1 
ATOM   802  C  CG  . PRO A 1 101 ? -14.082 6.637   2.566   1.00 46.47  ? 140 PRO A CG  1 
ATOM   803  C  CD  . PRO A 1 101 ? -14.399 8.041   3.056   1.00 46.87  ? 140 PRO A CD  1 
ATOM   804  N  N   . VAL A 1 102 ? -9.775  7.769   4.164   1.00 38.40  ? 141 VAL A N   1 
ATOM   805  C  CA  . VAL A 1 102 ? -8.417  8.332   3.912   1.00 36.92  ? 141 VAL A CA  1 
ATOM   806  C  C   . VAL A 1 102 ? -7.845  7.636   2.671   1.00 38.11  ? 141 VAL A C   1 
ATOM   807  O  O   . VAL A 1 102 ? -7.628  6.392   2.682   1.00 36.86  ? 141 VAL A O   1 
ATOM   808  C  CB  . VAL A 1 102 ? -7.526  8.183   5.150   1.00 34.23  ? 141 VAL A CB  1 
ATOM   809  C  CG1 . VAL A 1 102 ? -6.151  8.783   4.950   1.00 34.60  ? 141 VAL A CG1 1 
ATOM   810  C  CG2 . VAL A 1 102 ? -8.211  8.731   6.392   1.00 37.61  ? 141 VAL A CG2 1 
ATOM   811  N  N   . SER A 1 103 ? -7.636  8.400   1.609   1.00 36.49  ? 142 SER A N   1 
ATOM   812  C  CA  . SER A 1 103 ? -7.351  7.845   0.264   1.00 38.81  ? 142 SER A CA  1 
ATOM   813  C  C   . SER A 1 103 ? -5.888  8.136   -0.116  1.00 36.20  ? 142 SER A C   1 
ATOM   814  O  O   . SER A 1 103 ? -5.500  9.293   -0.147  1.00 37.75  ? 142 SER A O   1 
ATOM   815  C  CB  . SER A 1 103 ? -8.353  8.379   -0.705  1.00 39.64  ? 142 SER A CB  1 
ATOM   816  O  OG  . SER A 1 103 ? -8.010  8.038   -2.027  1.00 40.71  ? 142 SER A OG  1 
ATOM   817  N  N   . PHE A 1 104 ? -5.087  7.101   -0.375  1.00 33.91  ? 143 PHE A N   1 
ATOM   818  C  CA  . PHE A 1 104 ? -3.647  7.250   -0.724  1.00 30.99  ? 143 PHE A CA  1 
ATOM   819  C  C   . PHE A 1 104 ? -3.495  7.299   -2.253  1.00 35.12  ? 143 PHE A C   1 
ATOM   820  O  O   . PHE A 1 104 ? -2.692  6.558   -2.828  1.00 33.48  ? 143 PHE A O   1 
ATOM   821  C  CB  . PHE A 1 104 ? -2.859  6.115   -0.053  1.00 33.31  ? 143 PHE A CB  1 
ATOM   822  C  CG  . PHE A 1 104 ? -2.811  6.227   1.452   1.00 33.48  ? 143 PHE A CG  1 
ATOM   823  C  CD1 . PHE A 1 104 ? -1.782  6.899   2.081   1.00 31.51  ? 143 PHE A CD1 1 
ATOM   824  C  CD2 . PHE A 1 104 ? -3.805  5.666   2.242   1.00 35.94  ? 143 PHE A CD2 1 
ATOM   825  C  CE1 . PHE A 1 104 ? -1.720  6.974   3.458   1.00 36.14  ? 143 PHE A CE1 1 
ATOM   826  C  CE2 . PHE A 1 104 ? -3.730  5.736   3.621   1.00 38.54  ? 143 PHE A CE2 1 
ATOM   827  C  CZ  . PHE A 1 104 ? -2.711  6.416   4.222   1.00 33.24  ? 143 PHE A CZ  1 
ATOM   828  N  N   . SER A 1 105 ? -4.236  8.186   -2.912  1.00 34.27  ? 144 SER A N   1 
ATOM   829  C  CA  . SER A 1 105 ? -4.362  8.222   -4.393  1.00 35.60  ? 144 SER A CA  1 
ATOM   830  C  C   . SER A 1 105 ? -3.082  8.770   -5.030  1.00 33.52  ? 144 SER A C   1 
ATOM   831  O  O   . SER A 1 105 ? -2.846  8.462   -6.224  1.00 36.85  ? 144 SER A O   1 
ATOM   832  C  CB  . SER A 1 105 ? -5.560  9.006   -4.797  1.00 35.80  ? 144 SER A CB  1 
ATOM   833  O  OG  . SER A 1 105 ? -5.449  10.300  -4.286  1.00 38.05  ? 144 SER A OG  1 
ATOM   834  N  N   . LYS A 1 106 ? -2.261  9.493   -4.280  1.00 33.06  ? 145 LYS A N   1 
ATOM   835  C  CA  . LYS A 1 106 ? -1.104  10.229  -4.870  1.00 32.61  ? 145 LYS A CA  1 
ATOM   836  C  C   . LYS A 1 106 ? 0.227   9.510   -4.616  1.00 34.87  ? 145 LYS A C   1 
ATOM   837  O  O   . LYS A 1 106 ? 1.291   9.958   -5.121  1.00 31.82  ? 145 LYS A O   1 
ATOM   838  C  CB  . LYS A 1 106 ? -1.065  11.659  -4.336  1.00 34.90  ? 145 LYS A CB  1 
ATOM   839  C  CG  . LYS A 1 106 ? -2.312  12.484  -4.609  1.00 34.57  ? 145 LYS A CG  1 
ATOM   840  C  CD  . LYS A 1 106 ? -2.721  12.543  -6.027  1.00 36.87  ? 145 LYS A CD  1 
ATOM   841  C  CE  . LYS A 1 106 ? -3.634  13.725  -6.305  1.00 34.61  ? 145 LYS A CE  1 
ATOM   842  N  NZ  . LYS A 1 106 ? -3.936  13.727  -7.751  1.00 41.17  ? 145 LYS A NZ  1 
ATOM   843  N  N   . VAL A 1 107 ? 0.222   8.364   -3.935  1.00 33.36  ? 146 VAL A N   1 
ATOM   844  C  CA  . VAL A 1 107 ? 1.505   7.642   -3.747  1.00 35.01  ? 146 VAL A CA  1 
ATOM   845  C  C   . VAL A 1 107 ? 1.899   7.063   -5.098  1.00 31.67  ? 146 VAL A C   1 
ATOM   846  O  O   . VAL A 1 107 ? 1.040   6.496   -5.758  1.00 31.87  ? 146 VAL A O   1 
ATOM   847  C  CB  . VAL A 1 107 ? 1.453   6.550   -2.661  1.00 30.98  ? 146 VAL A CB  1 
ATOM   848  C  CG1 . VAL A 1 107 ? 0.500   5.421   -3.024  1.00 32.58  ? 146 VAL A CG1 1 
ATOM   849  C  CG2 . VAL A 1 107 ? 2.855   6.020   -2.391  1.00 31.32  ? 146 VAL A CG2 1 
ATOM   850  N  N   . LYS A 1 108 ? 3.179   7.163   -5.438  1.00 34.52  ? 147 LYS A N   1 
ATOM   851  C  CA  . LYS A 1 108 ? 3.760   6.571   -6.672  1.00 35.32  ? 147 LYS A CA  1 
ATOM   852  C  C   . LYS A 1 108 ? 4.841   5.547   -6.324  1.00 34.38  ? 147 LYS A C   1 
ATOM   853  O  O   . LYS A 1 108 ? 5.712   5.819   -5.468  1.00 35.71  ? 147 LYS A O   1 
ATOM   854  C  CB  . LYS A 1 108 ? 4.400   7.633   -7.559  1.00 42.19  ? 147 LYS A CB  1 
ATOM   855  C  CG  . LYS A 1 108 ? 3.449   8.714   -8.032  1.00 47.26  ? 147 LYS A CG  1 
ATOM   856  C  CD  . LYS A 1 108 ? 4.175   9.981   -8.411  1.00 51.50  ? 147 LYS A CD  1 
ATOM   857  C  CE  . LYS A 1 108 ? 4.362   10.137  -9.897  1.00 52.72  ? 147 LYS A CE  1 
ATOM   858  N  NZ  . LYS A 1 108 ? 4.368   11.575  -10.251 1.00 50.05  ? 147 LYS A NZ  1 
ATOM   859  N  N   . LEU A 1 109 ? 4.735   4.393   -6.956  1.00 38.46  ? 148 LEU A N   1 
ATOM   860  C  CA  . LEU A 1 109 ? 5.614   3.215   -6.755  1.00 37.72  ? 148 LEU A CA  1 
ATOM   861  C  C   . LEU A 1 109 ? 6.676   3.229   -7.850  1.00 38.47  ? 148 LEU A C   1 
ATOM   862  O  O   . LEU A 1 109 ? 6.280   3.233   -9.049  1.00 36.68  ? 148 LEU A O   1 
ATOM   863  C  CB  . LEU A 1 109 ? 4.747   1.961   -6.842  1.00 34.09  ? 148 LEU A CB  1 
ATOM   864  C  CG  . LEU A 1 109 ? 3.575   1.902   -5.849  1.00 33.65  ? 148 LEU A CG  1 
ATOM   865  C  CD1 . LEU A 1 109 ? 2.904   0.535   -5.896  1.00 34.46  ? 148 LEU A CD1 1 
ATOM   866  C  CD2 . LEU A 1 109 ? 4.038   2.281   -4.443  1.00 36.25  ? 148 LEU A CD2 1 
ATOM   867  N  N   . THR A 1 110 ? 7.949   3.227   -7.469  1.00 37.91  ? 149 THR A N   1 
ATOM   868  C  CA  . THR A 1 110 ? 9.071   3.255   -8.442  1.00 43.16  ? 149 THR A CA  1 
ATOM   869  C  C   . THR A 1 110 ? 9.976   2.041   -8.241  1.00 46.23  ? 149 THR A C   1 
ATOM   870  O  O   . THR A 1 110 ? 9.872   1.367   -7.175  1.00 42.68  ? 149 THR A O   1 
ATOM   871  C  CB  . THR A 1 110 ? 9.847   4.585   -8.392  1.00 43.26  ? 149 THR A CB  1 
ATOM   872  O  OG1 . THR A 1 110 ? 10.876  4.508   -9.383  1.00 43.98  ? 149 THR A OG1 1 
ATOM   873  C  CG2 . THR A 1 110 ? 10.469  4.909   -7.051  1.00 40.62  ? 149 THR A CG2 1 
ATOM   874  N  N   . ASN A 1 111 ? 10.853  1.801   -9.223  1.00 43.39  ? 150 ASN A N   1 
ATOM   875  C  CA  . ASN A 1 111 ? 11.958  0.809   -9.120  1.00 47.34  ? 150 ASN A CA  1 
ATOM   876  C  C   . ASN A 1 111 ? 13.324  1.498   -9.032  1.00 52.51  ? 150 ASN A C   1 
ATOM   877  O  O   . ASN A 1 111 ? 14.306  0.760   -8.987  1.00 51.29  ? 150 ASN A O   1 
ATOM   878  C  CB  . ASN A 1 111 ? 11.923  -0.244  -10.233 1.00 48.86  ? 150 ASN A CB  1 
ATOM   879  C  CG  . ASN A 1 111 ? 11.775  0.307   -11.640 1.00 46.09  ? 150 ASN A CG  1 
ATOM   880  O  OD1 . ASN A 1 111 ? 11.520  -0.456  -12.564 1.00 54.83  ? 150 ASN A OD1 1 
ATOM   881  N  ND2 . ASN A 1 111 ? 11.876  1.610   -11.810 1.00 43.33  ? 150 ASN A ND2 1 
ATOM   882  N  N   . LYS A 1 112 ? 13.406  2.828   -8.922  1.00 56.35  ? 151 LYS A N   1 
ATOM   883  C  CA  . LYS A 1 112 ? 14.712  3.554   -8.855  1.00 66.77  ? 151 LYS A CA  1 
ATOM   884  C  C   . LYS A 1 112 ? 14.734  4.504   -7.655  1.00 70.47  ? 151 LYS A C   1 
ATOM   885  O  O   . LYS A 1 112 ? 13.744  5.237   -7.467  1.00 71.33  ? 151 LYS A O   1 
ATOM   886  C  CB  . LYS A 1 112 ? 14.976  4.331   -10.152 1.00 74.22  ? 151 LYS A CB  1 
ATOM   887  C  CG  . LYS A 1 112 ? 15.084  3.477   -11.413 1.00 80.72  ? 151 LYS A CG  1 
ATOM   888  C  CD  . LYS A 1 112 ? 16.460  2.872   -11.653 1.00 84.78  ? 151 LYS A CD  1 
ATOM   889  C  CE  . LYS A 1 112 ? 16.571  2.220   -13.017 1.00 86.60  ? 151 LYS A CE  1 
ATOM   890  N  NZ  . LYS A 1 112 ? 17.723  1.292   -13.087 1.00 87.78  ? 151 LYS A NZ  1 
ATOM   891  N  N   . LEU A 1 113 ? 15.819  4.478   -6.869  1.00 78.55  ? 152 LEU A N   1 
ATOM   892  C  CA  . LEU A 1 113 ? 16.149  5.529   -5.866  1.00 83.32  ? 152 LEU A CA  1 
ATOM   893  C  C   . LEU A 1 113 ? 15.987  6.891   -6.553  1.00 91.10  ? 152 LEU A C   1 
ATOM   894  O  O   . LEU A 1 113 ? 16.579  7.087   -7.635  1.00 91.99  ? 152 LEU A O   1 
ATOM   895  C  CB  . LEU A 1 113 ? 17.555  5.335   -5.270  1.00 85.24  ? 152 LEU A CB  1 
ATOM   896  C  CG  . LEU A 1 113 ? 18.672  4.722   -6.132  1.00 88.63  ? 152 LEU A CG  1 
ATOM   897  C  CD1 . LEU A 1 113 ? 18.678  3.197   -6.068  1.00 87.14  ? 152 LEU A CD1 1 
ATOM   898  C  CD2 . LEU A 1 113 ? 18.661  5.204   -7.582  1.00 92.34  ? 152 LEU A CD2 1 
ATOM   899  N  N   . ASN A 1 114 ? 15.156  7.770   -5.987  1.00 97.41  ? 153 ASN A N   1 
ATOM   900  C  CA  . ASN A 1 114 ? 14.643  8.975   -6.692  1.00 103.52 ? 153 ASN A CA  1 
ATOM   901  C  C   . ASN A 1 114 ? 14.373  10.098  -5.684  1.00 103.72 ? 153 ASN A C   1 
ATOM   902  O  O   . ASN A 1 114 ? 14.075  9.782   -4.507  1.00 104.47 ? 153 ASN A O   1 
ATOM   903  C  CB  . ASN A 1 114 ? 13.386  8.653   -7.510  1.00 105.68 ? 153 ASN A CB  1 
ATOM   904  C  CG  . ASN A 1 114 ? 13.636  7.830   -8.762  1.00 108.72 ? 153 ASN A CG  1 
ATOM   905  O  OD1 . ASN A 1 114 ? 14.615  8.035   -9.485  1.00 97.59  ? 153 ASN A OD1 1 
ATOM   906  N  ND2 . ASN A 1 114 ? 12.736  6.901   -9.043  1.00 103.26 ? 153 ASN A ND2 1 
ATOM   907  N  N   . GLY A 1 115 ? 14.446  11.348  -6.166  1.00 104.53 ? 154 GLY A N   1 
ATOM   908  C  CA  . GLY A 1 115 ? 14.383  12.607  -5.395  1.00 101.99 ? 154 GLY A CA  1 
ATOM   909  C  C   . GLY A 1 115 ? 13.573  12.484  -4.121  1.00 92.87  ? 154 GLY A C   1 
ATOM   910  O  O   . GLY A 1 115 ? 14.173  12.285  -3.054  1.00 87.87  ? 154 GLY A O   1 
ATOM   911  N  N   . GLY A 1 116 ? 12.252  12.613  -4.230  1.00 89.52  ? 155 GLY A N   1 
ATOM   912  C  CA  . GLY A 1 116 ? 11.333  12.556  -3.081  1.00 87.55  ? 155 GLY A CA  1 
ATOM   913  C  C   . GLY A 1 116 ? 9.949   12.142  -3.521  1.00 80.22  ? 155 GLY A C   1 
ATOM   914  O  O   . GLY A 1 116 ? 9.731   11.997  -4.726  1.00 89.96  ? 155 GLY A O   1 
ATOM   915  N  N   . GLY A 1 117 ? 9.037   11.990  -2.571  1.00 74.73  ? 156 GLY A N   1 
ATOM   916  C  CA  . GLY A 1 117 ? 7.685   11.472  -2.821  1.00 71.52  ? 156 GLY A CA  1 
ATOM   917  C  C   . GLY A 1 117 ? 7.722   9.977   -3.069  1.00 61.06  ? 156 GLY A C   1 
ATOM   918  O  O   . GLY A 1 117 ? 7.479   9.222   -2.113  1.00 60.06  ? 156 GLY A O   1 
ATOM   919  N  N   . GLN A 1 118 ? 8.064   9.562   -4.292  1.00 54.39  ? 157 GLN A N   1 
ATOM   920  C  CA  . GLN A 1 118 ? 7.826   8.173   -4.779  1.00 48.88  ? 157 GLN A CA  1 
ATOM   921  C  C   . GLN A 1 118 ? 8.468   7.176   -3.809  1.00 45.49  ? 157 GLN A C   1 
ATOM   922  O  O   . GLN A 1 118 ? 9.484   7.495   -3.205  1.00 40.42  ? 157 GLN A O   1 
ATOM   923  C  CB  . GLN A 1 118 ? 8.398   7.891   -6.173  1.00 53.92  ? 157 GLN A CB  1 
ATOM   924  C  CG  . GLN A 1 118 ? 8.304   9.043   -7.155  1.00 60.80  ? 157 GLN A CG  1 
ATOM   925  C  CD  . GLN A 1 118 ? 9.668   9.662   -7.327  1.00 62.33  ? 157 GLN A CD  1 
ATOM   926  O  OE1 . GLN A 1 118 ? 10.602  8.998   -7.762  1.00 71.98  ? 157 GLN A OE1 1 
ATOM   927  N  NE2 . GLN A 1 118 ? 9.799   10.924  -6.950  1.00 55.37  ? 157 GLN A NE2 1 
ATOM   928  N  N   . ILE A 1 119 ? 7.886   5.994   -3.694  1.00 40.58  ? 158 ILE A N   1 
ATOM   929  C  CA  . ILE A 1 119 ? 8.388   4.922   -2.799  1.00 40.04  ? 158 ILE A CA  1 
ATOM   930  C  C   . ILE A 1 119 ? 9.006   3.848   -3.684  1.00 37.11  ? 158 ILE A C   1 
ATOM   931  O  O   . ILE A 1 119 ? 8.271   3.293   -4.552  1.00 37.19  ? 158 ILE A O   1 
ATOM   932  C  CB  . ILE A 1 119 ? 7.222   4.363   -1.976  1.00 37.36  ? 158 ILE A CB  1 
ATOM   933  C  CG1 . ILE A 1 119 ? 6.584   5.444   -1.101  1.00 38.12  ? 158 ILE A CG1 1 
ATOM   934  C  CG2 . ILE A 1 119 ? 7.652   3.129   -1.212  1.00 38.11  ? 158 ILE A CG2 1 
ATOM   935  C  CD1 . ILE A 1 119 ? 7.523   6.129   -0.103  1.00 38.13  ? 158 ILE A CD1 1 
ATOM   936  N  N   . MET A 1 120 ? 10.278  3.531   -3.438  1.00 39.44  ? 159 MET A N   1 
ATOM   937  C  CA  . MET A 1 120 ? 11.008  2.509   -4.224  1.00 42.99  ? 159 MET A CA  1 
ATOM   938  C  C   . MET A 1 120 ? 10.674  1.115   -3.693  1.00 40.64  ? 159 MET A C   1 
ATOM   939  O  O   . MET A 1 120 ? 10.784  0.857   -2.463  1.00 38.47  ? 159 MET A O   1 
ATOM   940  C  CB  . MET A 1 120 ? 12.521  2.721   -4.187  1.00 50.08  ? 159 MET A CB  1 
ATOM   941  C  CG  . MET A 1 120 ? 13.262  1.858   -5.195  1.00 55.19  ? 159 MET A CG  1 
ATOM   942  S  SD  . MET A 1 120 ? 15.035  1.982   -4.947  1.00 71.46  ? 159 MET A SD  1 
ATOM   943  C  CE  . MET A 1 120 ? 15.216  0.908   -3.519  1.00 70.08  ? 159 MET A CE  1 
ATOM   944  N  N   . LEU A 1 121 ? 10.208  0.257   -4.589  1.00 34.51  ? 160 LEU A N   1 
ATOM   945  C  CA  . LEU A 1 121 ? 10.015  -1.186  -4.321  1.00 33.68  ? 160 LEU A CA  1 
ATOM   946  C  C   . LEU A 1 121 ? 10.951  -1.988  -5.226  1.00 43.49  ? 160 LEU A C   1 
ATOM   947  O  O   . LEU A 1 121 ? 11.312  -1.472  -6.304  1.00 39.50  ? 160 LEU A O   1 
ATOM   948  C  CB  . LEU A 1 121 ? 8.558   -1.550  -4.584  1.00 38.12  ? 160 LEU A CB  1 
ATOM   949  C  CG  . LEU A 1 121 ? 7.501   -0.727  -3.857  1.00 33.48  ? 160 LEU A CG  1 
ATOM   950  C  CD1 . LEU A 1 121 ? 6.128   -1.297  -4.166  1.00 33.09  ? 160 LEU A CD1 1 
ATOM   951  C  CD2 . LEU A 1 121 ? 7.762   -0.705  -2.337  1.00 38.81  ? 160 LEU A CD2 1 
ATOM   952  N  N   . ASN A 1 122 ? 11.298  -3.207  -4.814  1.00 46.49  ? 161 ASN A N   1 
ATOM   953  C  CA  . ASN A 1 122 ? 11.997  -4.210  -5.663  1.00 46.31  ? 161 ASN A CA  1 
ATOM   954  C  C   . ASN A 1 122 ? 10.979  -4.870  -6.596  1.00 47.41  ? 161 ASN A C   1 
ATOM   955  O  O   . ASN A 1 122 ? 10.007  -5.512  -6.112  1.00 43.05  ? 161 ASN A O   1 
ATOM   956  C  CB  . ASN A 1 122 ? 12.674  -5.313  -4.852  1.00 48.60  ? 161 ASN A CB  1 
ATOM   957  C  CG  . ASN A 1 122 ? 13.761  -4.791  -3.945  1.00 52.54  ? 161 ASN A CG  1 
ATOM   958  O  OD1 . ASN A 1 122 ? 14.486  -3.879  -4.325  1.00 51.77  ? 161 ASN A OD1 1 
ATOM   959  N  ND2 . ASN A 1 122 ? 13.884  -5.368  -2.754  1.00 55.33  ? 161 ASN A ND2 1 
ATOM   960  N  N   . SER A 1 123 ? 11.207  -4.781  -7.897  1.00 41.19  ? 162 SER A N   1 
ATOM   961  C  CA  . SER A 1 123 ? 10.360  -5.475  -8.887  1.00 42.27  ? 162 SER A CA  1 
ATOM   962  C  C   . SER A 1 123 ? 10.345  -6.978  -8.576  1.00 36.06  ? 162 SER A C   1 
ATOM   963  O  O   . SER A 1 123 ? 11.368  -7.496  -8.093  1.00 40.27  ? 162 SER A O   1 
ATOM   964  C  CB  . SER A 1 123 ? 10.841  -5.217  -10.293 1.00 45.22  ? 162 SER A CB  1 
ATOM   965  O  OG  . SER A 1 123 ? 9.830   -5.639  -11.189 1.00 52.42  ? 162 SER A OG  1 
ATOM   966  N  N   . LEU A 1 124 ? 9.228   -7.653  -8.849  1.00 36.48  ? 163 LEU A N   1 
ATOM   967  C  CA  . LEU A 1 124 ? 9.029   -9.118  -8.675  1.00 36.05  ? 163 LEU A CA  1 
ATOM   968  C  C   . LEU A 1 124 ? 9.157   -9.555  -7.195  1.00 41.00  ? 163 LEU A C   1 
ATOM   969  O  O   . LEU A 1 124 ? 9.324   -10.768 -6.943  1.00 38.47  ? 163 LEU A O   1 
ATOM   970  C  CB  . LEU A 1 124 ? 10.020  -9.860  -9.579  1.00 40.85  ? 163 LEU A CB  1 
ATOM   971  C  CG  . LEU A 1 124 ? 9.830   -9.617  -11.087 1.00 44.75  ? 163 LEU A CG  1 
ATOM   972  C  CD1 . LEU A 1 124 ? 10.682  -10.586 -11.891 1.00 49.20  ? 163 LEU A CD1 1 
ATOM   973  C  CD2 . LEU A 1 124 ? 8.370   -9.756  -11.523 1.00 41.17  ? 163 LEU A CD2 1 
ATOM   974  N  N   . HIS A 1 125 ? 9.025   -8.625  -6.249  1.00 35.69  ? 164 HIS A N   1 
ATOM   975  C  CA  . HIS A 1 125 ? 8.765   -8.933  -4.810  1.00 35.17  ? 164 HIS A CA  1 
ATOM   976  C  C   . HIS A 1 125 ? 7.289   -8.685  -4.485  1.00 37.96  ? 164 HIS A C   1 
ATOM   977  O  O   . HIS A 1 125 ? 6.606   -7.791  -5.126  1.00 31.82  ? 164 HIS A O   1 
ATOM   978  C  CB  . HIS A 1 125 ? 9.734   -8.163  -3.926  1.00 39.84  ? 164 HIS A CB  1 
ATOM   979  C  CG  . HIS A 1 125 ? 11.117  -8.695  -4.096  1.00 47.45  ? 164 HIS A CG  1 
ATOM   980  N  ND1 . HIS A 1 125 ? 11.773  -8.661  -5.324  1.00 49.11  ? 164 HIS A ND1 1 
ATOM   981  C  CD2 . HIS A 1 125 ? 11.926  -9.369  -3.250  1.00 50.27  ? 164 HIS A CD2 1 
ATOM   982  C  CE1 . HIS A 1 125 ? 12.946  -9.267  -5.215  1.00 48.02  ? 164 HIS A CE1 1 
ATOM   983  N  NE2 . HIS A 1 125 ? 13.078  -9.683  -3.941  1.00 52.03  ? 164 HIS A NE2 1 
ATOM   984  N  N   . LYS A 1 126 ? 6.813   -9.448  -3.512  1.00 32.33  ? 165 LYS A N   1 
ATOM   985  C  CA  . LYS A 1 126 ? 5.422   -9.409  -3.055  1.00 32.53  ? 165 LYS A CA  1 
ATOM   986  C  C   . LYS A 1 126 ? 5.372   -8.499  -1.822  1.00 33.85  ? 165 LYS A C   1 
ATOM   987  O  O   . LYS A 1 126 ? 6.216   -8.676  -0.934  1.00 30.95  ? 165 LYS A O   1 
ATOM   988  C  CB  . LYS A 1 126 ? 4.960   -10.835 -2.812  1.00 35.02  ? 165 LYS A CB  1 
ATOM   989  C  CG  . LYS A 1 126 ? 3.515   -10.965 -2.366  1.00 41.46  ? 165 LYS A CG  1 
ATOM   990  C  CD  . LYS A 1 126 ? 3.075   -12.400 -2.244  1.00 42.38  ? 165 LYS A CD  1 
ATOM   991  C  CE  . LYS A 1 126 ? 2.321   -12.885 -3.466  1.00 47.88  ? 165 LYS A CE  1 
ATOM   992  N  NZ  . LYS A 1 126 ? 1.845   -14.284 -3.312  1.00 45.64  ? 165 LYS A NZ  1 
ATOM   993  N  N   . TYR A 1 127 ? 4.364   -7.636  -1.755  1.00 30.26  ? 166 TYR A N   1 
ATOM   994  C  CA  . TYR A 1 127 ? 4.281   -6.540  -0.765  1.00 27.02  ? 166 TYR A CA  1 
ATOM   995  C  C   . TYR A 1 127 ? 2.912   -6.569  -0.100  1.00 30.15  ? 166 TYR A C   1 
ATOM   996  O  O   . TYR A 1 127 ? 1.905   -6.884  -0.748  1.00 28.09  ? 166 TYR A O   1 
ATOM   997  C  CB  . TYR A 1 127 ? 4.604   -5.193  -1.405  1.00 27.47  ? 166 TYR A CB  1 
ATOM   998  C  CG  . TYR A 1 127 ? 6.056   -5.011  -1.724  1.00 29.24  ? 166 TYR A CG  1 
ATOM   999  C  CD1 . TYR A 1 127 ? 6.983   -4.698  -0.759  1.00 30.35  ? 166 TYR A CD1 1 
ATOM   1000 C  CD2 . TYR A 1 127 ? 6.511   -5.232  -3.016  1.00 33.57  ? 166 TYR A CD2 1 
ATOM   1001 C  CE1 . TYR A 1 127 ? 8.328   -4.540  -1.059  1.00 31.71  ? 166 TYR A CE1 1 
ATOM   1002 C  CE2 . TYR A 1 127 ? 7.852   -5.105  -3.324  1.00 30.73  ? 166 TYR A CE2 1 
ATOM   1003 C  CZ  . TYR A 1 127 ? 8.761   -4.767  -2.347  1.00 34.72  ? 166 TYR A CZ  1 
ATOM   1004 O  OH  . TYR A 1 127 ? 10.071  -4.641  -2.694  1.00 37.17  ? 166 TYR A OH  1 
ATOM   1005 N  N   . GLU A 1 128 ? 2.895   -6.202  1.177   1.00 28.11  ? 167 GLU A N   1 
ATOM   1006 C  CA  . GLU A 1 128 ? 1.646   -6.042  1.957   1.00 29.80  ? 167 GLU A CA  1 
ATOM   1007 C  C   . GLU A 1 128 ? 1.594   -4.606  2.447   1.00 29.09  ? 167 GLU A C   1 
ATOM   1008 O  O   . GLU A 1 128 ? 2.408   -4.192  3.268   1.00 28.02  ? 167 GLU A O   1 
ATOM   1009 C  CB  . GLU A 1 128 ? 1.605   -6.988  3.161   1.00 28.26  ? 167 GLU A CB  1 
ATOM   1010 C  CG  . GLU A 1 128 ? 0.288   -6.907  3.902   1.00 29.41  ? 167 GLU A CG  1 
ATOM   1011 C  CD  . GLU A 1 128 ? 0.161   -8.072  4.879   1.00 27.69  ? 167 GLU A CD  1 
ATOM   1012 O  OE1 . GLU A 1 128 ? 0.716   -7.940  5.957   1.00 28.35  ? 167 GLU A OE1 1 
ATOM   1013 O  OE2 . GLU A 1 128 ? -0.448  -9.046  4.520   1.00 25.66  ? 167 GLU A OE2 1 
ATOM   1014 N  N   . PRO A 1 129 ? 0.711   -3.782  1.849   1.00 27.66  ? 168 PRO A N   1 
ATOM   1015 C  CA  . PRO A 1 129 ? 0.527   -2.424  2.326   1.00 29.05  ? 168 PRO A CA  1 
ATOM   1016 C  C   . PRO A 1 129 ? 0.217   -2.361  3.833   1.00 26.95  ? 168 PRO A C   1 
ATOM   1017 O  O   . PRO A 1 129 ? -0.473  -3.240  4.358   1.00 29.45  ? 168 PRO A O   1 
ATOM   1018 C  CB  . PRO A 1 129 ? -0.666  -1.934  1.515   1.00 27.09  ? 168 PRO A CB  1 
ATOM   1019 C  CG  . PRO A 1 129 ? -0.549  -2.724  0.206   1.00 26.29  ? 168 PRO A CG  1 
ATOM   1020 C  CD  . PRO A 1 129 ? -0.090  -4.100  0.642   1.00 27.55  ? 168 PRO A CD  1 
ATOM   1021 N  N   . ARG A 1 130 ? 0.741   -1.318  4.472   1.00 29.39  ? 169 ARG A N   1 
ATOM   1022 C  CA  . ARG A 1 130 ? 0.647   -1.106  5.934   1.00 29.01  ? 169 ARG A CA  1 
ATOM   1023 C  C   . ARG A 1 130 ? 0.546   0.399   6.209   1.00 28.72  ? 169 ARG A C   1 
ATOM   1024 O  O   . ARG A 1 130 ? 1.324   1.202   5.664   1.00 29.54  ? 169 ARG A O   1 
ATOM   1025 C  CB  . ARG A 1 130 ? 1.818   -1.802  6.636   1.00 31.12  ? 169 ARG A CB  1 
ATOM   1026 C  CG  . ARG A 1 130 ? 1.858   -1.647  8.155   1.00 33.78  ? 169 ARG A CG  1 
ATOM   1027 C  CD  . ARG A 1 130 ? 3.055   -2.440  8.662   1.00 28.99  ? 169 ARG A CD  1 
ATOM   1028 N  NE  . ARG A 1 130 ? 4.291   -1.738  8.354   1.00 27.33  ? 169 ARG A NE  1 
ATOM   1029 C  CZ  . ARG A 1 130 ? 5.475   -2.043  8.803   1.00 28.72  ? 169 ARG A CZ  1 
ATOM   1030 N  NH1 . ARG A 1 130 ? 5.641   -3.098  9.600   1.00 30.02  ? 169 ARG A NH1 1 
ATOM   1031 N  NH2 . ARG A 1 130 ? 6.504   -1.282  8.491   1.00 27.38  ? 169 ARG A NH2 1 
ATOM   1032 N  N   . ILE A 1 131 ? -0.329  0.794   7.115   1.00 27.59  ? 170 ILE A N   1 
ATOM   1033 C  CA  . ILE A 1 131 ? -0.353  2.216   7.514   1.00 26.96  ? 170 ILE A CA  1 
ATOM   1034 C  C   . ILE A 1 131 ? 0.064   2.307   8.989   1.00 32.50  ? 170 ILE A C   1 
ATOM   1035 O  O   . ILE A 1 131 ? -0.036  1.293   9.748   1.00 29.44  ? 170 ILE A O   1 
ATOM   1036 C  CB  . ILE A 1 131 ? -1.725  2.835   7.238   1.00 28.71  ? 170 ILE A CB  1 
ATOM   1037 C  CG1 . ILE A 1 131 ? -2.802  2.113   8.045   1.00 31.17  ? 170 ILE A CG1 1 
ATOM   1038 C  CG2 . ILE A 1 131 ? -2.058  2.871   5.744   1.00 31.48  ? 170 ILE A CG2 1 
ATOM   1039 C  CD1 . ILE A 1 131 ? -4.071  2.922   8.243   1.00 39.81  ? 170 ILE A CD1 1 
ATOM   1040 N  N   . HIS A 1 132 ? 0.543   3.484   9.342   1.00 30.94  ? 171 HIS A N   1 
ATOM   1041 C  CA  . HIS A 1 132 ? 0.816   3.925   10.721  1.00 31.07  ? 171 HIS A CA  1 
ATOM   1042 C  C   . HIS A 1 132 ? 0.009   5.192   10.956  1.00 33.44  ? 171 HIS A C   1 
ATOM   1043 O  O   . HIS A 1 132 ? 0.117   6.141   10.104  1.00 31.49  ? 171 HIS A O   1 
ATOM   1044 C  CB  . HIS A 1 132 ? 2.301   4.179   10.909  1.00 29.97  ? 171 HIS A CB  1 
ATOM   1045 C  CG  . HIS A 1 132 ? 3.150   3.077   10.381  1.00 36.41  ? 171 HIS A CG  1 
ATOM   1046 N  ND1 . HIS A 1 132 ? 3.308   1.874   11.062  1.00 34.16  ? 171 HIS A ND1 1 
ATOM   1047 C  CD2 . HIS A 1 132 ? 3.933   3.002   9.275   1.00 33.47  ? 171 HIS A CD2 1 
ATOM   1048 C  CE1 . HIS A 1 132 ? 4.116   1.089   10.367  1.00 32.51  ? 171 HIS A CE1 1 
ATOM   1049 N  NE2 . HIS A 1 132 ? 4.503   1.751   9.259   1.00 33.90  ? 171 HIS A NE2 1 
ATOM   1050 N  N   . ILE A 1 133 ? -0.751  5.216   12.042  1.00 36.02  ? 172 ILE A N   1 
ATOM   1051 C  CA  . ILE A 1 133 ? -1.446  6.452   12.508  1.00 35.18  ? 172 ILE A CA  1 
ATOM   1052 C  C   . ILE A 1 133 ? -0.643  6.974   13.692  1.00 38.32  ? 172 ILE A C   1 
ATOM   1053 O  O   . ILE A 1 133 ? -0.485  6.235   14.722  1.00 35.41  ? 172 ILE A O   1 
ATOM   1054 C  CB  . ILE A 1 133 ? -2.922  6.188   12.824  1.00 38.91  ? 172 ILE A CB  1 
ATOM   1055 C  CG1 . ILE A 1 133 ? -3.637  5.554   11.644  1.00 36.64  ? 172 ILE A CG1 1 
ATOM   1056 C  CG2 . ILE A 1 133 ? -3.625  7.462   13.249  1.00 36.09  ? 172 ILE A CG2 1 
ATOM   1057 C  CD1 . ILE A 1 133 ? -5.019  5.072   11.962  1.00 37.37  ? 172 ILE A CD1 1 
ATOM   1058 N  N   . VAL A 1 134 ? -0.027  8.142   13.504  1.00 36.84  ? 173 VAL A N   1 
ATOM   1059 C  CA  . VAL A 1 134 ? 0.944   8.735   14.473  1.00 33.75  ? 173 VAL A CA  1 
ATOM   1060 C  C   . VAL A 1 134 ? 0.244   9.936   15.133  1.00 36.22  ? 173 VAL A C   1 
ATOM   1061 O  O   . VAL A 1 134 ? -0.095  10.888  14.403  1.00 37.55  ? 173 VAL A O   1 
ATOM   1062 C  CB  . VAL A 1 134 ? 2.288   9.108   13.837  1.00 36.84  ? 173 VAL A CB  1 
ATOM   1063 C  CG1 . VAL A 1 134 ? 3.260   9.603   14.905  1.00 36.36  ? 173 VAL A CG1 1 
ATOM   1064 C  CG2 . VAL A 1 134 ? 2.921   7.943   13.053  1.00 39.84  ? 173 VAL A CG2 1 
ATOM   1065 N  N   . ARG A 1 135 ? -0.093  9.811   16.413  1.00 40.17  ? 174 ARG A N   1 
ATOM   1066 C  CA  . ARG A 1 135 ? -0.586  10.954  17.232  1.00 43.41  ? 174 ARG A CA  1 
ATOM   1067 C  C   . ARG A 1 135 ? 0.604   11.875  17.469  1.00 40.27  ? 174 ARG A C   1 
ATOM   1068 O  O   . ARG A 1 135 ? 1.583   11.426  18.082  1.00 44.25  ? 174 ARG A O   1 
ATOM   1069 C  CB  . ARG A 1 135 ? -1.234  10.464  18.535  1.00 48.16  ? 174 ARG A CB  1 
ATOM   1070 C  CG  . ARG A 1 135 ? -2.068  11.511  19.256  1.00 51.16  ? 174 ARG A CG  1 
ATOM   1071 C  CD  . ARG A 1 135 ? -2.652  10.991  20.556  1.00 55.47  ? 174 ARG A CD  1 
ATOM   1072 N  NE  . ARG A 1 135 ? -3.229  12.085  21.343  1.00 63.55  ? 174 ARG A NE  1 
ATOM   1073 C  CZ  . ARG A 1 135 ? -4.324  12.009  22.110  1.00 61.77  ? 174 ARG A CZ  1 
ATOM   1074 N  NH1 . ARG A 1 135 ? -5.023  10.891  22.215  1.00 62.96  ? 174 ARG A NH1 1 
ATOM   1075 N  NH2 . ARG A 1 135 ? -4.740  13.077  22.760  1.00 59.28  ? 174 ARG A NH2 1 
ATOM   1076 N  N   . VAL A 1 136 ? 0.486   13.125  17.007  1.00 46.35  ? 175 VAL A N   1 
ATOM   1077 C  CA  . VAL A 1 136 ? 1.565   14.149  16.977  1.00 46.67  ? 175 VAL A CA  1 
ATOM   1078 C  C   . VAL A 1 136 ? 1.101   15.379  17.785  1.00 56.53  ? 175 VAL A C   1 
ATOM   1079 O  O   . VAL A 1 136 ? -0.149  15.580  17.959  1.00 48.62  ? 175 VAL A O   1 
ATOM   1080 C  CB  . VAL A 1 136 ? 1.885   14.546  15.518  1.00 51.40  ? 175 VAL A CB  1 
ATOM   1081 C  CG1 . VAL A 1 136 ? 2.363   13.373  14.671  1.00 53.07  ? 175 VAL A CG1 1 
ATOM   1082 C  CG2 . VAL A 1 136 ? 0.704   15.202  14.819  1.00 51.68  ? 175 VAL A CG2 1 
ATOM   1083 N  N   . GLY A 1 137 ? 2.050   16.212  18.205  1.00 65.97  ? 176 GLY A N   1 
ATOM   1084 C  CA  . GLY A 1 137 ? 1.777   17.551  18.765  1.00 74.97  ? 176 GLY A CA  1 
ATOM   1085 C  C   . GLY A 1 137 ? 1.549   17.488  20.261  1.00 82.09  ? 176 GLY A C   1 
ATOM   1086 O  O   . GLY A 1 137 ? 2.139   18.326  20.984  1.00 86.82  ? 176 GLY A O   1 
ATOM   1087 N  N   . GLY A 1 138 ? 0.716   16.537  20.700  1.00 79.50  ? 177 GLY A N   1 
ATOM   1088 C  CA  . GLY A 1 138 ? 0.506   16.203  22.119  1.00 82.00  ? 177 GLY A CA  1 
ATOM   1089 C  C   . GLY A 1 138 ? 1.825   15.848  22.797  1.00 81.60  ? 177 GLY A C   1 
ATOM   1090 O  O   . GLY A 1 138 ? 2.862   15.749  22.143  1.00 72.66  ? 177 GLY A O   1 
ATOM   1091 N  N   . PRO A 1 139 ? 1.820   15.661  24.132  1.00 91.86  ? 178 PRO A N   1 
ATOM   1092 C  CA  . PRO A 1 139 ? 3.022   15.222  24.842  1.00 91.18  ? 178 PRO A CA  1 
ATOM   1093 C  C   . PRO A 1 139 ? 3.243   13.727  24.566  1.00 94.78  ? 178 PRO A C   1 
ATOM   1094 O  O   . PRO A 1 139 ? 4.382   13.330  24.346  1.00 85.27  ? 178 PRO A O   1 
ATOM   1095 C  CB  . PRO A 1 139 ? 2.678   15.510  26.311  1.00 94.29  ? 178 PRO A CB  1 
ATOM   1096 C  CG  . PRO A 1 139 ? 1.157   15.393  26.377  1.00 94.12  ? 178 PRO A CG  1 
ATOM   1097 C  CD  . PRO A 1 139 ? 0.651   15.822  25.014  1.00 92.97  ? 178 PRO A CD  1 
ATOM   1098 N  N   . GLN A 1 140 ? 2.130   12.976  24.542  1.00 95.69  ? 179 GLN A N   1 
ATOM   1099 C  CA  . GLN A 1 140 ? 2.044   11.495  24.440  1.00 97.33  ? 179 GLN A CA  1 
ATOM   1100 C  C   . GLN A 1 140 ? 1.936   11.111  22.959  1.00 84.84  ? 179 GLN A C   1 
ATOM   1101 O  O   . GLN A 1 140 ? 0.825   10.763  22.495  1.00 86.74  ? 179 GLN A O   1 
ATOM   1102 C  CB  . GLN A 1 140 ? 0.865   10.978  25.277  1.00 101.15 ? 179 GLN A CB  1 
ATOM   1103 C  CG  . GLN A 1 140 ? -0.514  11.278  24.684  1.00 110.00 ? 179 GLN A CG  1 
ATOM   1104 C  CD  . GLN A 1 140 ? -1.520  11.835  25.664  1.00 111.65 ? 179 GLN A CD  1 
ATOM   1105 O  OE1 . GLN A 1 140 ? -2.451  11.152  26.097  1.00 106.65 ? 179 GLN A OE1 1 
ATOM   1106 N  NE2 . GLN A 1 140 ? -1.356  13.108  25.994  1.00 108.35 ? 179 GLN A NE2 1 
ATOM   1107 N  N   . ARG A 1 141 ? 3.055   11.179  22.240  1.00 72.33  ? 180 ARG A N   1 
ATOM   1108 C  CA  . ARG A 1 141 ? 3.208   10.527  20.914  1.00 65.93  ? 180 ARG A CA  1 
ATOM   1109 C  C   . ARG A 1 141 ? 2.726   9.068   21.043  1.00 62.22  ? 180 ARG A C   1 
ATOM   1110 O  O   . ARG A 1 141 ? 3.071   8.430   22.070  1.00 50.48  ? 180 ARG A O   1 
ATOM   1111 C  CB  . ARG A 1 141 ? 4.664   10.678  20.468  1.00 72.59  ? 180 ARG A CB  1 
ATOM   1112 C  CG  . ARG A 1 141 ? 5.070   9.772   19.316  1.00 80.63  ? 180 ARG A CG  1 
ATOM   1113 C  CD  . ARG A 1 141 ? 6.162   10.403  18.486  1.00 79.80  ? 180 ARG A CD  1 
ATOM   1114 N  NE  . ARG A 1 141 ? 5.570   11.210  17.429  1.00 86.29  ? 180 ARG A NE  1 
ATOM   1115 C  CZ  . ARG A 1 141 ? 6.150   12.251  16.841  1.00 87.20  ? 180 ARG A CZ  1 
ATOM   1116 N  NH1 . ARG A 1 141 ? 5.522   12.895  15.874  1.00 77.38  ? 180 ARG A NH1 1 
ATOM   1117 N  NH2 . ARG A 1 141 ? 7.351   12.653  17.218  1.00 95.52  ? 180 ARG A NH2 1 
ATOM   1118 N  N   . MET A 1 142 ? 1.891   8.597   20.094  1.00 48.51  ? 181 MET A N   1 
ATOM   1119 C  CA  . MET A 1 142 ? 1.402   7.195   19.995  1.00 45.02  ? 181 MET A CA  1 
ATOM   1120 C  C   . MET A 1 142 ? 1.390   6.782   18.516  1.00 42.78  ? 181 MET A C   1 
ATOM   1121 O  O   . MET A 1 142 ? 1.149   7.633   17.638  1.00 35.30  ? 181 MET A O   1 
ATOM   1122 C  CB  . MET A 1 142 ? 0.000   7.037   20.586  1.00 42.53  ? 181 MET A CB  1 
ATOM   1123 C  CG  . MET A 1 142 ? -0.527  5.593   20.682  1.00 46.40  ? 181 MET A CG  1 
ATOM   1124 S  SD  . MET A 1 142 ? 0.625   4.355   21.359  1.00 48.69  ? 181 MET A SD  1 
ATOM   1125 C  CE  . MET A 1 142 ? -0.325  2.868   21.051  1.00 59.64  ? 181 MET A CE  1 
ATOM   1126 N  N   . ILE A 1 143 ? 1.618   5.500   18.256  1.00 39.34  ? 182 ILE A N   1 
ATOM   1127 C  CA  . ILE A 1 143 ? 1.499   4.919   16.890  1.00 39.42  ? 182 ILE A CA  1 
ATOM   1128 C  C   . ILE A 1 143 ? 0.549   3.731   16.957  1.00 38.33  ? 182 ILE A C   1 
ATOM   1129 O  O   . ILE A 1 143 ? 0.702   2.882   17.899  1.00 37.33  ? 182 ILE A O   1 
ATOM   1130 C  CB  . ILE A 1 143 ? 2.882   4.538   16.349  1.00 35.76  ? 182 ILE A CB  1 
ATOM   1131 C  CG1 . ILE A 1 143 ? 3.763   5.771   16.250  1.00 39.95  ? 182 ILE A CG1 1 
ATOM   1132 C  CG2 . ILE A 1 143 ? 2.787   3.781   15.010  1.00 36.27  ? 182 ILE A CG2 1 
ATOM   1133 C  CD1 . ILE A 1 143 ? 5.201   5.457   16.090  1.00 40.92  ? 182 ILE A CD1 1 
ATOM   1134 N  N   . THR A 1 144 ? -0.386  3.673   16.012  1.00 35.73  ? 183 THR A N   1 
ATOM   1135 C  CA  . THR A 1 144 ? -1.178  2.454   15.725  1.00 40.73  ? 183 THR A CA  1 
ATOM   1136 C  C   . THR A 1 144 ? -0.879  2.050   14.276  1.00 38.16  ? 183 THR A C   1 
ATOM   1137 O  O   . THR A 1 144 ? -0.900  2.939   13.371  1.00 32.94  ? 183 THR A O   1 
ATOM   1138 C  CB  . THR A 1 144 ? -2.657  2.612   16.073  1.00 39.79  ? 183 THR A CB  1 
ATOM   1139 O  OG1 . THR A 1 144 ? -3.359  3.241   15.007  1.00 66.88  ? 183 THR A OG1 1 
ATOM   1140 C  CG2 . THR A 1 144 ? -2.859  3.390   17.349  1.00 37.03  ? 183 THR A CG2 1 
ATOM   1141 N  N   . SER A 1 145 ? -0.550  0.777   14.096  1.00 34.83  ? 184 SER A N   1 
ATOM   1142 C  CA  . SER A 1 145 ? -0.237  0.205   12.767  1.00 32.48  ? 184 SER A CA  1 
ATOM   1143 C  C   . SER A 1 145 ? -1.332  -0.753  12.363  1.00 35.51  ? 184 SER A C   1 
ATOM   1144 O  O   . SER A 1 145 ? -1.907  -1.464  13.203  1.00 32.61  ? 184 SER A O   1 
ATOM   1145 C  CB  . SER A 1 145 ? 1.082   -0.417  12.749  1.00 34.36  ? 184 SER A CB  1 
ATOM   1146 O  OG  . SER A 1 145 ? 2.060   0.579   13.001  1.00 34.38  ? 184 SER A OG  1 
ATOM   1147 N  N   . HIS A 1 146 ? -1.533  -0.865  11.068  1.00 31.16  ? 185 HIS A N   1 
ATOM   1148 C  CA  . HIS A 1 146 ? -2.506  -1.789  10.487  1.00 29.43  ? 185 HIS A CA  1 
ATOM   1149 C  C   . HIS A 1 146 ? -2.036  -2.234  9.102   1.00 28.87  ? 185 HIS A C   1 
ATOM   1150 O  O   . HIS A 1 146 ? -1.727  -1.379  8.215   1.00 33.38  ? 185 HIS A O   1 
ATOM   1151 C  CB  . HIS A 1 146 ? -3.870  -1.131  10.428  1.00 32.08  ? 185 HIS A CB  1 
ATOM   1152 C  CG  . HIS A 1 146 ? -4.966  -2.124  10.396  1.00 38.65  ? 185 HIS A CG  1 
ATOM   1153 N  ND1 . HIS A 1 146 ? -5.418  -2.698  9.224   1.00 42.53  ? 185 HIS A ND1 1 
ATOM   1154 C  CD2 . HIS A 1 146 ? -5.680  -2.671  11.391  1.00 38.02  ? 185 HIS A CD2 1 
ATOM   1155 C  CE1 . HIS A 1 146 ? -6.388  -3.536  9.506   1.00 40.12  ? 185 HIS A CE1 1 
ATOM   1156 N  NE2 . HIS A 1 146 ? -6.564  -3.531  10.817  1.00 41.59  ? 185 HIS A NE2 1 
ATOM   1157 N  N   A CYS A 1 147 ? -2.023  -3.555  8.921   0.25 31.24  ? 186 CYS A N   1 
ATOM   1158 N  N   B CYS A 1 147 ? -1.965  -3.541  8.863   0.25 29.18  ? 186 CYS A N   1 
ATOM   1159 C  CA  A CYS A 1 147 ? -1.711  -4.276  7.659   0.25 30.26  ? 186 CYS A CA  1 
ATOM   1160 C  CA  B CYS A 1 147 ? -1.588  -4.084  7.526   0.25 26.17  ? 186 CYS A CA  1 
ATOM   1161 C  C   A CYS A 1 147 ? -2.977  -4.489  6.854   0.25 29.83  ? 186 CYS A C   1 
ATOM   1162 C  C   B CYS A 1 147 ? -2.827  -4.692  6.865   0.25 26.67  ? 186 CYS A C   1 
ATOM   1163 O  O   A CYS A 1 147 ? -4.051  -4.510  7.478   0.25 29.15  ? 186 CYS A O   1 
ATOM   1164 O  O   B CYS A 1 147 ? -3.739  -5.143  7.567   0.25 26.12  ? 186 CYS A O   1 
ATOM   1165 C  CB  A CYS A 1 147 ? -1.183  -5.659  7.984   0.25 33.00  ? 186 CYS A CB  1 
ATOM   1166 C  CB  B CYS A 1 147 ? -0.442  -5.078  7.643   0.25 26.72  ? 186 CYS A CB  1 
ATOM   1167 S  SG  A CYS A 1 147 ? 0.496   -5.569  8.622   0.25 27.52  ? 186 CYS A SG  1 
ATOM   1168 S  SG  B CYS A 1 147 ? -0.814  -6.491  8.717   0.25 22.16  ? 186 CYS A SG  1 
ATOM   1169 N  N   . PHE A 1 148 ? -2.853  -4.658  5.531   1.00 29.92  ? 187 PHE A N   1 
ATOM   1170 C  CA  . PHE A 1 148 ? -4.029  -4.964  4.700   1.00 30.00  ? 187 PHE A CA  1 
ATOM   1171 C  C   . PHE A 1 148 ? -3.725  -6.157  3.800   1.00 33.54  ? 187 PHE A C   1 
ATOM   1172 O  O   . PHE A 1 148 ? -3.390  -5.999  2.625   1.00 32.58  ? 187 PHE A O   1 
ATOM   1173 C  CB  . PHE A 1 148 ? -4.367  -3.703  3.918   1.00 31.02  ? 187 PHE A CB  1 
ATOM   1174 C  CG  . PHE A 1 148 ? -4.785  -2.557  4.793   1.00 33.04  ? 187 PHE A CG  1 
ATOM   1175 C  CD1 . PHE A 1 148 ? -6.092  -2.467  5.258   1.00 35.81  ? 187 PHE A CD1 1 
ATOM   1176 C  CD2 . PHE A 1 148 ? -3.855  -1.598  5.173   1.00 32.57  ? 187 PHE A CD2 1 
ATOM   1177 C  CE1 . PHE A 1 148 ? -6.472  -1.413  6.084   1.00 37.64  ? 187 PHE A CE1 1 
ATOM   1178 C  CE2 . PHE A 1 148 ? -4.252  -0.516  5.947   1.00 38.62  ? 187 PHE A CE2 1 
ATOM   1179 C  CZ  . PHE A 1 148 ? -5.553  -0.438  6.413   1.00 37.95  ? 187 PHE A CZ  1 
ATOM   1180 N  N   . PRO A 1 149 ? -3.855  -7.397  4.322   1.00 32.20  ? 188 PRO A N   1 
ATOM   1181 C  CA  . PRO A 1 149 ? -3.642  -8.586  3.500   1.00 31.33  ? 188 PRO A CA  1 
ATOM   1182 C  C   . PRO A 1 149 ? -4.370  -8.575  2.147   1.00 31.15  ? 188 PRO A C   1 
ATOM   1183 O  O   . PRO A 1 149 ? -3.846  -9.145  1.218   1.00 30.20  ? 188 PRO A O   1 
ATOM   1184 C  CB  . PRO A 1 149 ? -4.191  -9.711  4.388   1.00 32.40  ? 188 PRO A CB  1 
ATOM   1185 C  CG  . PRO A 1 149 ? -4.000  -9.230  5.801   1.00 36.08  ? 188 PRO A CG  1 
ATOM   1186 C  CD  . PRO A 1 149 ? -4.102  -7.719  5.737   1.00 34.42  ? 188 PRO A CD  1 
ATOM   1187 N  N   . GLU A 1 150 ? -5.611  -8.061  2.142   1.00 30.95  ? 189 GLU A N   1 
ATOM   1188 C  CA  . GLU A 1 150 ? -6.498  -7.992  0.947   1.00 33.93  ? 189 GLU A CA  1 
ATOM   1189 C  C   . GLU A 1 150 ? -5.782  -7.256  -0.203  1.00 31.20  ? 189 GLU A C   1 
ATOM   1190 O  O   . GLU A 1 150 ? -6.198  -7.398  -1.369  1.00 30.10  ? 189 GLU A O   1 
ATOM   1191 C  CB  . GLU A 1 150 ? -7.822  -7.363  1.402   1.00 36.10  ? 189 GLU A CB  1 
ATOM   1192 C  CG  . GLU A 1 150 ? -8.290  -7.888  2.763   1.00 39.54  ? 189 GLU A CG  1 
ATOM   1193 C  CD  . GLU A 1 150 ? -8.190  -6.953  3.970   1.00 42.15  ? 189 GLU A CD  1 
ATOM   1194 O  OE1 . GLU A 1 150 ? -9.244  -6.818  4.643   1.00 55.66  ? 189 GLU A OE1 1 
ATOM   1195 O  OE2 . GLU A 1 150 ? -7.096  -6.359  4.263   1.00 32.82  ? 189 GLU A OE2 1 
ATOM   1196 N  N   . THR A 1 151 ? -4.787  -6.430  0.105   1.00 30.36  ? 190 THR A N   1 
ATOM   1197 C  CA  . THR A 1 151 ? -4.213  -5.434  -0.837  1.00 30.46  ? 190 THR A CA  1 
ATOM   1198 C  C   . THR A 1 151 ? -2.809  -5.879  -1.229  1.00 28.98  ? 190 THR A C   1 
ATOM   1199 O  O   . THR A 1 151 ? -2.111  -5.076  -1.870  1.00 32.04  ? 190 THR A O   1 
ATOM   1200 C  CB  . THR A 1 151 ? -4.217  -4.007  -0.265  1.00 32.34  ? 190 THR A CB  1 
ATOM   1201 O  OG1 . THR A 1 151 ? -3.280  -3.889  0.808   1.00 27.42  ? 190 THR A OG1 1 
ATOM   1202 C  CG2 . THR A 1 151 ? -5.611  -3.590  0.151   1.00 32.03  ? 190 THR A CG2 1 
ATOM   1203 N  N   . GLN A 1 152 ? -2.399  -7.092  -0.810  1.00 27.14  ? 191 GLN A N   1 
ATOM   1204 C  CA  . GLN A 1 152 ? -1.127  -7.680  -1.290  1.00 26.59  ? 191 GLN A CA  1 
ATOM   1205 C  C   . GLN A 1 152 ? -1.012  -7.590  -2.807  1.00 29.59  ? 191 GLN A C   1 
ATOM   1206 O  O   . GLN A 1 152 ? -2.013  -7.813  -3.514  1.00 32.44  ? 191 GLN A O   1 
ATOM   1207 C  CB  . GLN A 1 152 ? -1.004  -9.151  -0.890  1.00 31.83  ? 191 GLN A CB  1 
ATOM   1208 C  CG  . GLN A 1 152 ? -0.510  -9.260  0.536   1.00 35.35  ? 191 GLN A CG  1 
ATOM   1209 C  CD  . GLN A 1 152 ? -0.638  -10.666 1.060   1.00 43.84  ? 191 GLN A CD  1 
ATOM   1210 O  OE1 . GLN A 1 152 ? -1.119  -11.573 0.360   1.00 45.23  ? 191 GLN A OE1 1 
ATOM   1211 N  NE2 . GLN A 1 152 ? -0.265  -10.819 2.326   1.00 46.64  ? 191 GLN A NE2 1 
ATOM   1212 N  N   . PHE A 1 153 ? 0.198   -7.321  -3.271  1.00 32.17  ? 192 PHE A N   1 
ATOM   1213 C  CA  . PHE A 1 153 ? 0.491   -7.369  -4.710  1.00 30.84  ? 192 PHE A CA  1 
ATOM   1214 C  C   . PHE A 1 153 ? 1.952   -7.716  -4.940  1.00 30.47  ? 192 PHE A C   1 
ATOM   1215 O  O   . PHE A 1 153 ? 2.837   -7.578  -4.099  1.00 31.90  ? 192 PHE A O   1 
ATOM   1216 C  CB  . PHE A 1 153 ? 0.178   -6.006  -5.348  1.00 28.93  ? 192 PHE A CB  1 
ATOM   1217 C  CG  . PHE A 1 153 ? 1.018   -4.879  -4.840  1.00 28.10  ? 192 PHE A CG  1 
ATOM   1218 C  CD1 . PHE A 1 153 ? 2.282   -4.643  -5.334  1.00 29.59  ? 192 PHE A CD1 1 
ATOM   1219 C  CD2 . PHE A 1 153 ? 0.558   -4.094  -3.795  1.00 28.17  ? 192 PHE A CD2 1 
ATOM   1220 C  CE1 . PHE A 1 153 ? 3.060   -3.604  -4.827  1.00 30.19  ? 192 PHE A CE1 1 
ATOM   1221 C  CE2 . PHE A 1 153 ? 1.329   -3.065  -3.299  1.00 27.49  ? 192 PHE A CE2 1 
ATOM   1222 C  CZ  . PHE A 1 153 ? 2.569   -2.809  -3.813  1.00 28.95  ? 192 PHE A CZ  1 
ATOM   1223 N  N   . ILE A 1 154 ? 2.228   -8.110  -6.178  1.00 31.15  ? 193 ILE A N   1 
ATOM   1224 C  CA  . ILE A 1 154 ? 3.618   -8.239  -6.671  1.00 28.85  ? 193 ILE A CA  1 
ATOM   1225 C  C   . ILE A 1 154 ? 3.918   -7.011  -7.511  1.00 32.55  ? 193 ILE A C   1 
ATOM   1226 O  O   . ILE A 1 154 ? 3.036   -6.680  -8.338  1.00 33.71  ? 193 ILE A O   1 
ATOM   1227 C  CB  . ILE A 1 154 ? 3.792   -9.538  -7.474  1.00 32.27  ? 193 ILE A CB  1 
ATOM   1228 C  CG1 . ILE A 1 154 ? 3.440   -10.760 -6.617  1.00 36.32  ? 193 ILE A CG1 1 
ATOM   1229 C  CG2 . ILE A 1 154 ? 5.220   -9.587  -8.026  1.00 33.35  ? 193 ILE A CG2 1 
ATOM   1230 C  CD1 . ILE A 1 154 ? 3.568   -12.100 -7.310  1.00 43.55  ? 193 ILE A CD1 1 
ATOM   1231 N  N   . ALA A 1 155 ? 5.054   -6.366  -7.256  1.00 31.12  ? 194 ALA A N   1 
ATOM   1232 C  CA  . ALA A 1 155 ? 5.556   -5.212  -8.028  1.00 35.34  ? 194 ALA A CA  1 
ATOM   1233 C  C   . ALA A 1 155 ? 6.090   -5.747  -9.367  1.00 36.17  ? 194 ALA A C   1 
ATOM   1234 O  O   . ALA A 1 155 ? 6.892   -6.695  -9.337  1.00 36.96  ? 194 ALA A O   1 
ATOM   1235 C  CB  . ALA A 1 155 ? 6.601   -4.489  -7.215  1.00 36.71  ? 194 ALA A CB  1 
ATOM   1236 N  N   . VAL A 1 156 ? 5.611   -5.202  -10.487 1.00 34.11  ? 195 VAL A N   1 
ATOM   1237 C  CA  . VAL A 1 156 ? 5.979   -5.647  -11.869 1.00 36.06  ? 195 VAL A CA  1 
ATOM   1238 C  C   . VAL A 1 156 ? 6.277   -4.408  -12.724 1.00 37.06  ? 195 VAL A C   1 
ATOM   1239 O  O   . VAL A 1 156 ? 5.681   -3.353  -12.481 1.00 33.62  ? 195 VAL A O   1 
ATOM   1240 C  CB  . VAL A 1 156 ? 4.883   -6.535  -12.494 1.00 36.43  ? 195 VAL A CB  1 
ATOM   1241 C  CG1 . VAL A 1 156 ? 4.617   -7.776  -11.646 1.00 39.29  ? 195 VAL A CG1 1 
ATOM   1242 C  CG2 . VAL A 1 156 ? 3.606   -5.757  -12.744 1.00 34.04  ? 195 VAL A CG2 1 
ATOM   1243 N  N   . THR A 1 157 ? 7.200   -4.496  -13.685 1.00 37.59  ? 196 THR A N   1 
ATOM   1244 C  CA  . THR A 1 157 ? 7.412   -3.395  -14.667 1.00 41.65  ? 196 THR A CA  1 
ATOM   1245 C  C   . THR A 1 157 ? 6.378   -3.479  -15.801 1.00 39.52  ? 196 THR A C   1 
ATOM   1246 O  O   . THR A 1 157 ? 6.198   -2.463  -16.469 1.00 38.62  ? 196 THR A O   1 
ATOM   1247 C  CB  . THR A 1 157 ? 8.828   -3.391  -15.254 1.00 43.08  ? 196 THR A CB  1 
ATOM   1248 O  OG1 . THR A 1 157 ? 8.963   -4.653  -15.885 1.00 45.20  ? 196 THR A OG1 1 
ATOM   1249 C  CG2 . THR A 1 157 ? 9.920   -3.199  -14.230 1.00 43.80  ? 196 THR A CG2 1 
ATOM   1250 N  N   . ALA A 1 158 ? 5.699   -4.610  -15.994 1.00 39.57  ? 197 ALA A N   1 
ATOM   1251 C  CA  . ALA A 1 158 ? 4.539   -4.721  -16.909 1.00 40.27  ? 197 ALA A CA  1 
ATOM   1252 C  C   . ALA A 1 158 ? 3.633   -5.858  -16.446 1.00 34.41  ? 197 ALA A C   1 
ATOM   1253 O  O   . ALA A 1 158 ? 4.176   -6.811  -15.921 1.00 41.00  ? 197 ALA A O   1 
ATOM   1254 C  CB  . ALA A 1 158 ? 5.008   -4.943  -18.335 1.00 35.66  ? 197 ALA A CB  1 
ATOM   1255 N  N   . TYR A 1 159 ? 2.320   -5.797  -16.671 1.00 35.89  ? 198 TYR A N   1 
ATOM   1256 C  CA  . TYR A 1 159 ? 1.413   -6.875  -16.214 1.00 33.25  ? 198 TYR A CA  1 
ATOM   1257 C  C   . TYR A 1 159 ? 1.763   -8.233  -16.850 1.00 42.62  ? 198 TYR A C   1 
ATOM   1258 O  O   . TYR A 1 159 ? 1.962   -8.341  -18.049 1.00 38.14  ? 198 TYR A O   1 
ATOM   1259 C  CB  . TYR A 1 159 ? -0.056  -6.533  -16.433 1.00 38.19  ? 198 TYR A CB  1 
ATOM   1260 C  CG  . TYR A 1 159 ? -0.515  -5.335  -15.654 1.00 37.42  ? 198 TYR A CG  1 
ATOM   1261 C  CD1 . TYR A 1 159 ? -0.308  -5.249  -14.280 1.00 37.02  ? 198 TYR A CD1 1 
ATOM   1262 C  CD2 . TYR A 1 159 ? -1.136  -4.277  -16.291 1.00 38.37  ? 198 TYR A CD2 1 
ATOM   1263 C  CE1 . TYR A 1 159 ? -0.704  -4.134  -13.560 1.00 36.38  ? 198 TYR A CE1 1 
ATOM   1264 C  CE2 . TYR A 1 159 ? -1.568  -3.168  -15.584 1.00 39.17  ? 198 TYR A CE2 1 
ATOM   1265 C  CZ  . TYR A 1 159 ? -1.341  -3.094  -14.220 1.00 41.86  ? 198 TYR A CZ  1 
ATOM   1266 O  OH  . TYR A 1 159 ? -1.778  -2.015  -13.540 1.00 39.36  ? 198 TYR A OH  1 
ATOM   1267 N  N   . GLN A 1 160 ? 1.742   -9.300  -16.042 1.00 38.59  ? 199 GLN A N   1 
ATOM   1268 C  CA  . GLN A 1 160 ? 2.043   -10.679 -16.494 1.00 34.49  ? 199 GLN A CA  1 
ATOM   1269 C  C   . GLN A 1 160 ? 0.748   -11.421 -16.737 1.00 37.24  ? 199 GLN A C   1 
ATOM   1270 O  O   . GLN A 1 160 ? 0.637   -12.089 -17.765 1.00 39.58  ? 199 GLN A O   1 
ATOM   1271 C  CB  . GLN A 1 160 ? 2.898   -11.392 -15.450 1.00 41.27  ? 199 GLN A CB  1 
ATOM   1272 C  CG  . GLN A 1 160 ? 4.219   -10.697 -15.194 1.00 44.91  ? 199 GLN A CG  1 
ATOM   1273 C  CD  . GLN A 1 160 ? 5.028   -10.603 -16.459 1.00 48.16  ? 199 GLN A CD  1 
ATOM   1274 O  OE1 . GLN A 1 160 ? 5.521   -11.602 -16.969 1.00 54.36  ? 199 GLN A OE1 1 
ATOM   1275 N  NE2 . GLN A 1 160 ? 5.164   -9.393  -16.962 1.00 44.99  ? 199 GLN A NE2 1 
ATOM   1276 N  N   . ASN A 1 161 ? -0.206  -11.287 -15.812 1.00 34.68  ? 200 ASN A N   1 
ATOM   1277 C  CA  . ASN A 1 161 ? -1.492  -12.004 -15.874 1.00 37.15  ? 200 ASN A CA  1 
ATOM   1278 C  C   . ASN A 1 161 ? -2.478  -11.070 -16.574 1.00 35.16  ? 200 ASN A C   1 
ATOM   1279 O  O   . ASN A 1 161 ? -2.796  -10.024 -16.031 1.00 33.88  ? 200 ASN A O   1 
ATOM   1280 C  CB  . ASN A 1 161 ? -1.916  -12.423 -14.478 1.00 37.67  ? 200 ASN A CB  1 
ATOM   1281 C  CG  . ASN A 1 161 ? -3.245  -13.124 -14.413 1.00 41.19  ? 200 ASN A CG  1 
ATOM   1282 O  OD1 . ASN A 1 161 ? -3.869  -13.426 -15.425 1.00 37.20  ? 200 ASN A OD1 1 
ATOM   1283 N  ND2 . ASN A 1 161 ? -3.701  -13.364 -13.194 1.00 38.89  ? 200 ASN A ND2 1 
ATOM   1284 N  N   . GLU A 1 162 ? -2.986  -11.470 -17.743 1.00 38.13  ? 201 GLU A N   1 
ATOM   1285 C  CA  . GLU A 1 162 ? -3.878  -10.587 -18.533 1.00 35.21  ? 201 GLU A CA  1 
ATOM   1286 C  C   . GLU A 1 162 ? -5.212  -10.464 -17.773 1.00 34.61  ? 201 GLU A C   1 
ATOM   1287 O  O   . GLU A 1 162 ? -5.908  -9.490  -17.980 1.00 36.33  ? 201 GLU A O   1 
ATOM   1288 C  CB  . GLU A 1 162 ? -3.966  -11.145 -19.967 1.00 40.28  ? 201 GLU A CB  1 
ATOM   1289 C  CG  . GLU A 1 162 ? -5.202  -11.982 -20.203 1.00 53.70  ? 201 GLU A CG  1 
ATOM   1290 C  CD  . GLU A 1 162 ? -5.060  -13.294 -20.961 1.00 68.70  ? 201 GLU A CD  1 
ATOM   1291 O  OE1 . GLU A 1 162 ? -5.986  -13.616 -21.762 1.00 61.33  ? 201 GLU A OE1 1 
ATOM   1292 O  OE2 . GLU A 1 162 ? -4.070  -14.023 -20.708 1.00 84.82  ? 201 GLU A OE2 1 
ATOM   1293 N  N   . GLU A 1 163 ? -5.568  -11.410 -16.897 1.00 34.30  ? 202 GLU A N   1 
ATOM   1294 C  CA  . GLU A 1 163 ? -6.822  -11.306 -16.112 1.00 38.69  ? 202 GLU A CA  1 
ATOM   1295 C  C   . GLU A 1 163 ? -6.728  -10.047 -15.248 1.00 33.07  ? 202 GLU A C   1 
ATOM   1296 O  O   . GLU A 1 163 ? -7.772  -9.424  -15.001 1.00 36.02  ? 202 GLU A O   1 
ATOM   1297 C  CB  . GLU A 1 163 ? -7.077  -12.557 -15.274 1.00 37.12  ? 202 GLU A CB  1 
ATOM   1298 C  CG  . GLU A 1 163 ? -7.476  -13.761 -16.088 1.00 42.71  ? 202 GLU A CG  1 
ATOM   1299 C  CD  . GLU A 1 163 ? -7.464  -15.034 -15.253 1.00 54.25  ? 202 GLU A CD  1 
ATOM   1300 O  OE1 . GLU A 1 163 ? -8.538  -15.659 -15.097 1.00 65.17  ? 202 GLU A OE1 1 
ATOM   1301 O  OE2 . GLU A 1 163 ? -6.397  -15.357 -14.720 1.00 61.07  ? 202 GLU A OE2 1 
ATOM   1302 N  N   . ILE A 1 164 ? -5.527  -9.705  -14.779 1.00 32.72  ? 203 ILE A N   1 
ATOM   1303 C  CA  . ILE A 1 164 ? -5.275  -8.467  -13.983 1.00 32.81  ? 203 ILE A CA  1 
ATOM   1304 C  C   . ILE A 1 164 ? -5.417  -7.246  -14.892 1.00 31.83  ? 203 ILE A C   1 
ATOM   1305 O  O   . ILE A 1 164 ? -6.038  -6.279  -14.509 1.00 31.05  ? 203 ILE A O   1 
ATOM   1306 C  CB  . ILE A 1 164 ? -3.905  -8.543  -13.285 1.00 31.45  ? 203 ILE A CB  1 
ATOM   1307 C  CG1 . ILE A 1 164 ? -3.943  -9.591  -12.168 1.00 32.58  ? 203 ILE A CG1 1 
ATOM   1308 C  CG2 . ILE A 1 164 ? -3.400  -7.190  -12.815 1.00 35.68  ? 203 ILE A CG2 1 
ATOM   1309 C  CD1 . ILE A 1 164 ? -4.784  -9.181  -10.954 1.00 38.43  ? 203 ILE A CD1 1 
ATOM   1310 N  N   . THR A 1 165 ? -4.768  -7.261  -16.038 1.00 33.54  ? 204 THR A N   1 
ATOM   1311 C  CA  . THR A 1 165 ? -4.857  -6.153  -17.018 1.00 34.17  ? 204 THR A CA  1 
ATOM   1312 C  C   . THR A 1 165 ? -6.330  -5.838  -17.223 1.00 30.02  ? 204 THR A C   1 
ATOM   1313 O  O   . THR A 1 165 ? -6.691  -4.681  -17.093 1.00 34.34  ? 204 THR A O   1 
ATOM   1314 C  CB  . THR A 1 165 ? -4.171  -6.533  -18.323 1.00 34.06  ? 204 THR A CB  1 
ATOM   1315 O  OG1 . THR A 1 165 ? -2.937  -7.120  -17.905 1.00 35.09  ? 204 THR A OG1 1 
ATOM   1316 C  CG2 . THR A 1 165 ? -4.010  -5.344  -19.243 1.00 35.61  ? 204 THR A CG2 1 
ATOM   1317 N  N   . ALA A 1 166 ? -7.133  -6.859  -17.465 1.00 34.94  ? 205 ALA A N   1 
ATOM   1318 C  CA  . ALA A 1 166 ? -8.579  -6.715  -17.756 1.00 36.09  ? 205 ALA A CA  1 
ATOM   1319 C  C   . ALA A 1 166 ? -9.299  -6.117  -16.551 1.00 35.56  ? 205 ALA A C   1 
ATOM   1320 O  O   . ALA A 1 166 ? -10.119 -5.209  -16.730 1.00 33.27  ? 205 ALA A O   1 
ATOM   1321 C  CB  . ALA A 1 166 ? -9.176  -8.041  -18.131 1.00 39.79  ? 205 ALA A CB  1 
ATOM   1322 N  N   . LEU A 1 167 ? -9.071  -6.649  -15.338 1.00 35.42  ? 206 LEU A N   1 
ATOM   1323 C  CA  . LEU A 1 167 ? -9.801  -6.147  -14.147 1.00 33.31  ? 206 LEU A CA  1 
ATOM   1324 C  C   . LEU A 1 167 ? -9.469  -4.686  -13.932 1.00 28.66  ? 206 LEU A C   1 
ATOM   1325 O  O   . LEU A 1 167 ? -10.379 -3.926  -13.560 1.00 34.06  ? 206 LEU A O   1 
ATOM   1326 C  CB  . LEU A 1 167 ? -9.377  -6.930  -12.897 1.00 35.02  ? 206 LEU A CB  1 
ATOM   1327 C  CG  . LEU A 1 167 ? -10.405 -7.846  -12.250 1.00 43.16  ? 206 LEU A CG  1 
ATOM   1328 C  CD1 . LEU A 1 167 ? -10.136 -7.887  -10.741 1.00 38.66  ? 206 LEU A CD1 1 
ATOM   1329 C  CD2 . LEU A 1 167 ? -11.851 -7.461  -12.534 1.00 44.14  ? 206 LEU A CD2 1 
ATOM   1330 N  N   . LYS A 1 168 ? -8.192  -4.333  -14.083 1.00 29.49  ? 207 LYS A N   1 
ATOM   1331 C  CA  . LYS A 1 168 ? -7.665  -2.964  -13.877 1.00 30.20  ? 207 LYS A CA  1 
ATOM   1332 C  C   . LYS A 1 168 ? -8.425  -1.987  -14.780 1.00 35.58  ? 207 LYS A C   1 
ATOM   1333 O  O   . LYS A 1 168 ? -8.852  -0.912  -14.309 1.00 35.66  ? 207 LYS A O   1 
ATOM   1334 C  CB  . LYS A 1 168 ? -6.179  -2.831  -14.210 1.00 30.90  ? 207 LYS A CB  1 
ATOM   1335 C  CG  . LYS A 1 168 ? -5.196  -3.596  -13.324 1.00 36.27  ? 207 LYS A CG  1 
ATOM   1336 C  CD  . LYS A 1 168 ? -4.808  -2.918  -12.059 1.00 37.59  ? 207 LYS A CD  1 
ATOM   1337 C  CE  . LYS A 1 168 ? -3.867  -3.780  -11.242 1.00 40.18  ? 207 LYS A CE  1 
ATOM   1338 N  NZ  . LYS A 1 168 ? -2.974  -2.967  -10.401 1.00 39.37  ? 207 LYS A NZ  1 
ATOM   1339 N  N   . ILE A 1 169 ? -8.624  -2.374  -16.039 1.00 34.50  ? 208 ILE A N   1 
ATOM   1340 C  CA  . ILE A 1 169 ? -9.353  -1.487  -16.991 1.00 34.33  ? 208 ILE A CA  1 
ATOM   1341 C  C   . ILE A 1 169 ? -10.844 -1.526  -16.630 1.00 33.31  ? 208 ILE A C   1 
ATOM   1342 O  O   . ILE A 1 169 ? -11.465 -0.428  -16.521 1.00 34.90  ? 208 ILE A O   1 
ATOM   1343 C  CB  . ILE A 1 169 ? -9.027  -1.906  -18.439 1.00 32.98  ? 208 ILE A CB  1 
ATOM   1344 C  CG1 . ILE A 1 169 ? -7.557  -1.611  -18.743 1.00 28.94  ? 208 ILE A CG1 1 
ATOM   1345 C  CG2 . ILE A 1 169 ? -9.953  -1.184  -19.415 1.00 33.25  ? 208 ILE A CG2 1 
ATOM   1346 C  CD1 . ILE A 1 169 ? -6.996  -2.409  -19.873 1.00 35.00  ? 208 ILE A CD1 1 
ATOM   1347 N  N   . LYS A 1 170 ? -11.407 -2.707  -16.381 1.00 33.68  ? 209 LYS A N   1 
ATOM   1348 C  CA  . LYS A 1 170 ? -12.878 -2.828  -16.170 1.00 36.81  ? 209 LYS A CA  1 
ATOM   1349 C  C   . LYS A 1 170 ? -13.272 -1.856  -15.052 1.00 38.01  ? 209 LYS A C   1 
ATOM   1350 O  O   . LYS A 1 170 ? -14.345 -1.199  -15.179 1.00 36.38  ? 209 LYS A O   1 
ATOM   1351 C  CB  . LYS A 1 170 ? -13.288 -4.281  -15.871 1.00 37.83  ? 209 LYS A CB  1 
ATOM   1352 C  CG  . LYS A 1 170 ? -14.786 -4.574  -15.844 1.00 41.51  ? 209 LYS A CG  1 
ATOM   1353 C  CD  . LYS A 1 170 ? -15.103 -6.078  -15.696 1.00 43.34  ? 209 LYS A CD  1 
ATOM   1354 C  CE  . LYS A 1 170 ? -16.533 -6.486  -16.006 1.00 46.58  ? 209 LYS A CE  1 
ATOM   1355 N  NZ  . LYS A 1 170 ? -17.446 -6.157  -14.880 1.00 51.17  ? 209 LYS A NZ  1 
ATOM   1356 N  N   . TYR A 1 171 ? -12.471 -1.743  -13.987 1.00 36.47  ? 210 TYR A N   1 
ATOM   1357 C  CA  . TYR A 1 171 ? -12.914 -1.044  -12.751 1.00 38.24  ? 210 TYR A CA  1 
ATOM   1358 C  C   . TYR A 1 171 ? -12.334 0.350   -12.630 1.00 38.92  ? 210 TYR A C   1 
ATOM   1359 O  O   . TYR A 1 171 ? -12.752 1.054   -11.700 1.00 43.46  ? 210 TYR A O   1 
ATOM   1360 C  CB  . TYR A 1 171 ? -12.715 -1.947  -11.526 1.00 39.05  ? 210 TYR A CB  1 
ATOM   1361 C  CG  . TYR A 1 171 ? -13.766 -3.025  -11.535 1.00 37.06  ? 210 TYR A CG  1 
ATOM   1362 C  CD1 . TYR A 1 171 ? -15.089 -2.687  -11.309 1.00 47.15  ? 210 TYR A CD1 1 
ATOM   1363 C  CD2 . TYR A 1 171 ? -13.488 -4.321  -11.926 1.00 36.79  ? 210 TYR A CD2 1 
ATOM   1364 C  CE1 . TYR A 1 171 ? -16.098 -3.631  -11.378 1.00 44.84  ? 210 TYR A CE1 1 
ATOM   1365 C  CE2 . TYR A 1 171 ? -14.482 -5.284  -12.015 1.00 40.91  ? 210 TYR A CE2 1 
ATOM   1366 C  CZ  . TYR A 1 171 ? -15.799 -4.927  -11.743 1.00 48.85  ? 210 TYR A CZ  1 
ATOM   1367 O  OH  . TYR A 1 171 ? -16.837 -5.812  -11.818 1.00 46.92  ? 210 TYR A OH  1 
ATOM   1368 N  N   . ASN A 1 172 ? -11.443 0.781   -13.517 1.00 42.09  ? 211 ASN A N   1 
ATOM   1369 C  CA  . ASN A 1 172 ? -10.961 2.183   -13.472 1.00 50.16  ? 211 ASN A CA  1 
ATOM   1370 C  C   . ASN A 1 172 ? -12.011 3.074   -14.156 1.00 59.14  ? 211 ASN A C   1 
ATOM   1371 O  O   . ASN A 1 172 ? -12.951 2.565   -14.782 1.00 54.47  ? 211 ASN A O   1 
ATOM   1372 C  CB  . ASN A 1 172 ? -9.544  2.289   -14.023 1.00 51.09  ? 211 ASN A CB  1 
ATOM   1373 C  CG  . ASN A 1 172 ? -9.479  2.305   -15.539 1.00 53.39  ? 211 ASN A CG  1 
ATOM   1374 O  OD1 . ASN A 1 172 ? -8.398  2.205   -16.108 1.00 54.78  ? 211 ASN A OD1 1 
ATOM   1375 N  ND2 . ASN A 1 172 ? -10.619 2.434   -16.195 1.00 50.74  ? 211 ASN A ND2 1 
HETATM 1376 CD CD  . CD  B 2 .   ? 1.214   -7.895  8.414   0.50 29.35  ? 301 CD  A CD  1 
HETATM 1377 CD CD  . CD  C 2 .   ? 0.068   -10.519 6.183   1.00 30.73  ? 302 CD  A CD  1 
HETATM 1378 CD CD  . CD  D 2 .   ? 13.106  6.961   0.060   1.00 61.34  ? 303 CD  A CD  1 
HETATM 1379 CD CD  . CD  E 2 .   ? 11.566  -18.574 2.273   1.00 39.10  ? 304 CD  A CD  1 
HETATM 1380 CD CD  . CD  F 2 .   ? 13.509  6.581   3.747   1.00 63.34  ? 305 CD  A CD  1 
HETATM 1381 N  N1  . NWY G 3 .   ? 5.046   15.510  4.293   0.60 43.30  ? 306 NWY A N1  1 
HETATM 1382 C  C4  . NWY G 3 .   ? 4.424   16.286  6.508   0.60 39.19  ? 306 NWY A C4  1 
HETATM 1383 C  C5  . NWY G 3 .   ? 4.836   16.644  7.900   0.60 40.73  ? 306 NWY A C5  1 
HETATM 1384 C  C6  . NWY G 3 .   ? 4.697   14.617  9.482   0.60 43.10  ? 306 NWY A C6  1 
HETATM 1385 C  C7  . NWY G 3 .   ? 5.508   13.594  10.277  0.60 41.80  ? 306 NWY A C7  1 
HETATM 1386 C  C8  . NWY G 3 .   ? 5.071   12.151  9.999   0.60 42.41  ? 306 NWY A C8  1 
HETATM 1387 C  C10 . NWY G 3 .   ? 5.012   13.434  11.750  0.60 42.54  ? 306 NWY A C10 1 
HETATM 1388 N  N   . NWY G 3 .   ? 5.443   15.540  8.720   0.60 40.08  ? 306 NWY A N   1 
HETATM 1389 C  C   . NWY G 3 .   ? 3.375   15.153  2.557   0.60 41.12  ? 306 NWY A C   1 
HETATM 1390 O  O   . NWY G 3 .   ? 3.449   14.609  9.515   0.60 35.64  ? 306 NWY A O   1 
HETATM 1391 C  C1  . NWY G 3 .   ? 3.718   15.591  3.928   0.60 41.92  ? 306 NWY A C1  1 
HETATM 1392 C  C11 . NWY G 3 .   ? 5.368   15.854  5.561   0.60 40.42  ? 306 NWY A C11 1 
HETATM 1393 C  C2  . NWY G 3 .   ? 2.702   16.031  4.805   0.60 37.49  ? 306 NWY A C2  1 
HETATM 1394 C  C3  . NWY G 3 .   ? 3.078   16.383  6.115   0.60 38.69  ? 306 NWY A C3  1 
HETATM 1395 C  C9  . NWY G 3 .   ? 4.751   11.937  11.491  0.60 40.53  ? 306 NWY A C9  1 
HETATM 1396 O  O   . HOH H 4 .   ? -9.017  15.092  1.989   1.00 47.34  ? 401 HOH A O   1 
HETATM 1397 O  O   . HOH H 4 .   ? -9.965  -10.316 -15.619 1.00 44.66  ? 402 HOH A O   1 
HETATM 1398 O  O   . HOH H 4 .   ? 1.633   12.994  -2.419  1.00 37.05  ? 403 HOH A O   1 
HETATM 1399 O  O   . HOH H 4 .   ? 10.566  3.416   -15.851 1.00 56.17  ? 404 HOH A O   1 
HETATM 1400 O  O   . HOH H 4 .   ? -5.830  8.773   19.650  1.00 46.85  ? 405 HOH A O   1 
HETATM 1401 O  O   . HOH H 4 .   ? -1.000  19.190  5.121   1.00 46.76  ? 406 HOH A O   1 
HETATM 1402 O  O   . HOH H 4 .   ? 8.848   -11.058 -2.385  1.00 35.03  ? 407 HOH A O   1 
HETATM 1403 O  O   . HOH H 4 .   ? -6.263  15.022  -0.334  1.00 43.57  ? 408 HOH A O   1 
HETATM 1404 O  O   . HOH H 4 .   ? -9.491  0.730   -0.726  1.00 37.40  ? 409 HOH A O   1 
HETATM 1405 O  O   . HOH H 4 .   ? -14.961 7.758   10.514  1.00 55.00  ? 410 HOH A O   1 
HETATM 1406 O  O   . HOH H 4 .   ? -10.152 1.745   -3.404  1.00 47.00  ? 411 HOH A O   1 
HETATM 1407 O  O   . HOH H 4 .   ? 4.228   -14.411 0.704   1.00 32.05  ? 412 HOH A O   1 
HETATM 1408 O  O   . HOH H 4 .   ? 8.809   1.330   6.773   1.00 40.82  ? 413 HOH A O   1 
HETATM 1409 O  O   . HOH H 4 .   ? 1.648   1.317   -9.154  1.00 39.02  ? 414 HOH A O   1 
HETATM 1410 O  O   . HOH H 4 .   ? -2.281  -3.920  14.220  1.00 49.06  ? 415 HOH A O   1 
HETATM 1411 O  O   . HOH H 4 .   ? -1.256  -12.098 -11.478 1.00 30.55  ? 416 HOH A O   1 
HETATM 1412 O  O   . HOH H 4 .   ? -1.623  5.864   -5.670  1.00 35.33  ? 417 HOH A O   1 
HETATM 1413 O  O   . HOH H 4 .   ? -4.711  -7.332  -3.686  1.00 29.67  ? 418 HOH A O   1 
HETATM 1414 O  O   . HOH H 4 .   ? 11.394  2.647   -0.459  1.00 44.76  ? 419 HOH A O   1 
HETATM 1415 O  O   . HOH H 4 .   ? 1.742   0.359   17.512  1.00 42.12  ? 420 HOH A O   1 
HETATM 1416 O  O   . HOH H 4 .   ? 13.548  -3.499  -8.683  1.00 53.50  ? 421 HOH A O   1 
HETATM 1417 O  O   . HOH H 4 .   ? -12.046 7.591   8.080   1.00 42.84  ? 422 HOH A O   1 
HETATM 1418 O  O   . HOH H 4 .   ? -2.278  19.995  7.415   0.50 37.82  ? 423 HOH A O   1 
HETATM 1419 O  O   . HOH H 4 .   ? -2.361  -10.426 -4.455  1.00 35.68  ? 424 HOH A O   1 
HETATM 1420 O  O   . HOH H 4 .   ? -16.977 -1.426  -16.137 1.00 41.02  ? 425 HOH A O   1 
HETATM 1421 O  O   . HOH H 4 .   ? -0.442  -17.525 -10.267 1.00 47.46  ? 426 HOH A O   1 
HETATM 1422 O  O   . HOH H 4 .   ? -8.231  11.161  1.552   1.00 41.49  ? 427 HOH A O   1 
HETATM 1423 O  O   . HOH H 4 .   ? -0.471  -0.877  16.390  1.00 38.86  ? 428 HOH A O   1 
HETATM 1424 O  O   . HOH H 4 .   ? -2.098  10.099  -1.382  1.00 30.51  ? 429 HOH A O   1 
HETATM 1425 O  O   . HOH H 4 .   ? -7.165  -11.550 2.156   1.00 51.43  ? 430 HOH A O   1 
HETATM 1426 O  O   . HOH H 4 .   ? -2.964  3.624   -2.900  1.00 33.94  ? 431 HOH A O   1 
HETATM 1427 O  O   . HOH H 4 .   ? -4.766  -7.010  9.455   1.00 52.04  ? 432 HOH A O   1 
HETATM 1428 O  O   . HOH H 4 .   ? -10.373 11.976  5.511   1.00 40.14  ? 433 HOH A O   1 
HETATM 1429 O  O   . HOH H 4 .   ? -1.758  -13.744 -19.056 1.00 49.50  ? 434 HOH A O   1 
HETATM 1430 O  O   . HOH H 4 .   ? 1.464   -3.702  -18.446 1.00 41.55  ? 435 HOH A O   1 
HETATM 1431 O  O   . HOH H 4 .   ? -15.240 -2.500  1.907   1.00 62.46  ? 436 HOH A O   1 
HETATM 1432 O  O   . HOH H 4 .   ? 3.202   -8.181  7.440   0.50 29.73  ? 437 HOH A O   1 
HETATM 1433 O  O   . HOH H 4 .   ? -1.900  6.192   17.298  1.00 51.11  ? 438 HOH A O   1 
HETATM 1434 O  O   . HOH H 4 .   ? 0.969   7.565   -12.244 1.00 41.21  ? 439 HOH A O   1 
HETATM 1435 O  O   . HOH H 4 .   ? 10.219  -15.493 3.297   1.00 43.37  ? 440 HOH A O   1 
HETATM 1436 O  O   . HOH H 4 .   ? 0.398   12.000  -13.256 1.00 53.12  ? 441 HOH A O   1 
HETATM 1437 O  O   . HOH H 4 .   ? -16.662 -4.059  -0.011  1.00 46.53  ? 442 HOH A O   1 
HETATM 1438 O  O   . HOH H 4 .   ? 4.911   9.006   -3.751  1.00 36.83  ? 443 HOH A O   1 
HETATM 1439 O  O   . HOH H 4 .   ? 4.138   -1.416  -18.452 1.00 47.82  ? 444 HOH A O   1 
HETATM 1440 O  O   . HOH H 4 .   ? -8.742  -1.989  13.855  1.00 45.45  ? 445 HOH A O   1 
HETATM 1441 O  O   . HOH H 4 .   ? 3.619   -5.196  10.559  1.00 29.40  ? 446 HOH A O   1 
HETATM 1442 O  O   . HOH H 4 .   ? 8.476   -7.261  -14.127 1.00 49.08  ? 447 HOH A O   1 
HETATM 1443 O  O   . HOH H 4 .   ? -9.592  2.724   -6.187  1.00 40.06  ? 448 HOH A O   1 
HETATM 1444 O  O   . HOH H 4 .   ? -7.801  12.235  4.128   1.00 41.34  ? 449 HOH A O   1 
HETATM 1445 O  O   . HOH H 4 .   ? 10.664  8.179   -0.385  1.00 51.70  ? 450 HOH A O   1 
HETATM 1446 O  O   . HOH H 4 .   ? -4.376  11.994  -1.394  1.00 39.19  ? 451 HOH A O   1 
HETATM 1447 O  O   . HOH H 4 .   ? 13.941  -16.264 -4.521  1.00 39.36  ? 452 HOH A O   1 
HETATM 1448 O  O   . HOH H 4 .   ? 11.243  6.985   4.833   1.00 32.87  ? 453 HOH A O   1 
HETATM 1449 O  O   . HOH H 4 .   ? -2.405  -5.493  11.506  1.00 26.01  ? 454 HOH A O   1 
HETATM 1450 O  O   . HOH H 4 .   ? -1.329  14.966  -9.262  1.00 45.42  ? 455 HOH A O   1 
HETATM 1451 O  O   . HOH H 4 .   ? -4.206  -2.535  -17.386 1.00 46.47  ? 456 HOH A O   1 
HETATM 1452 O  O   . HOH H 4 .   ? 12.319  5.566   -1.770  1.00 39.10  ? 457 HOH A O   1 
HETATM 1453 O  O   . HOH H 4 .   ? -6.704  12.482  -0.387  1.00 40.09  ? 458 HOH A O   1 
HETATM 1454 O  O   . HOH H 4 .   ? 9.341   -18.055 2.739   1.00 27.49  ? 459 HOH A O   1 
HETATM 1455 O  O   . HOH H 4 .   ? 12.249  -20.906 2.041   1.00 27.15  ? 460 HOH A O   1 
HETATM 1456 O  O   . HOH H 4 .   ? -12.117 -8.558  -16.058 1.00 41.41  ? 461 HOH A O   1 
HETATM 1457 O  O   . HOH H 4 .   ? 1.872   -11.853 5.264   1.00 24.63  ? 462 HOH A O   1 
HETATM 1458 O  O   . HOH H 4 .   ? 12.947  -17.456 3.719   1.00 33.51  ? 463 HOH A O   1 
HETATM 1459 O  O   . HOH H 4 .   ? -10.809 19.106  11.123  1.00 45.65  ? 464 HOH A O   1 
HETATM 1460 O  O   . HOH H 4 .   ? -11.496 -14.413 -17.270 1.00 40.59  ? 465 HOH A O   1 
HETATM 1461 O  O   . HOH H 4 .   ? -13.884 -2.450  -19.449 1.00 37.38  ? 466 HOH A O   1 
HETATM 1462 O  O   . HOH H 4 .   ? 0.262   15.216  -3.200  1.00 36.63  ? 467 HOH A O   1 
HETATM 1463 O  O   . HOH H 4 .   ? -3.551  7.316   19.310  1.00 38.09  ? 468 HOH A O   1 
HETATM 1464 O  O   . HOH H 4 .   ? -2.321  -6.294  -22.958 1.00 49.50  ? 469 HOH A O   1 
HETATM 1465 O  O   . HOH H 4 .   ? 13.826  8.606   2.002   1.00 47.83  ? 470 HOH A O   1 
HETATM 1466 O  O   . HOH H 4 .   ? 15.929  6.089   3.023   1.00 51.88  ? 471 HOH A O   1 
# 
